data_5KDF
# 
_entry.id   5KDF 
# 
_audit_conform.dict_name       mmcif_pdbx.dic 
_audit_conform.dict_version    5.379 
_audit_conform.dict_location   http://mmcif.pdb.org/dictionaries/ascii/mmcif_pdbx.dic 
# 
loop_
_database_2.database_id 
_database_2.database_code 
_database_2.pdbx_database_accession 
_database_2.pdbx_DOI 
PDB   5KDF         pdb_00005kdf 10.2210/pdb5kdf/pdb 
WWPDB D_1000222062 ?            ?                   
# 
_pdbx_database_related.content_type   unspecified 
_pdbx_database_related.db_id          5KDE 
_pdbx_database_related.db_name        PDB 
_pdbx_database_related.details        . 
# 
_pdbx_database_status.status_code                     REL 
_pdbx_database_status.status_code_sf                  REL 
_pdbx_database_status.status_code_mr                  ? 
_pdbx_database_status.entry_id                        5KDF 
_pdbx_database_status.recvd_initial_deposition_date   2016-06-08 
_pdbx_database_status.SG_entry                        N 
_pdbx_database_status.deposit_site                    RCSB 
_pdbx_database_status.process_site                    RCSB 
_pdbx_database_status.status_code_cs                  ? 
_pdbx_database_status.methods_development_category    ? 
_pdbx_database_status.pdb_format_compatible           Y 
_pdbx_database_status.status_code_nmr_data            ? 
# 
loop_
_audit_author.name 
_audit_author.pdbx_ordinal 
'Pang, A.H.'            1 
'Garzan, A.'            2 
'Garneau-Tsodikova, S.' 3 
'Tsodikov, O.V.'        4 
# 
_citation.abstract                  ? 
_citation.abstract_id_CAS           ? 
_citation.book_id_ISBN              ? 
_citation.book_publisher            ? 
_citation.book_publisher_city       ? 
_citation.book_title                ? 
_citation.coordinate_linkage        ? 
_citation.country                   US 
_citation.database_id_Medline       ? 
_citation.details                   ? 
_citation.id                        primary 
_citation.journal_abbrev            'ACS Chem. Biol.' 
_citation.journal_id_ASTM           ? 
_citation.journal_id_CSD            ? 
_citation.journal_id_ISSN           1554-8937 
_citation.journal_full              ? 
_citation.journal_issue             ? 
_citation.journal_volume            11 
_citation.language                  ? 
_citation.page_first                3084 
_citation.page_last                 3092 
_citation.title                     
'Discovery of Allosteric and Selective Inhibitors of Inorganic Pyrophosphatase from Mycobacterium tuberculosis.' 
_citation.year                      2016 
_citation.database_id_CSD           ? 
_citation.pdbx_database_id_DOI      10.1021/acschembio.6b00510 
_citation.pdbx_database_id_PubMed   27622287 
_citation.unpublished_flag          ? 
# 
loop_
_citation_author.citation_id 
_citation_author.name 
_citation_author.ordinal 
_citation_author.identifier_ORCID 
primary 'Pang, A.H.'            1 ? 
primary 'Garzan, A.'            2 ? 
primary 'Larsen, M.J.'          3 ? 
primary 'McQuade, T.J.'         4 ? 
primary 'Garneau-Tsodikova, S.' 5 ? 
primary 'Tsodikov, O.V.'        6 ? 
# 
_cell.angle_alpha                  90.00 
_cell.angle_alpha_esd              ? 
_cell.angle_beta                   90.00 
_cell.angle_beta_esd               ? 
_cell.angle_gamma                  120.00 
_cell.angle_gamma_esd              ? 
_cell.entry_id                     5KDF 
_cell.details                      ? 
_cell.formula_units_Z              ? 
_cell.length_a                     98.972 
_cell.length_a_esd                 ? 
_cell.length_b                     98.972 
_cell.length_b_esd                 ? 
_cell.length_c                     97.571 
_cell.length_c_esd                 ? 
_cell.volume                       ? 
_cell.volume_esd                   ? 
_cell.Z_PDB                        12 
_cell.reciprocal_angle_alpha       ? 
_cell.reciprocal_angle_beta        ? 
_cell.reciprocal_angle_gamma       ? 
_cell.reciprocal_angle_alpha_esd   ? 
_cell.reciprocal_angle_beta_esd    ? 
_cell.reciprocal_angle_gamma_esd   ? 
_cell.reciprocal_length_a          ? 
_cell.reciprocal_length_b          ? 
_cell.reciprocal_length_c          ? 
_cell.reciprocal_length_a_esd      ? 
_cell.reciprocal_length_b_esd      ? 
_cell.reciprocal_length_c_esd      ? 
_cell.pdbx_unique_axis             ? 
# 
_symmetry.entry_id                         5KDF 
_symmetry.cell_setting                     ? 
_symmetry.Int_Tables_number                182 
_symmetry.space_group_name_Hall            ? 
_symmetry.space_group_name_H-M             'P 63 2 2' 
_symmetry.pdbx_full_space_group_name_H-M   ? 
# 
loop_
_entity.id 
_entity.type 
_entity.src_method 
_entity.pdbx_description 
_entity.formula_weight 
_entity.pdbx_number_of_molecules 
_entity.pdbx_ec 
_entity.pdbx_mutation 
_entity.pdbx_fragment 
_entity.details 
1 polymer     man 'Inorganic pyrophosphatase'                                                              19454.867 1  3.6.1.1 ? 
? 'The sequence contains a hexahistidine tag.' 
2 non-polymer syn '~{N}2,~{N}2,~{N}4,~{N}4-tetramethyl-6-(1-phenylpyrrol-2-yl)-1,3,5-triazine-2,4-diamine' 308.381   1  ?       ? 
? ?                                            
3 non-polymer syn 'CALCIUM ION'                                                                            40.078    3  ?       ? 
? ?                                            
4 non-polymer syn 'PYROPHOSPHATE 2-'                                                                       175.959   1  ?       ? 
? ?                                            
5 water       nat water                                                                                    18.015    27 ?       ? 
? ?                                            
# 
_entity_name_com.entity_id   1 
_entity_name_com.name        'Pyrophosphate phospho-hydrolase,PPase' 
# 
_entity_poly.entity_id                      1 
_entity_poly.type                           'polypeptide(L)' 
_entity_poly.nstd_linkage                   no 
_entity_poly.nstd_monomer                   no 
_entity_poly.pdbx_seq_one_letter_code       
;MAHHHHHHAMQFDVTIEIPKGQRNKYEVDHETGRVRLDRYLYTPMAYPTDYGFIEDTLGDDGDPLDALVLLPQPVFPGVL
VAARPVGMFRMVDEHGGDDKVLCVPAGDPRWDHVQDIGDVPAFELDAIKHFFVHYKDLEPGKFVKAADWVDRAEAEAEVQ
RSVERFKAGTH
;
_entity_poly.pdbx_seq_one_letter_code_can   
;MAHHHHHHAMQFDVTIEIPKGQRNKYEVDHETGRVRLDRYLYTPMAYPTDYGFIEDTLGDDGDPLDALVLLPQPVFPGVL
VAARPVGMFRMVDEHGGDDKVLCVPAGDPRWDHVQDIGDVPAFELDAIKHFFVHYKDLEPGKFVKAADWVDRAEAEAEVQ
RSVERFKAGTH
;
_entity_poly.pdbx_strand_id                 A 
_entity_poly.pdbx_target_identifier         ? 
# 
loop_
_entity_poly_seq.entity_id 
_entity_poly_seq.num 
_entity_poly_seq.mon_id 
_entity_poly_seq.hetero 
1 1   MET n 
1 2   ALA n 
1 3   HIS n 
1 4   HIS n 
1 5   HIS n 
1 6   HIS n 
1 7   HIS n 
1 8   HIS n 
1 9   ALA n 
1 10  MET n 
1 11  GLN n 
1 12  PHE n 
1 13  ASP n 
1 14  VAL n 
1 15  THR n 
1 16  ILE n 
1 17  GLU n 
1 18  ILE n 
1 19  PRO n 
1 20  LYS n 
1 21  GLY n 
1 22  GLN n 
1 23  ARG n 
1 24  ASN n 
1 25  LYS n 
1 26  TYR n 
1 27  GLU n 
1 28  VAL n 
1 29  ASP n 
1 30  HIS n 
1 31  GLU n 
1 32  THR n 
1 33  GLY n 
1 34  ARG n 
1 35  VAL n 
1 36  ARG n 
1 37  LEU n 
1 38  ASP n 
1 39  ARG n 
1 40  TYR n 
1 41  LEU n 
1 42  TYR n 
1 43  THR n 
1 44  PRO n 
1 45  MET n 
1 46  ALA n 
1 47  TYR n 
1 48  PRO n 
1 49  THR n 
1 50  ASP n 
1 51  TYR n 
1 52  GLY n 
1 53  PHE n 
1 54  ILE n 
1 55  GLU n 
1 56  ASP n 
1 57  THR n 
1 58  LEU n 
1 59  GLY n 
1 60  ASP n 
1 61  ASP n 
1 62  GLY n 
1 63  ASP n 
1 64  PRO n 
1 65  LEU n 
1 66  ASP n 
1 67  ALA n 
1 68  LEU n 
1 69  VAL n 
1 70  LEU n 
1 71  LEU n 
1 72  PRO n 
1 73  GLN n 
1 74  PRO n 
1 75  VAL n 
1 76  PHE n 
1 77  PRO n 
1 78  GLY n 
1 79  VAL n 
1 80  LEU n 
1 81  VAL n 
1 82  ALA n 
1 83  ALA n 
1 84  ARG n 
1 85  PRO n 
1 86  VAL n 
1 87  GLY n 
1 88  MET n 
1 89  PHE n 
1 90  ARG n 
1 91  MET n 
1 92  VAL n 
1 93  ASP n 
1 94  GLU n 
1 95  HIS n 
1 96  GLY n 
1 97  GLY n 
1 98  ASP n 
1 99  ASP n 
1 100 LYS n 
1 101 VAL n 
1 102 LEU n 
1 103 CYS n 
1 104 VAL n 
1 105 PRO n 
1 106 ALA n 
1 107 GLY n 
1 108 ASP n 
1 109 PRO n 
1 110 ARG n 
1 111 TRP n 
1 112 ASP n 
1 113 HIS n 
1 114 VAL n 
1 115 GLN n 
1 116 ASP n 
1 117 ILE n 
1 118 GLY n 
1 119 ASP n 
1 120 VAL n 
1 121 PRO n 
1 122 ALA n 
1 123 PHE n 
1 124 GLU n 
1 125 LEU n 
1 126 ASP n 
1 127 ALA n 
1 128 ILE n 
1 129 LYS n 
1 130 HIS n 
1 131 PHE n 
1 132 PHE n 
1 133 VAL n 
1 134 HIS n 
1 135 TYR n 
1 136 LYS n 
1 137 ASP n 
1 138 LEU n 
1 139 GLU n 
1 140 PRO n 
1 141 GLY n 
1 142 LYS n 
1 143 PHE n 
1 144 VAL n 
1 145 LYS n 
1 146 ALA n 
1 147 ALA n 
1 148 ASP n 
1 149 TRP n 
1 150 VAL n 
1 151 ASP n 
1 152 ARG n 
1 153 ALA n 
1 154 GLU n 
1 155 ALA n 
1 156 GLU n 
1 157 ALA n 
1 158 GLU n 
1 159 VAL n 
1 160 GLN n 
1 161 ARG n 
1 162 SER n 
1 163 VAL n 
1 164 GLU n 
1 165 ARG n 
1 166 PHE n 
1 167 LYS n 
1 168 ALA n 
1 169 GLY n 
1 170 THR n 
1 171 HIS n 
# 
_entity_src_gen.entity_id                          1 
_entity_src_gen.pdbx_src_id                        1 
_entity_src_gen.pdbx_alt_source_flag               sample 
_entity_src_gen.pdbx_seq_type                      'Biological sequence' 
_entity_src_gen.pdbx_beg_seq_num                   1 
_entity_src_gen.pdbx_end_seq_num                   171 
_entity_src_gen.gene_src_common_name               ? 
_entity_src_gen.gene_src_genus                     ? 
_entity_src_gen.pdbx_gene_src_gene                 'ppa, Rv3628, MTCY15C10.24' 
_entity_src_gen.gene_src_species                   ? 
_entity_src_gen.gene_src_strain                    'ATCC 25618 / H37Rv' 
_entity_src_gen.gene_src_tissue                    ? 
_entity_src_gen.gene_src_tissue_fraction           ? 
_entity_src_gen.gene_src_details                   ? 
_entity_src_gen.pdbx_gene_src_fragment             ? 
_entity_src_gen.pdbx_gene_src_scientific_name      'Mycobacterium tuberculosis (strain ATCC 25618 / H37Rv)' 
_entity_src_gen.pdbx_gene_src_ncbi_taxonomy_id     83332 
_entity_src_gen.pdbx_gene_src_variant              ? 
_entity_src_gen.pdbx_gene_src_cell_line            ? 
_entity_src_gen.pdbx_gene_src_atcc                 ? 
_entity_src_gen.pdbx_gene_src_organ                ? 
_entity_src_gen.pdbx_gene_src_organelle            ? 
_entity_src_gen.pdbx_gene_src_cell                 ? 
_entity_src_gen.pdbx_gene_src_cellular_location    ? 
_entity_src_gen.host_org_common_name               ? 
_entity_src_gen.pdbx_host_org_scientific_name      'Escherichia coli BL21(DE3)' 
_entity_src_gen.pdbx_host_org_ncbi_taxonomy_id     469008 
_entity_src_gen.host_org_genus                     ? 
_entity_src_gen.pdbx_host_org_gene                 ? 
_entity_src_gen.pdbx_host_org_organ                ? 
_entity_src_gen.host_org_species                   ? 
_entity_src_gen.pdbx_host_org_tissue               ? 
_entity_src_gen.pdbx_host_org_tissue_fraction      ? 
_entity_src_gen.pdbx_host_org_strain               ? 
_entity_src_gen.pdbx_host_org_variant              ? 
_entity_src_gen.pdbx_host_org_cell_line            ? 
_entity_src_gen.pdbx_host_org_atcc                 ? 
_entity_src_gen.pdbx_host_org_culture_collection   ? 
_entity_src_gen.pdbx_host_org_cell                 ? 
_entity_src_gen.pdbx_host_org_organelle            ? 
_entity_src_gen.pdbx_host_org_cellular_location    ? 
_entity_src_gen.pdbx_host_org_vector_type          ? 
_entity_src_gen.pdbx_host_org_vector               ? 
_entity_src_gen.host_org_details                   ? 
_entity_src_gen.expression_system_id               ? 
_entity_src_gen.plasmid_name                       ? 
_entity_src_gen.plasmid_details                    ? 
_entity_src_gen.pdbx_description                   ? 
# 
_struct_ref.id                         1 
_struct_ref.db_name                    UNP 
_struct_ref.db_code                    IPYR_MYCTU 
_struct_ref.pdbx_db_accession          P9WI55 
_struct_ref.pdbx_db_isoform            ? 
_struct_ref.entity_id                  1 
_struct_ref.pdbx_seq_one_letter_code   
;MQFDVTIEIPKGQRNKYEVDHETGRVRLDRYLYTPMAYPTDYGFIEDTLGDDGDPLDALVLLPQPVFPGVLVAARPVGMF
RMVDEHGGDDKVLCVPAGDPRWDHVQDIGDVPAFELDAIKHFFVHYKDLEPGKFVKAADWVDRAEAEAEVQRSVERFKAG
TH
;
_struct_ref.pdbx_align_begin           1 
# 
_struct_ref_seq.align_id                      1 
_struct_ref_seq.ref_id                        1 
_struct_ref_seq.pdbx_PDB_id_code              5KDF 
_struct_ref_seq.pdbx_strand_id                A 
_struct_ref_seq.seq_align_beg                 10 
_struct_ref_seq.pdbx_seq_align_beg_ins_code   ? 
_struct_ref_seq.seq_align_end                 171 
_struct_ref_seq.pdbx_seq_align_end_ins_code   ? 
_struct_ref_seq.pdbx_db_accession             P9WI55 
_struct_ref_seq.db_align_beg                  1 
_struct_ref_seq.pdbx_db_align_beg_ins_code    ? 
_struct_ref_seq.db_align_end                  162 
_struct_ref_seq.pdbx_db_align_end_ins_code    ? 
_struct_ref_seq.pdbx_auth_seq_align_beg       1 
_struct_ref_seq.pdbx_auth_seq_align_end       162 
# 
loop_
_struct_ref_seq_dif.align_id 
_struct_ref_seq_dif.pdbx_pdb_id_code 
_struct_ref_seq_dif.mon_id 
_struct_ref_seq_dif.pdbx_pdb_strand_id 
_struct_ref_seq_dif.seq_num 
_struct_ref_seq_dif.pdbx_pdb_ins_code 
_struct_ref_seq_dif.pdbx_seq_db_name 
_struct_ref_seq_dif.pdbx_seq_db_accession_code 
_struct_ref_seq_dif.db_mon_id 
_struct_ref_seq_dif.pdbx_seq_db_seq_num 
_struct_ref_seq_dif.details 
_struct_ref_seq_dif.pdbx_auth_seq_num 
_struct_ref_seq_dif.pdbx_ordinal 
1 5KDF MET A 1 ? UNP P9WI55 ? ? 'initiating methionine' -8 1 
1 5KDF ALA A 2 ? UNP P9WI55 ? ? 'expression tag'        -7 2 
1 5KDF HIS A 3 ? UNP P9WI55 ? ? 'expression tag'        -6 3 
1 5KDF HIS A 4 ? UNP P9WI55 ? ? 'expression tag'        -5 4 
1 5KDF HIS A 5 ? UNP P9WI55 ? ? 'expression tag'        -4 5 
1 5KDF HIS A 6 ? UNP P9WI55 ? ? 'expression tag'        -3 6 
1 5KDF HIS A 7 ? UNP P9WI55 ? ? 'expression tag'        -2 7 
1 5KDF HIS A 8 ? UNP P9WI55 ? ? 'expression tag'        -1 8 
1 5KDF ALA A 9 ? UNP P9WI55 ? ? 'expression tag'        0  9 
# 
loop_
_chem_comp.id 
_chem_comp.type 
_chem_comp.mon_nstd_flag 
_chem_comp.name 
_chem_comp.pdbx_synonyms 
_chem_comp.formula 
_chem_comp.formula_weight 
6RU non-polymer         . '~{N}2,~{N}2,~{N}4,~{N}4-tetramethyl-6-(1-phenylpyrrol-2-yl)-1,3,5-triazine-2,4-diamine' ? 'C17 H20 N6' 
308.381 
ALA 'L-peptide linking' y ALANINE                                                                                  ? 'C3 H7 N O2' 
89.093  
ARG 'L-peptide linking' y ARGININE                                                                                 ? 
'C6 H15 N4 O2 1' 175.209 
ASN 'L-peptide linking' y ASPARAGINE                                                                               ? 'C4 H8 N2 O3' 
132.118 
ASP 'L-peptide linking' y 'ASPARTIC ACID'                                                                          ? 'C4 H7 N O4' 
133.103 
CA  non-polymer         . 'CALCIUM ION'                                                                            ? 'Ca 2' 40.078 
CYS 'L-peptide linking' y CYSTEINE                                                                                 ? 
'C3 H7 N O2 S'   121.158 
GLN 'L-peptide linking' y GLUTAMINE                                                                                ? 
'C5 H10 N2 O3'   146.144 
GLU 'L-peptide linking' y 'GLUTAMIC ACID'                                                                          ? 'C5 H9 N O4' 
147.129 
GLY 'peptide linking'   y GLYCINE                                                                                  ? 'C2 H5 N O2' 
75.067  
HIS 'L-peptide linking' y HISTIDINE                                                                                ? 
'C6 H10 N3 O2 1' 156.162 
HOH non-polymer         . WATER                                                                                    ? 'H2 O' 18.015 
ILE 'L-peptide linking' y ISOLEUCINE                                                                               ? 'C6 H13 N O2' 
131.173 
LEU 'L-peptide linking' y LEUCINE                                                                                  ? 'C6 H13 N O2' 
131.173 
LYS 'L-peptide linking' y LYSINE                                                                                   ? 
'C6 H15 N2 O2 1' 147.195 
MET 'L-peptide linking' y METHIONINE                                                                               ? 
'C5 H11 N O2 S'  149.211 
PHE 'L-peptide linking' y PHENYLALANINE                                                                            ? 'C9 H11 N O2' 
165.189 
POP non-polymer         . 'PYROPHOSPHATE 2-'                                                                       ? 'H2 O7 P2 -2' 
175.959 
PRO 'L-peptide linking' y PROLINE                                                                                  ? 'C5 H9 N O2' 
115.130 
SER 'L-peptide linking' y SERINE                                                                                   ? 'C3 H7 N O3' 
105.093 
THR 'L-peptide linking' y THREONINE                                                                                ? 'C4 H9 N O3' 
119.119 
TRP 'L-peptide linking' y TRYPTOPHAN                                                                               ? 
'C11 H12 N2 O2'  204.225 
TYR 'L-peptide linking' y TYROSINE                                                                                 ? 'C9 H11 N O3' 
181.189 
VAL 'L-peptide linking' y VALINE                                                                                   ? 'C5 H11 N O2' 
117.146 
# 
_exptl.absorpt_coefficient_mu     ? 
_exptl.absorpt_correction_T_max   ? 
_exptl.absorpt_correction_T_min   ? 
_exptl.absorpt_correction_type    ? 
_exptl.absorpt_process_details    ? 
_exptl.entry_id                   5KDF 
_exptl.crystals_number            1 
_exptl.details                    ? 
_exptl.method                     'X-RAY DIFFRACTION' 
_exptl.method_details             ? 
# 
_exptl_crystal.colour                      ? 
_exptl_crystal.density_diffrn              ? 
_exptl_crystal.density_Matthews            3.55 
_exptl_crystal.density_method              ? 
_exptl_crystal.density_percent_sol         65.31 
_exptl_crystal.description                 ? 
_exptl_crystal.F_000                       ? 
_exptl_crystal.id                          1 
_exptl_crystal.preparation                 ? 
_exptl_crystal.size_max                    ? 
_exptl_crystal.size_mid                    ? 
_exptl_crystal.size_min                    ? 
_exptl_crystal.size_rad                    ? 
_exptl_crystal.colour_lustre               ? 
_exptl_crystal.colour_modifier             ? 
_exptl_crystal.colour_primary              ? 
_exptl_crystal.density_meas                ? 
_exptl_crystal.density_meas_esd            ? 
_exptl_crystal.density_meas_gt             ? 
_exptl_crystal.density_meas_lt             ? 
_exptl_crystal.density_meas_temp           ? 
_exptl_crystal.density_meas_temp_esd       ? 
_exptl_crystal.density_meas_temp_gt        ? 
_exptl_crystal.density_meas_temp_lt        ? 
_exptl_crystal.pdbx_crystal_image_url      ? 
_exptl_crystal.pdbx_crystal_image_format   ? 
_exptl_crystal.pdbx_mosaicity              ? 
_exptl_crystal.pdbx_mosaicity_esd          ? 
# 
_exptl_crystal_grow.apparatus       ? 
_exptl_crystal_grow.atmosphere      ? 
_exptl_crystal_grow.crystal_id      1 
_exptl_crystal_grow.details         ? 
_exptl_crystal_grow.method          'VAPOR DIFFUSION, HANGING DROP' 
_exptl_crystal_grow.method_ref      ? 
_exptl_crystal_grow.pH              ? 
_exptl_crystal_grow.pressure        ? 
_exptl_crystal_grow.pressure_esd    ? 
_exptl_crystal_grow.seeding         ? 
_exptl_crystal_grow.seeding_ref     ? 
_exptl_crystal_grow.temp            294 
_exptl_crystal_grow.temp_details    ? 
_exptl_crystal_grow.temp_esd        ? 
_exptl_crystal_grow.time            ? 
_exptl_crystal_grow.pdbx_details    
;0.1 M HEPES pH 7.75
1.4 M K H2PO4
2 mM CaCl2
;
_exptl_crystal_grow.pdbx_pH_range   ? 
# 
_diffrn.ambient_environment    ? 
_diffrn.ambient_temp           100 
_diffrn.ambient_temp_details   ? 
_diffrn.ambient_temp_esd       ? 
_diffrn.crystal_id             1 
_diffrn.crystal_support        ? 
_diffrn.crystal_treatment      ? 
_diffrn.details                ? 
_diffrn.id                     1 
_diffrn.ambient_pressure       ? 
_diffrn.ambient_pressure_esd   ? 
_diffrn.ambient_pressure_gt    ? 
_diffrn.ambient_pressure_lt    ? 
_diffrn.ambient_temp_gt        ? 
_diffrn.ambient_temp_lt        ? 
# 
_diffrn_detector.details                      ? 
_diffrn_detector.detector                     CCD 
_diffrn_detector.diffrn_id                    1 
_diffrn_detector.type                         'RAYONIX MX300-HS' 
_diffrn_detector.area_resol_mean              ? 
_diffrn_detector.dtime                        ? 
_diffrn_detector.pdbx_frames_total            ? 
_diffrn_detector.pdbx_collection_time_total   ? 
_diffrn_detector.pdbx_collection_date         2015-12-19 
# 
_diffrn_radiation.collimation                      ? 
_diffrn_radiation.diffrn_id                        1 
_diffrn_radiation.filter_edge                      ? 
_diffrn_radiation.inhomogeneity                    ? 
_diffrn_radiation.monochromator                    ? 
_diffrn_radiation.polarisn_norm                    ? 
_diffrn_radiation.polarisn_ratio                   ? 
_diffrn_radiation.probe                            ? 
_diffrn_radiation.type                             ? 
_diffrn_radiation.xray_symbol                      ? 
_diffrn_radiation.wavelength_id                    1 
_diffrn_radiation.pdbx_monochromatic_or_laue_m_l   M 
_diffrn_radiation.pdbx_wavelength_list             ? 
_diffrn_radiation.pdbx_wavelength                  ? 
_diffrn_radiation.pdbx_diffrn_protocol             'SINGLE WAVELENGTH' 
_diffrn_radiation.pdbx_analyzer                    ? 
_diffrn_radiation.pdbx_scattering_type             x-ray 
# 
_diffrn_radiation_wavelength.id           1 
_diffrn_radiation_wavelength.wavelength   1.0 
_diffrn_radiation_wavelength.wt           1.0 
# 
_diffrn_source.current                     ? 
_diffrn_source.details                     ? 
_diffrn_source.diffrn_id                   1 
_diffrn_source.power                       ? 
_diffrn_source.size                        ? 
_diffrn_source.source                      SYNCHROTRON 
_diffrn_source.target                      ? 
_diffrn_source.type                        'APS BEAMLINE 22-ID' 
_diffrn_source.voltage                     ? 
_diffrn_source.take-off_angle              ? 
_diffrn_source.pdbx_wavelength_list        1.0 
_diffrn_source.pdbx_wavelength             ? 
_diffrn_source.pdbx_synchrotron_beamline   22-ID 
_diffrn_source.pdbx_synchrotron_site       APS 
# 
_reflns.B_iso_Wilson_estimate            ? 
_reflns.entry_id                         5KDF 
_reflns.data_reduction_details           ? 
_reflns.data_reduction_method            ? 
_reflns.d_resolution_high                2.45 
_reflns.d_resolution_low                 50.0 
_reflns.details                          ? 
_reflns.limit_h_max                      ? 
_reflns.limit_h_min                      ? 
_reflns.limit_k_max                      ? 
_reflns.limit_k_min                      ? 
_reflns.limit_l_max                      ? 
_reflns.limit_l_min                      ? 
_reflns.number_all                       ? 
_reflns.number_obs                       10662 
_reflns.observed_criterion               ? 
_reflns.observed_criterion_F_max         ? 
_reflns.observed_criterion_F_min         ? 
_reflns.observed_criterion_I_max         ? 
_reflns.observed_criterion_I_min         ? 
_reflns.observed_criterion_sigma_F       ? 
_reflns.observed_criterion_sigma_I       ? 
_reflns.percent_possible_obs             97.7 
_reflns.R_free_details                   ? 
_reflns.Rmerge_F_all                     ? 
_reflns.Rmerge_F_obs                     ? 
_reflns.Friedel_coverage                 ? 
_reflns.number_gt                        ? 
_reflns.threshold_expression             ? 
_reflns.pdbx_redundancy                  11.8 
_reflns.pdbx_Rmerge_I_obs                ? 
_reflns.pdbx_Rmerge_I_all                ? 
_reflns.pdbx_Rsym_value                  ? 
_reflns.pdbx_netI_over_av_sigmaI         ? 
_reflns.pdbx_netI_over_sigmaI            29 
_reflns.pdbx_res_netI_over_av_sigmaI_2   ? 
_reflns.pdbx_res_netI_over_sigmaI_2      ? 
_reflns.pdbx_chi_squared                 ? 
_reflns.pdbx_scaling_rejects             ? 
_reflns.pdbx_d_res_high_opt              ? 
_reflns.pdbx_d_res_low_opt               ? 
_reflns.pdbx_d_res_opt_method            ? 
_reflns.phase_calculation_details        ? 
_reflns.pdbx_Rrim_I_all                  ? 
_reflns.pdbx_Rpim_I_all                  ? 
_reflns.pdbx_d_opt                       ? 
_reflns.pdbx_number_measured_all         ? 
_reflns.pdbx_diffrn_id                   1 
_reflns.pdbx_ordinal                     1 
_reflns.pdbx_CC_half                     ? 
_reflns.pdbx_R_split                     ? 
# 
_reflns_shell.d_res_high                  2.45 
_reflns_shell.d_res_low                   2.49 
_reflns_shell.meanI_over_sigI_all         ? 
_reflns_shell.meanI_over_sigI_obs         ? 
_reflns_shell.number_measured_all         ? 
_reflns_shell.number_measured_obs         ? 
_reflns_shell.number_possible             ? 
_reflns_shell.number_unique_all           ? 
_reflns_shell.number_unique_obs           ? 
_reflns_shell.percent_possible_all        99.8 
_reflns_shell.percent_possible_obs        ? 
_reflns_shell.Rmerge_F_all                ? 
_reflns_shell.Rmerge_F_obs                ? 
_reflns_shell.Rmerge_I_all                ? 
_reflns_shell.Rmerge_I_obs                ? 
_reflns_shell.meanI_over_sigI_gt          ? 
_reflns_shell.meanI_over_uI_all           ? 
_reflns_shell.meanI_over_uI_gt            ? 
_reflns_shell.number_measured_gt          ? 
_reflns_shell.number_unique_gt            ? 
_reflns_shell.percent_possible_gt         ? 
_reflns_shell.Rmerge_F_gt                 ? 
_reflns_shell.Rmerge_I_gt                 ? 
_reflns_shell.pdbx_redundancy             12.2 
_reflns_shell.pdbx_Rsym_value             ? 
_reflns_shell.pdbx_chi_squared            ? 
_reflns_shell.pdbx_netI_over_sigmaI_all   ? 
_reflns_shell.pdbx_netI_over_sigmaI_obs   ? 
_reflns_shell.pdbx_Rrim_I_all             ? 
_reflns_shell.pdbx_Rpim_I_all             ? 
_reflns_shell.pdbx_rejects                ? 
_reflns_shell.pdbx_ordinal                1 
_reflns_shell.pdbx_diffrn_id              1 
_reflns_shell.pdbx_CC_half                ? 
_reflns_shell.pdbx_R_split                ? 
# 
_refine.aniso_B[1][1]                            0.02 
_refine.aniso_B[1][2]                            0.01 
_refine.aniso_B[1][3]                            0.00 
_refine.aniso_B[2][2]                            0.02 
_refine.aniso_B[2][3]                            -0.00 
_refine.aniso_B[3][3]                            -0.08 
_refine.B_iso_max                                ? 
_refine.B_iso_mean                               45.756 
_refine.B_iso_min                                ? 
_refine.correlation_coeff_Fo_to_Fc               0.953 
_refine.correlation_coeff_Fo_to_Fc_free          0.940 
_refine.details                                  'HYDROGENS HAVE BEEN ADDED IN THE RIDING POSITIONS' 
_refine.diff_density_max                         ? 
_refine.diff_density_max_esd                     ? 
_refine.diff_density_min                         ? 
_refine.diff_density_min_esd                     ? 
_refine.diff_density_rms                         ? 
_refine.diff_density_rms_esd                     ? 
_refine.entry_id                                 5KDF 
_refine.pdbx_refine_id                           'X-RAY DIFFRACTION' 
_refine.ls_abs_structure_details                 ? 
_refine.ls_abs_structure_Flack                   ? 
_refine.ls_abs_structure_Flack_esd               ? 
_refine.ls_abs_structure_Rogers                  ? 
_refine.ls_abs_structure_Rogers_esd              ? 
_refine.ls_d_res_high                            2.45 
_refine.ls_d_res_low                             50 
_refine.ls_extinction_coef                       ? 
_refine.ls_extinction_coef_esd                   ? 
_refine.ls_extinction_expression                 ? 
_refine.ls_extinction_method                     ? 
_refine.ls_goodness_of_fit_all                   ? 
_refine.ls_goodness_of_fit_all_esd               ? 
_refine.ls_goodness_of_fit_obs                   ? 
_refine.ls_goodness_of_fit_obs_esd               ? 
_refine.ls_hydrogen_treatment                    ? 
_refine.ls_matrix_type                           ? 
_refine.ls_number_constraints                    ? 
_refine.ls_number_parameters                     ? 
_refine.ls_number_reflns_all                     ? 
_refine.ls_number_reflns_obs                     10141 
_refine.ls_number_reflns_R_free                  520 
_refine.ls_number_reflns_R_work                  ? 
_refine.ls_number_restraints                     ? 
_refine.ls_percent_reflns_obs                    97.83 
_refine.ls_percent_reflns_R_free                 4.9 
_refine.ls_R_factor_all                          ? 
_refine.ls_R_factor_obs                          0.18798 
_refine.ls_R_factor_R_free                       0.21763 
_refine.ls_R_factor_R_free_error                 ? 
_refine.ls_R_factor_R_free_error_details         ? 
_refine.ls_R_factor_R_work                       0.18644 
_refine.ls_R_Fsqd_factor_obs                     ? 
_refine.ls_R_I_factor_obs                        ? 
_refine.ls_redundancy_reflns_all                 ? 
_refine.ls_redundancy_reflns_obs                 ? 
_refine.ls_restrained_S_all                      ? 
_refine.ls_restrained_S_obs                      ? 
_refine.ls_shift_over_esd_max                    ? 
_refine.ls_shift_over_esd_mean                   ? 
_refine.ls_structure_factor_coef                 ? 
_refine.ls_weighting_details                     ? 
_refine.ls_weighting_scheme                      ? 
_refine.ls_wR_factor_all                         ? 
_refine.ls_wR_factor_obs                         ? 
_refine.ls_wR_factor_R_free                      ? 
_refine.ls_wR_factor_R_work                      ? 
_refine.occupancy_max                            ? 
_refine.occupancy_min                            ? 
_refine.solvent_model_details                    ? 
_refine.solvent_model_param_bsol                 ? 
_refine.solvent_model_param_ksol                 ? 
_refine.ls_R_factor_gt                           ? 
_refine.ls_goodness_of_fit_gt                    ? 
_refine.ls_goodness_of_fit_ref                   ? 
_refine.ls_shift_over_su_max                     ? 
_refine.ls_shift_over_su_max_lt                  ? 
_refine.ls_shift_over_su_mean                    ? 
_refine.ls_shift_over_su_mean_lt                 ? 
_refine.pdbx_ls_sigma_I                          ? 
_refine.pdbx_ls_sigma_F                          ? 
_refine.pdbx_ls_sigma_Fsqd                       ? 
_refine.pdbx_data_cutoff_high_absF               ? 
_refine.pdbx_data_cutoff_high_rms_absF           ? 
_refine.pdbx_data_cutoff_low_absF                ? 
_refine.pdbx_isotropic_thermal_model             ? 
_refine.pdbx_ls_cross_valid_method               THROUGHOUT 
_refine.pdbx_method_to_determine_struct          'MOLECULAR REPLACEMENT' 
_refine.pdbx_starting_model                      4Z72 
_refine.pdbx_stereochemistry_target_values       ? 
_refine.pdbx_R_Free_selection_details            RANDOM 
_refine.pdbx_stereochem_target_val_spec_case     ? 
_refine.pdbx_overall_ESU_R                       0.248 
_refine.pdbx_overall_ESU_R_Free                  0.199 
_refine.pdbx_solvent_vdw_probe_radii             1.20 
_refine.pdbx_solvent_ion_probe_radii             0.80 
_refine.pdbx_solvent_shrinkage_radii             0.80 
_refine.pdbx_real_space_R                        ? 
_refine.pdbx_density_correlation                 ? 
_refine.pdbx_pd_number_of_powder_patterns        ? 
_refine.pdbx_pd_number_of_points                 ? 
_refine.pdbx_pd_meas_number_of_points            ? 
_refine.pdbx_pd_proc_ls_prof_R_factor            ? 
_refine.pdbx_pd_proc_ls_prof_wR_factor           ? 
_refine.pdbx_pd_Marquardt_correlation_coeff      ? 
_refine.pdbx_pd_Fsqrd_R_factor                   ? 
_refine.pdbx_pd_ls_matrix_band_width             ? 
_refine.pdbx_overall_phase_error                 ? 
_refine.pdbx_overall_SU_R_free_Cruickshank_DPI   ? 
_refine.pdbx_overall_SU_R_free_Blow_DPI          ? 
_refine.pdbx_overall_SU_R_Blow_DPI               ? 
_refine.pdbx_TLS_residual_ADP_flag               ? 
_refine.pdbx_diffrn_id                           1 
_refine.overall_SU_B                             6.052 
_refine.overall_SU_ML                            0.137 
_refine.overall_SU_R_Cruickshank_DPI             ? 
_refine.overall_SU_R_free                        ? 
_refine.overall_FOM_free_R_set                   ? 
_refine.overall_FOM_work_R_set                   ? 
_refine.pdbx_average_fsc_overall                 ? 
_refine.pdbx_average_fsc_work                    ? 
_refine.pdbx_average_fsc_free                    ? 
# 
_refine_hist.pdbx_refine_id                   'X-RAY DIFFRACTION' 
_refine_hist.cycle_id                         1 
_refine_hist.pdbx_number_atoms_protein        1282 
_refine_hist.pdbx_number_atoms_nucleic_acid   0 
_refine_hist.pdbx_number_atoms_ligand         35 
_refine_hist.number_atoms_solvent             27 
_refine_hist.number_atoms_total               1344 
_refine_hist.d_res_high                       2.45 
_refine_hist.d_res_low                        50 
# 
loop_
_refine_ls_restr.pdbx_refine_id 
_refine_ls_restr.criterion 
_refine_ls_restr.dev_ideal 
_refine_ls_restr.dev_ideal_target 
_refine_ls_restr.number 
_refine_ls_restr.rejects 
_refine_ls_restr.type 
_refine_ls_restr.weight 
_refine_ls_restr.pdbx_restraint_function 
'X-RAY DIFFRACTION' ? 0.009  0.019  1352 ? r_bond_refined_d             ? ? 
'X-RAY DIFFRACTION' ? 0.002  0.020  1242 ? r_bond_other_d               ? ? 
'X-RAY DIFFRACTION' ? 1.620  1.987  1838 ? r_angle_refined_deg          ? ? 
'X-RAY DIFFRACTION' ? 0.908  3.000  2857 ? r_angle_other_deg            ? ? 
'X-RAY DIFFRACTION' ? 6.472  5.000  160  ? r_dihedral_angle_1_deg       ? ? 
'X-RAY DIFFRACTION' ? 29.470 23.913 69   ? r_dihedral_angle_2_deg       ? ? 
'X-RAY DIFFRACTION' ? 15.495 15.000 206  ? r_dihedral_angle_3_deg       ? ? 
'X-RAY DIFFRACTION' ? 12.047 15.000 10   ? r_dihedral_angle_4_deg       ? ? 
'X-RAY DIFFRACTION' ? 0.082  0.200  187  ? r_chiral_restr               ? ? 
'X-RAY DIFFRACTION' ? 0.006  0.021  1534 ? r_gen_planes_refined         ? ? 
'X-RAY DIFFRACTION' ? 0.001  0.020  309  ? r_gen_planes_other           ? ? 
'X-RAY DIFFRACTION' ? ?      ?      ?    ? r_nbd_refined                ? ? 
'X-RAY DIFFRACTION' ? ?      ?      ?    ? r_nbd_other                  ? ? 
'X-RAY DIFFRACTION' ? ?      ?      ?    ? r_nbtor_refined              ? ? 
'X-RAY DIFFRACTION' ? ?      ?      ?    ? r_nbtor_other                ? ? 
'X-RAY DIFFRACTION' ? ?      ?      ?    ? r_xyhbond_nbd_refined        ? ? 
'X-RAY DIFFRACTION' ? ?      ?      ?    ? r_xyhbond_nbd_other          ? ? 
'X-RAY DIFFRACTION' ? ?      ?      ?    ? r_metal_ion_refined          ? ? 
'X-RAY DIFFRACTION' ? ?      ?      ?    ? r_metal_ion_other            ? ? 
'X-RAY DIFFRACTION' ? ?      ?      ?    ? r_symmetry_vdw_refined       ? ? 
'X-RAY DIFFRACTION' ? ?      ?      ?    ? r_symmetry_vdw_other         ? ? 
'X-RAY DIFFRACTION' ? ?      ?      ?    ? r_symmetry_hbond_refined     ? ? 
'X-RAY DIFFRACTION' ? ?      ?      ?    ? r_symmetry_hbond_other       ? ? 
'X-RAY DIFFRACTION' ? ?      ?      ?    ? r_symmetry_metal_ion_refined ? ? 
'X-RAY DIFFRACTION' ? ?      ?      ?    ? r_symmetry_metal_ion_other   ? ? 
'X-RAY DIFFRACTION' ? 2.568  4.342  646  ? r_mcbond_it                  ? ? 
'X-RAY DIFFRACTION' ? 2.322  4.342  645  ? r_mcbond_other               ? ? 
'X-RAY DIFFRACTION' ? 3.755  6.473  802  ? r_mcangle_it                 ? ? 
'X-RAY DIFFRACTION' ? 3.753  6.483  803  ? r_mcangle_other              ? ? 
'X-RAY DIFFRACTION' ? 2.894  4.829  704  ? r_scbond_it                  ? ? 
'X-RAY DIFFRACTION' ? 2.814  4.774  697  ? r_scbond_other               ? ? 
'X-RAY DIFFRACTION' ? ?      ?      ?    ? r_scangle_it                 ? ? 
'X-RAY DIFFRACTION' ? 4.793  7.012  1024 ? r_scangle_other              ? ? 
'X-RAY DIFFRACTION' ? 7.379  35.675 1444 ? r_long_range_B_refined       ? ? 
'X-RAY DIFFRACTION' ? 7.295  35.572 1438 ? r_long_range_B_other         ? ? 
'X-RAY DIFFRACTION' ? ?      ?      ?    ? r_rigid_bond_restr           ? ? 
'X-RAY DIFFRACTION' ? ?      ?      ?    ? r_sphericity_free            ? ? 
'X-RAY DIFFRACTION' ? ?      ?      ?    ? r_sphericity_bonded          ? ? 
# 
_refine_ls_shell.pdbx_refine_id                   'X-RAY DIFFRACTION' 
_refine_ls_shell.d_res_high                       2.449 
_refine_ls_shell.d_res_low                        2.513 
_refine_ls_shell.number_reflns_all                ? 
_refine_ls_shell.number_reflns_obs                ? 
_refine_ls_shell.number_reflns_R_free             38 
_refine_ls_shell.number_reflns_R_work             729 
_refine_ls_shell.percent_reflns_obs               98.97 
_refine_ls_shell.percent_reflns_R_free            ? 
_refine_ls_shell.R_factor_all                     ? 
_refine_ls_shell.R_factor_obs                     ? 
_refine_ls_shell.R_factor_R_free                  0.306 
_refine_ls_shell.R_factor_R_free_error            ? 
_refine_ls_shell.R_factor_R_work                  0.222 
_refine_ls_shell.redundancy_reflns_all            ? 
_refine_ls_shell.redundancy_reflns_obs            ? 
_refine_ls_shell.wR_factor_all                    ? 
_refine_ls_shell.wR_factor_obs                    ? 
_refine_ls_shell.wR_factor_R_free                 ? 
_refine_ls_shell.wR_factor_R_work                 ? 
_refine_ls_shell.pdbx_total_number_of_bins_used   20 
_refine_ls_shell.pdbx_phase_error                 ? 
_refine_ls_shell.pdbx_fsc_work                    ? 
_refine_ls_shell.pdbx_fsc_free                    ? 
# 
_struct.entry_id                     5KDF 
_struct.title                        
'Inorganic pyrophosphatase from Mycobacterium tuberculosis in complex with inhibitor 6 and inorganic pyrophosphate' 
_struct.pdbx_model_details           ? 
_struct.pdbx_formula_weight          ? 
_struct.pdbx_formula_weight_method   ? 
_struct.pdbx_model_type_details      ? 
_struct.pdbx_CASP_flag               N 
# 
_struct_keywords.entry_id        5KDF 
_struct_keywords.text            'hydrolase, pyrophosphatase, drug target, HYDROLASE-HYDROLASE INHIBITOR complex' 
_struct_keywords.pdbx_keywords   'HYDROLASE/HYDROLASE INHIBITOR' 
# 
loop_
_struct_asym.id 
_struct_asym.pdbx_blank_PDB_chainid_flag 
_struct_asym.pdbx_modified 
_struct_asym.entity_id 
_struct_asym.details 
A N N 1 ? 
B N N 2 ? 
C N N 3 ? 
D N N 3 ? 
E N N 3 ? 
F N N 4 ? 
G N N 5 ? 
# 
loop_
_struct_conf.conf_type_id 
_struct_conf.id 
_struct_conf.pdbx_PDB_helix_id 
_struct_conf.beg_label_comp_id 
_struct_conf.beg_label_asym_id 
_struct_conf.beg_label_seq_id 
_struct_conf.pdbx_beg_PDB_ins_code 
_struct_conf.end_label_comp_id 
_struct_conf.end_label_asym_id 
_struct_conf.end_label_seq_id 
_struct_conf.pdbx_end_PDB_ins_code 
_struct_conf.beg_auth_comp_id 
_struct_conf.beg_auth_asym_id 
_struct_conf.beg_auth_seq_id 
_struct_conf.end_auth_comp_id 
_struct_conf.end_auth_asym_id 
_struct_conf.end_auth_seq_id 
_struct_conf.pdbx_PDB_helix_class 
_struct_conf.details 
_struct_conf.pdbx_PDB_helix_length 
HELX_P HELX_P1 AA1 ASP A 108 ? ASP A 112 ? ASP A 99  ASP A 103 5 ? 5  
HELX_P HELX_P2 AA2 ASP A 116 ? VAL A 120 ? ASP A 107 VAL A 111 5 ? 5  
HELX_P HELX_P3 AA3 PRO A 121 ? TYR A 135 ? PRO A 112 TYR A 126 1 ? 15 
HELX_P HELX_P4 AA4 ARG A 152 ? ALA A 168 ? ARG A 143 ALA A 159 1 ? 17 
# 
_struct_conf_type.id          HELX_P 
_struct_conf_type.criteria    ? 
_struct_conf_type.reference   ? 
# 
loop_
_struct_conn.id 
_struct_conn.conn_type_id 
_struct_conn.pdbx_leaving_atom_flag 
_struct_conn.pdbx_PDB_id 
_struct_conn.ptnr1_label_asym_id 
_struct_conn.ptnr1_label_comp_id 
_struct_conn.ptnr1_label_seq_id 
_struct_conn.ptnr1_label_atom_id 
_struct_conn.pdbx_ptnr1_label_alt_id 
_struct_conn.pdbx_ptnr1_PDB_ins_code 
_struct_conn.pdbx_ptnr1_standard_comp_id 
_struct_conn.ptnr1_symmetry 
_struct_conn.ptnr2_label_asym_id 
_struct_conn.ptnr2_label_comp_id 
_struct_conn.ptnr2_label_seq_id 
_struct_conn.ptnr2_label_atom_id 
_struct_conn.pdbx_ptnr2_label_alt_id 
_struct_conn.pdbx_ptnr2_PDB_ins_code 
_struct_conn.ptnr1_auth_asym_id 
_struct_conn.ptnr1_auth_comp_id 
_struct_conn.ptnr1_auth_seq_id 
_struct_conn.ptnr2_auth_asym_id 
_struct_conn.ptnr2_auth_comp_id 
_struct_conn.ptnr2_auth_seq_id 
_struct_conn.ptnr2_symmetry 
_struct_conn.pdbx_ptnr3_label_atom_id 
_struct_conn.pdbx_ptnr3_label_seq_id 
_struct_conn.pdbx_ptnr3_label_comp_id 
_struct_conn.pdbx_ptnr3_label_asym_id 
_struct_conn.pdbx_ptnr3_label_alt_id 
_struct_conn.pdbx_ptnr3_PDB_ins_code 
_struct_conn.details 
_struct_conn.pdbx_dist_value 
_struct_conn.pdbx_value_order 
_struct_conn.pdbx_role 
metalc1 metalc ? ? A GLU 27  OE2 ? ? ? 1_555 C CA  . CA ? ? A GLU 18  A CA  202 1_555 ? ? ? ? ? ? ? 3.104 ? ? 
metalc2 metalc ? ? A LYS 136 O   ? ? ? 1_555 D CA  . CA ? ? A LYS 127 A CA  203 1_555 ? ? ? ? ? ? ? 3.004 ? ? 
metalc3 metalc ? ? A GLU 139 O   ? ? ? 1_555 D CA  . CA ? ? A GLU 130 A CA  203 1_555 ? ? ? ? ? ? ? 2.849 ? ? 
metalc4 metalc ? ? A LYS 142 O   ? ? ? 1_555 D CA  . CA ? ? A LYS 133 A CA  203 1_555 ? ? ? ? ? ? ? 2.595 ? ? 
metalc5 metalc ? ? E CA  .   CA  ? ? ? 1_555 G HOH . O  ? ? A CA  204 A HOH 301 1_555 ? ? ? ? ? ? ? 2.481 ? ? 
metalc6 metalc ? ? E CA  .   CA  ? ? ? 1_555 G HOH . O  ? ? A CA  204 A HOH 302 1_555 ? ? ? ? ? ? ? 2.981 ? ? 
metalc7 metalc ? ? E CA  .   CA  ? ? ? 1_555 G HOH . O  ? ? A CA  204 A HOH 307 1_555 ? ? ? ? ? ? ? 2.488 ? ? 
# 
_struct_conn_type.id          metalc 
_struct_conn_type.criteria    ? 
_struct_conn_type.reference   ? 
# 
loop_
_struct_sheet.id 
_struct_sheet.type 
_struct_sheet.number_strands 
_struct_sheet.details 
AA1 ? 8 ? 
AA2 ? 2 ? 
# 
loop_
_struct_sheet_order.sheet_id 
_struct_sheet_order.range_id_1 
_struct_sheet_order.range_id_2 
_struct_sheet_order.offset 
_struct_sheet_order.sense 
AA1 3 4 ? anti-parallel 
AA1 4 5 ? anti-parallel 
AA1 5 6 ? parallel      
AA1 6 7 ? anti-parallel 
AA1 7 8 ? anti-parallel 
AA2 1 2 ? anti-parallel 
# 
loop_
_struct_sheet_range.sheet_id 
_struct_sheet_range.id 
_struct_sheet_range.beg_label_comp_id 
_struct_sheet_range.beg_label_asym_id 
_struct_sheet_range.beg_label_seq_id 
_struct_sheet_range.pdbx_beg_PDB_ins_code 
_struct_sheet_range.end_label_comp_id 
_struct_sheet_range.end_label_asym_id 
_struct_sheet_range.end_label_seq_id 
_struct_sheet_range.pdbx_end_PDB_ins_code 
_struct_sheet_range.beg_auth_comp_id 
_struct_sheet_range.beg_auth_asym_id 
_struct_sheet_range.beg_auth_seq_id 
_struct_sheet_range.end_auth_comp_id 
_struct_sheet_range.end_auth_asym_id 
_struct_sheet_range.end_auth_seq_id 
AA1 1 GLY A 96  ? GLY A 97  ? GLY A 87  GLY A 88  
AA1 2 VAL A 144 ? ASP A 151 ? VAL A 135 ASP A 142 
AA1 3 PHE A 12  ? ILE A 18  ? PHE A 3   ILE A 9   
AA1 4 ASP A 50  ? ILE A 54  ? ASP A 41  ILE A 45  
AA1 5 ASP A 66  ? VAL A 69  ? ASP A 57  VAL A 60  
AA1 6 LYS A 100 ? PRO A 105 ? LYS A 91  PRO A 96  
AA1 7 LEU A 80  ? ASP A 93  ? LEU A 71  ASP A 84  
AA1 8 VAL A 144 ? ASP A 151 ? VAL A 135 ASP A 142 
AA2 1 ASN A 24  ? VAL A 28  ? ASN A 15  VAL A 19  
AA2 2 VAL A 35  ? TYR A 40  ? VAL A 26  TYR A 31  
# 
loop_
_pdbx_struct_sheet_hbond.sheet_id 
_pdbx_struct_sheet_hbond.range_id_1 
_pdbx_struct_sheet_hbond.range_id_2 
_pdbx_struct_sheet_hbond.range_1_label_atom_id 
_pdbx_struct_sheet_hbond.range_1_label_comp_id 
_pdbx_struct_sheet_hbond.range_1_label_asym_id 
_pdbx_struct_sheet_hbond.range_1_label_seq_id 
_pdbx_struct_sheet_hbond.range_1_PDB_ins_code 
_pdbx_struct_sheet_hbond.range_1_auth_atom_id 
_pdbx_struct_sheet_hbond.range_1_auth_comp_id 
_pdbx_struct_sheet_hbond.range_1_auth_asym_id 
_pdbx_struct_sheet_hbond.range_1_auth_seq_id 
_pdbx_struct_sheet_hbond.range_2_label_atom_id 
_pdbx_struct_sheet_hbond.range_2_label_comp_id 
_pdbx_struct_sheet_hbond.range_2_label_asym_id 
_pdbx_struct_sheet_hbond.range_2_label_seq_id 
_pdbx_struct_sheet_hbond.range_2_PDB_ins_code 
_pdbx_struct_sheet_hbond.range_2_auth_atom_id 
_pdbx_struct_sheet_hbond.range_2_auth_comp_id 
_pdbx_struct_sheet_hbond.range_2_auth_asym_id 
_pdbx_struct_sheet_hbond.range_2_auth_seq_id 
AA1 3 4 N ILE A 18  ? N ILE A 9  O TYR A 51  ? O TYR A 42  
AA1 4 5 N GLY A 52  ? N GLY A 43 O ALA A 67  ? O ALA A 58  
AA1 5 6 N LEU A 68  ? N LEU A 59 O VAL A 101 ? O VAL A 92  
AA1 6 7 O LYS A 100 ? O LYS A 91 N PHE A 89  ? N PHE A 80  
AA1 7 8 N ARG A 90  ? N ARG A 81 O ASP A 148 ? O ASP A 139 
AA2 1 2 N GLU A 27  ? N GLU A 18 O ARG A 36  ? O ARG A 27  
# 
loop_
_struct_site.id 
_struct_site.pdbx_evidence_code 
_struct_site.pdbx_auth_asym_id 
_struct_site.pdbx_auth_comp_id 
_struct_site.pdbx_auth_seq_id 
_struct_site.pdbx_auth_ins_code 
_struct_site.pdbx_num_residues 
_struct_site.details 
AC1 Software A 6RU 201 ? 1  'binding site for residue 6RU A 201' 
AC2 Software A CA  202 ? 3  'binding site for residue CA A 202'  
AC3 Software A CA  203 ? 4  'binding site for residue CA A 203'  
AC4 Software A CA  204 ? 3  'binding site for residue CA A 204'  
AC5 Software A POP 205 ? 10 'binding site for residue POP A 205' 
# 
loop_
_struct_site_gen.id 
_struct_site_gen.site_id 
_struct_site_gen.pdbx_num_res 
_struct_site_gen.label_comp_id 
_struct_site_gen.label_asym_id 
_struct_site_gen.label_seq_id 
_struct_site_gen.pdbx_auth_ins_code 
_struct_site_gen.auth_comp_id 
_struct_site_gen.auth_asym_id 
_struct_site_gen.auth_seq_id 
_struct_site_gen.label_atom_id 
_struct_site_gen.label_alt_id 
_struct_site_gen.symmetry 
_struct_site_gen.details 
1  AC1 1  GLU A 124 ? GLU A 115 . ? 12_555 ? 
2  AC2 3  GLU A 27  ? GLU A 18  . ? 1_555  ? 
3  AC2 3  ASP A 38  ? ASP A 29  . ? 1_555  ? 
4  AC2 3  POP F .   ? POP A 205 . ? 1_555  ? 
5  AC3 4  LYS A 136 ? LYS A 127 . ? 1_555  ? 
6  AC3 4  ASP A 137 ? ASP A 128 . ? 1_555  ? 
7  AC3 4  GLU A 139 ? GLU A 130 . ? 1_555  ? 
8  AC3 4  LYS A 142 ? LYS A 133 . ? 1_555  ? 
9  AC4 3  HOH G .   ? HOH A 301 . ? 1_555  ? 
10 AC4 3  HOH G .   ? HOH A 302 . ? 1_555  ? 
11 AC4 3  HOH G .   ? HOH A 307 . ? 1_555  ? 
12 AC5 10 LYS A 25  ? LYS A 16  . ? 1_555  ? 
13 AC5 10 ARG A 39  ? ARG A 30  . ? 1_555  ? 
14 AC5 10 GLU A 94  ? GLU A 85  . ? 1_555  ? 
15 AC5 10 ASP A 98  ? ASP A 89  . ? 1_555  ? 
16 AC5 10 TYR A 135 ? TYR A 126 . ? 1_555  ? 
17 AC5 10 LYS A 136 ? LYS A 127 . ? 1_555  ? 
18 AC5 10 CA  C .   ? CA  A 202 . ? 1_555  ? 
19 AC5 10 HOH G .   ? HOH A 301 . ? 1_555  ? 
20 AC5 10 HOH G .   ? HOH A 315 . ? 1_555  ? 
21 AC5 10 HOH G .   ? HOH A 321 . ? 1_555  ? 
# 
_atom_sites.entry_id                    5KDF 
_atom_sites.fract_transf_matrix[1][1]   -0.00853822 
_atom_sites.fract_transf_matrix[1][2]   0.00708310 
_atom_sites.fract_transf_matrix[1][3]   0.00361152 
_atom_sites.fract_transf_matrix[2][1]   -0.01094031 
_atom_sites.fract_transf_matrix[2][2]   -0.00397752 
_atom_sites.fract_transf_matrix[2][3]   0.00077972 
_atom_sites.fract_transf_matrix[3][1]   0.00172908 
_atom_sites.fract_transf_matrix[3][2]   -0.00285636 
_atom_sites.fract_transf_matrix[3][3]   0.00968987 
_atom_sites.fract_transf_vector[1]      0.476201 
_atom_sites.fract_transf_vector[2]      0.345143 
_atom_sites.fract_transf_vector[3]      0.099459 
# 
loop_
_atom_type.symbol 
C  
CA 
N  
O  
P  
S  
# 
loop_
_atom_site.group_PDB 
_atom_site.id 
_atom_site.type_symbol 
_atom_site.label_atom_id 
_atom_site.label_alt_id 
_atom_site.label_comp_id 
_atom_site.label_asym_id 
_atom_site.label_entity_id 
_atom_site.label_seq_id 
_atom_site.pdbx_PDB_ins_code 
_atom_site.Cartn_x 
_atom_site.Cartn_y 
_atom_site.Cartn_z 
_atom_site.occupancy 
_atom_site.B_iso_or_equiv 
_atom_site.pdbx_formal_charge 
_atom_site.auth_seq_id 
_atom_site.auth_comp_id 
_atom_site.auth_asym_id 
_atom_site.auth_atom_id 
_atom_site.pdbx_PDB_model_num 
ATOM   1    N  N   . ALA A 1 9   ? 17.795  3.001   -9.814  1.00 59.09  ?  0   ALA A N   1 
ATOM   2    C  CA  . ALA A 1 9   ? 16.821  2.529   -8.777  1.00 56.87  ?  0   ALA A CA  1 
ATOM   3    C  C   . ALA A 1 9   ? 15.476  3.218   -8.976  1.00 53.09  ?  0   ALA A C   1 
ATOM   4    O  O   . ALA A 1 9   ? 15.411  4.431   -9.159  1.00 54.22  ?  0   ALA A O   1 
ATOM   5    C  CB  . ALA A 1 9   ? 17.352  2.787   -7.372  1.00 56.16  ?  0   ALA A CB  1 
ATOM   6    N  N   . MET A 1 10  ? 14.408  2.436   -8.958  1.00 49.47  ?  1   MET A N   1 
ATOM   7    C  CA  . MET A 1 10  ? 13.076  2.955   -9.232  1.00 49.19  ?  1   MET A CA  1 
ATOM   8    C  C   . MET A 1 10  ? 12.572  3.807   -8.069  1.00 46.18  ?  1   MET A C   1 
ATOM   9    O  O   . MET A 1 10  ? 12.778  3.463   -6.912  1.00 42.99  ?  1   MET A O   1 
ATOM   10   C  CB  . MET A 1 10  ? 12.103  1.799   -9.467  1.00 51.05  ?  1   MET A CB  1 
ATOM   11   C  CG  . MET A 1 10  ? 10.653  2.231   -9.628  1.00 53.97  ?  1   MET A CG  1 
ATOM   12   S  SD  . MET A 1 10  ? 9.557   0.836   -9.858  1.00 57.97  ?  1   MET A SD  1 
ATOM   13   C  CE  . MET A 1 10  ? 9.976   0.375   -11.545 1.00 58.54  ?  1   MET A CE  1 
ATOM   14   N  N   . GLN A 1 11  ? 11.890  4.902   -8.385  1.00 43.18  ?  2   GLN A N   1 
ATOM   15   C  CA  . GLN A 1 11  ? 11.183  5.641   -7.368  1.00 43.39  ?  2   GLN A CA  1 
ATOM   16   C  C   . GLN A 1 11  ? 9.924   6.253   -7.920  1.00 42.17  ?  2   GLN A C   1 
ATOM   17   O  O   . GLN A 1 11  ? 9.768   6.371   -9.120  1.00 43.51  ?  2   GLN A O   1 
ATOM   18   C  CB  . GLN A 1 11  ? 12.092  6.688   -6.724  1.00 44.33  ?  2   GLN A CB  1 
ATOM   19   C  CG  . GLN A 1 11  ? 12.108  8.061   -7.376  1.00 45.62  ?  2   GLN A CG  1 
ATOM   20   C  CD  . GLN A 1 11  ? 12.990  9.022   -6.601  1.00 45.10  ?  2   GLN A CD  1 
ATOM   21   O  OE1 . GLN A 1 11  ? 14.136  8.698   -6.275  1.00 46.09  ?  2   GLN A OE1 1 
ATOM   22   N  NE2 . GLN A 1 11  ? 12.458  10.193  -6.278  1.00 44.20  ?  2   GLN A NE2 1 
ATOM   23   N  N   . PHE A 1 12  ? 9.031   6.651   -7.019  1.00 40.34  ?  3   PHE A N   1 
ATOM   24   C  CA  . PHE A 1 12  ? 7.742   7.194   -7.415  1.00 39.17  ?  3   PHE A CA  1 
ATOM   25   C  C   . PHE A 1 12  ? 7.101   7.948   -6.276  1.00 37.25  ?  3   PHE A C   1 
ATOM   26   O  O   . PHE A 1 12  ? 7.542   7.869   -5.146  1.00 40.01  ?  3   PHE A O   1 
ATOM   27   C  CB  . PHE A 1 12  ? 6.811   6.057   -7.900  1.00 39.78  ?  3   PHE A CB  1 
ATOM   28   C  CG  . PHE A 1 12  ? 6.876   4.807   -7.050  1.00 40.98  ?  3   PHE A CG  1 
ATOM   29   C  CD1 . PHE A 1 12  ? 6.199   4.729   -5.825  1.00 39.59  ?  3   PHE A CD1 1 
ATOM   30   C  CD2 . PHE A 1 12  ? 7.610   3.706   -7.465  1.00 40.76  ?  3   PHE A CD2 1 
ATOM   31   C  CE1 . PHE A 1 12  ? 6.261   3.586   -5.041  1.00 37.67  ?  3   PHE A CE1 1 
ATOM   32   C  CE2 . PHE A 1 12  ? 7.672   2.556   -6.679  1.00 41.20  ?  3   PHE A CE2 1 
ATOM   33   C  CZ  . PHE A 1 12  ? 7.004   2.500   -5.463  1.00 39.86  ?  3   PHE A CZ  1 
ATOM   34   N  N   . ASP A 1 13  ? 6.047   8.678   -6.598  1.00 37.50  ?  4   ASP A N   1 
ATOM   35   C  CA  . ASP A 1 13  ? 5.288   9.430   -5.626  1.00 36.67  ?  4   ASP A CA  1 
ATOM   36   C  C   . ASP A 1 13  ? 4.132   8.596   -5.102  1.00 35.98  ?  4   ASP A C   1 
ATOM   37   O  O   . ASP A 1 13  ? 3.340   8.077   -5.871  1.00 37.05  ?  4   ASP A O   1 
ATOM   38   C  CB  . ASP A 1 13  ? 4.758   10.724  -6.249  1.00 39.21  ?  4   ASP A CB  1 
ATOM   39   C  CG  . ASP A 1 13  ? 5.779   11.855  -6.211  1.00 42.81  ?  4   ASP A CG  1 
ATOM   40   O  OD1 . ASP A 1 13  ? 6.782   11.753  -5.458  1.00 42.65  ?  4   ASP A OD1 1 
ATOM   41   O  OD2 . ASP A 1 13  ? 5.568   12.865  -6.927  1.00 45.13  ?  4   ASP A OD2 1 
ATOM   42   N  N   . VAL A 1 14  ? 4.052   8.472   -3.781  1.00 33.89  ?  5   VAL A N   1 
ATOM   43   C  CA  . VAL A 1 14  ? 2.911   7.863   -3.113  1.00 31.94  ?  5   VAL A CA  1 
ATOM   44   C  C   . VAL A 1 14  ? 2.090   8.982   -2.495  1.00 33.01  ?  5   VAL A C   1 
ATOM   45   O  O   . VAL A 1 14  ? 2.621   9.783   -1.749  1.00 33.28  ?  5   VAL A O   1 
ATOM   46   C  CB  . VAL A 1 14  ? 3.368   6.914   -1.990  1.00 31.09  ?  5   VAL A CB  1 
ATOM   47   C  CG1 . VAL A 1 14  ? 2.168   6.372   -1.219  1.00 33.06  ?  5   VAL A CG1 1 
ATOM   48   C  CG2 . VAL A 1 14  ? 4.208   5.780   -2.544  1.00 29.84  ?  5   VAL A CG2 1 
ATOM   49   N  N   . THR A 1 15  ? 0.804   9.046   -2.810  1.00 35.02  ?  6   THR A N   1 
ATOM   50   C  CA  . THR A 1 15  ? -0.132  9.841   -2.022  1.00 36.67  ?  6   THR A CA  1 
ATOM   51   C  C   . THR A 1 15  ? -0.597  8.987   -0.841  1.00 36.86  ?  6   THR A C   1 
ATOM   52   O  O   . THR A 1 15  ? -1.285  7.990   -1.037  1.00 37.62  ?  6   THR A O   1 
ATOM   53   C  CB  . THR A 1 15  ? -1.339  10.300  -2.855  1.00 36.56  ?  6   THR A CB  1 
ATOM   54   O  OG1 . THR A 1 15  ? -0.899  11.279  -3.795  1.00 37.86  ?  6   THR A OG1 1 
ATOM   55   C  CG2 . THR A 1 15  ? -2.424  10.934  -1.976  1.00 37.68  ?  6   THR A CG2 1 
ATOM   56   N  N   . ILE A 1 16  ? -0.212  9.386   0.369   1.00 37.09  ?  7   ILE A N   1 
ATOM   57   C  CA  . ILE A 1 16  ? -0.662  8.726   1.597   1.00 36.18  ?  7   ILE A CA  1 
ATOM   58   C  C   . ILE A 1 16  ? -2.107  9.117   1.862   1.00 36.59  ?  7   ILE A C   1 
ATOM   59   O  O   . ILE A 1 16  ? -2.418  10.298  1.960   1.00 36.22  ?  7   ILE A O   1 
ATOM   60   C  CB  . ILE A 1 16  ? 0.186   9.139   2.818   1.00 36.48  ?  7   ILE A CB  1 
ATOM   61   C  CG1 . ILE A 1 16  ? 1.650   8.703   2.632   1.00 35.93  ?  7   ILE A CG1 1 
ATOM   62   C  CG2 . ILE A 1 16  ? -0.387  8.579   4.121   1.00 37.63  ?  7   ILE A CG2 1 
ATOM   63   C  CD1 . ILE A 1 16  ? 1.874   7.210   2.566   1.00 36.45  ?  7   ILE A CD1 1 
ATOM   64   N  N   . GLU A 1 17  ? -2.978  8.117   1.989   1.00 36.23  ?  8   GLU A N   1 
ATOM   65   C  CA  . GLU A 1 17  ? -4.363  8.328   2.389   1.00 36.86  ?  8   GLU A CA  1 
ATOM   66   C  C   . GLU A 1 17  ? -4.538  8.168   3.893   1.00 34.80  ?  8   GLU A C   1 
ATOM   67   O  O   . GLU A 1 17  ? -5.302  8.911   4.507   1.00 33.45  ?  8   GLU A O   1 
ATOM   68   C  CB  . GLU A 1 17  ? -5.278  7.329   1.689   1.00 39.92  ?  8   GLU A CB  1 
ATOM   69   C  CG  . GLU A 1 17  ? -5.145  7.349   0.179   1.00 44.08  ?  8   GLU A CG  1 
ATOM   70   C  CD  . GLU A 1 17  ? -5.910  6.238   -0.495  1.00 47.05  ?  8   GLU A CD  1 
ATOM   71   O  OE1 . GLU A 1 17  ? -5.674  5.051   -0.153  1.00 54.46  ?  8   GLU A OE1 1 
ATOM   72   O  OE2 . GLU A 1 17  ? -6.734  6.564   -1.379  1.00 47.04  ?  8   GLU A OE2 1 
ATOM   73   N  N   . ILE A 1 18  ? -3.867  7.172   4.476   1.00 33.95  ?  9   ILE A N   1 
ATOM   74   C  CA  . ILE A 1 18  ? -4.133  6.765   5.852   1.00 32.16  ?  9   ILE A CA  1 
ATOM   75   C  C   . ILE A 1 18  ? -2.856  6.711   6.661   1.00 32.44  ?  9   ILE A C   1 
ATOM   76   O  O   . ILE A 1 18  ? -1.996  5.877   6.388   1.00 33.96  ?  9   ILE A O   1 
ATOM   77   C  CB  . ILE A 1 18  ? -4.800  5.380   5.931   1.00 33.49  ?  9   ILE A CB  1 
ATOM   78   C  CG1 . ILE A 1 18  ? -6.052  5.331   5.053   1.00 33.68  ?  9   ILE A CG1 1 
ATOM   79   C  CG2 . ILE A 1 18  ? -5.174  5.065   7.386   1.00 33.37  ?  9   ILE A CG2 1 
ATOM   80   C  CD1 . ILE A 1 18  ? -6.584  3.935   4.794   1.00 34.32  ?  9   ILE A CD1 1 
ATOM   81   N  N   . PRO A 1 19  ? -2.730  7.581   7.680   1.00 31.60  ?  10  PRO A N   1 
ATOM   82   C  CA  . PRO A 1 19  ? -1.592  7.454   8.570   1.00 31.44  ?  10  PRO A CA  1 
ATOM   83   C  C   . PRO A 1 19  ? -1.638  6.166   9.371   1.00 31.65  ?  10  PRO A C   1 
ATOM   84   O  O   . PRO A 1 19  ? -2.708  5.652   9.663   1.00 31.13  ?  10  PRO A O   1 
ATOM   85   C  CB  . PRO A 1 19  ? -1.721  8.650   9.524   1.00 32.37  ?  10  PRO A CB  1 
ATOM   86   C  CG  . PRO A 1 19  ? -2.667  9.596   8.872   1.00 32.85  ?  10  PRO A CG  1 
ATOM   87   C  CD  . PRO A 1 19  ? -3.517  8.795   7.938   1.00 32.51  ?  10  PRO A CD  1 
ATOM   88   N  N   . LYS A 1 20  ? -0.458  5.683   9.719   1.00 31.61  ?  11  LYS A N   1 
ATOM   89   C  CA  . LYS A 1 20  ? -0.274  4.589   10.633  1.00 33.59  ?  11  LYS A CA  1 
ATOM   90   C  C   . LYS A 1 20  ? -0.981  4.884   11.965  1.00 31.65  ?  11  LYS A C   1 
ATOM   91   O  O   . LYS A 1 20  ? -0.921  6.003   12.456  1.00 31.67  ?  11  LYS A O   1 
ATOM   92   C  CB  . LYS A 1 20  ? 1.226   4.428   10.859  1.00 37.05  ?  11  LYS A CB  1 
ATOM   93   C  CG  . LYS A 1 20  ? 1.598   3.309   11.801  1.00 43.37  ?  11  LYS A CG  1 
ATOM   94   C  CD  . LYS A 1 20  ? 3.076   3.346   12.166  1.00 49.29  ?  11  LYS A CD  1 
ATOM   95   C  CE  . LYS A 1 20  ? 3.282   2.872   13.602  1.00 55.81  ?  11  LYS A CE  1 
ATOM   96   N  NZ  . LYS A 1 20  ? 4.460   1.971   13.725  1.00 60.99  ?  11  LYS A NZ  1 
ATOM   97   N  N   . GLY A 1 21  ? -1.628  3.881   12.546  1.00 29.81  ?  12  GLY A N   1 
ATOM   98   C  CA  . GLY A 1 21  ? -2.355  4.052   13.810  1.00 30.53  ?  12  GLY A CA  1 
ATOM   99   C  C   . GLY A 1 21  ? -3.836  4.373   13.656  1.00 30.57  ?  12  GLY A C   1 
ATOM   100  O  O   . GLY A 1 21  ? -4.561  4.368   14.625  1.00 31.59  ?  12  GLY A O   1 
ATOM   101  N  N   . GLN A 1 22  ? -4.298  4.563   12.426  1.00 32.40  ?  13  GLN A N   1 
ATOM   102  C  CA  . GLN A 1 22  ? -5.658  4.994   12.145  1.00 32.77  ?  13  GLN A CA  1 
ATOM   103  C  C   . GLN A 1 22  ? -6.634  3.850   11.988  1.00 30.57  ?  13  GLN A C   1 
ATOM   104  O  O   . GLN A 1 22  ? -6.339  2.882   11.310  1.00 28.02  ?  13  GLN A O   1 
ATOM   105  C  CB  . GLN A 1 22  ? -5.708  5.805   10.850  1.00 33.18  ?  13  GLN A CB  1 
ATOM   106  C  CG  . GLN A 1 22  ? -5.450  7.267   11.085  1.00 37.86  ?  13  GLN A CG  1 
ATOM   107  C  CD  . GLN A 1 22  ? -6.680  8.015   11.554  1.00 42.59  ?  13  GLN A CD  1 
ATOM   108  O  OE1 . GLN A 1 22  ? -7.677  7.431   12.013  1.00 43.84  ?  13  GLN A OE1 1 
ATOM   109  N  NE2 . GLN A 1 22  ? -6.622  9.329   11.434  1.00 50.62  ?  13  GLN A NE2 1 
ATOM   110  N  N   . ARG A 1 23  ? -7.813  4.033   12.585  1.00 29.13  ?  14  ARG A N   1 
ATOM   111  C  CA  . ARG A 1 23  ? -8.991  3.197   12.358  1.00 28.66  ?  14  ARG A CA  1 
ATOM   112  C  C   . ARG A 1 23  ? -10.032 3.841   11.395  1.00 28.35  ?  14  ARG A C   1 
ATOM   113  O  O   . ARG A 1 23  ? -10.983 3.195   10.977  1.00 29.94  ?  14  ARG A O   1 
ATOM   114  C  CB  . ARG A 1 23  ? -9.621  2.866   13.701  1.00 27.62  ?  14  ARG A CB  1 
ATOM   115  C  CG  . ARG A 1 23  ? -10.672 1.797   13.603  1.00 28.19  ?  14  ARG A CG  1 
ATOM   116  C  CD  . ARG A 1 23  ? -11.173 1.345   14.953  1.00 27.99  ?  14  ARG A CD  1 
ATOM   117  N  NE  . ARG A 1 23  ? -12.447 0.659   14.799  1.00 27.90  ?  14  ARG A NE  1 
ATOM   118  C  CZ  . ARG A 1 23  ? -13.128 0.084   15.793  1.00 29.43  ?  14  ARG A CZ  1 
ATOM   119  N  NH1 . ARG A 1 23  ? -12.649 0.079   17.026  1.00 28.71  ?  14  ARG A NH1 1 
ATOM   120  N  NH2 . ARG A 1 23  ? -14.292 -0.525  15.548  1.00 28.74  ?  14  ARG A NH2 1 
ATOM   121  N  N   . ASN A 1 24  ? -9.857  5.106   11.036  1.00 29.48  ?  15  ASN A N   1 
ATOM   122  C  CA  . ASN A 1 24  ? -10.626 5.696   9.935   1.00 29.22  ?  15  ASN A CA  1 
ATOM   123  C  C   . ASN A 1 24  ? -9.952  5.348   8.618   1.00 30.23  ?  15  ASN A C   1 
ATOM   124  O  O   . ASN A 1 24  ? -8.781  5.667   8.416   1.00 29.18  ?  15  ASN A O   1 
ATOM   125  C  CB  . ASN A 1 24  ? -10.702 7.210   10.057  1.00 30.08  ?  15  ASN A CB  1 
ATOM   126  C  CG  . ASN A 1 24  ? -11.844 7.675   10.927  1.00 30.67  ?  15  ASN A CG  1 
ATOM   127  O  OD1 . ASN A 1 24  ? -12.823 6.959   11.155  1.00 32.08  ?  15  ASN A OD1 1 
ATOM   128  N  ND2 . ASN A 1 24  ? -11.748 8.904   11.381  1.00 30.33  ?  15  ASN A ND2 1 
ATOM   129  N  N   . LYS A 1 25  ? -10.707 4.691   7.741   1.00 30.29  ?  16  LYS A N   1 
ATOM   130  C  CA  . LYS A 1 25  ? -10.248 4.350   6.415   1.00 30.73  ?  16  LYS A CA  1 
ATOM   131  C  C   . LYS A 1 25  ? -10.610 5.489   5.450   1.00 30.62  ?  16  LYS A C   1 
ATOM   132  O  O   . LYS A 1 25  ? -11.772 5.675   5.107   1.00 30.18  ?  16  LYS A O   1 
ATOM   133  C  CB  . LYS A 1 25  ? -10.838 2.994   5.969   1.00 32.20  ?  16  LYS A CB  1 
ATOM   134  C  CG  . LYS A 1 25  ? -10.407 2.601   4.565   1.00 34.20  ?  16  LYS A CG  1 
ATOM   135  C  CD  . LYS A 1 25  ? -10.849 1.210   4.137   1.00 36.51  ?  16  LYS A CD  1 
ATOM   136  C  CE  . LYS A 1 25  ? -10.180 0.817   2.826   1.00 38.91  ?  16  LYS A CE  1 
ATOM   137  N  NZ  . LYS A 1 25  ? -10.203 1.883   1.763   1.00 41.42  ?  16  LYS A NZ  1 
ATOM   138  N  N   . TYR A 1 26  ? -9.595  6.263   5.056   1.00 32.76  ?  17  TYR A N   1 
ATOM   139  C  CA  . TYR A 1 26  ? -9.692  7.318   4.045   1.00 33.78  ?  17  TYR A CA  1 
ATOM   140  C  C   . TYR A 1 26  ? -9.336  6.813   2.644   1.00 37.27  ?  17  TYR A C   1 
ATOM   141  O  O   . TYR A 1 26  ? -8.441  5.982   2.486   1.00 39.42  ?  17  TYR A O   1 
ATOM   142  C  CB  . TYR A 1 26  ? -8.753  8.484   4.390   1.00 35.12  ?  17  TYR A CB  1 
ATOM   143  C  CG  . TYR A 1 26  ? -9.031  9.143   5.727   1.00 35.08  ?  17  TYR A CG  1 
ATOM   144  C  CD1 . TYR A 1 26  ? -10.134 9.976   5.902   1.00 36.30  ?  17  TYR A CD1 1 
ATOM   145  C  CD2 . TYR A 1 26  ? -8.199  8.931   6.818   1.00 35.77  ?  17  TYR A CD2 1 
ATOM   146  C  CE1 . TYR A 1 26  ? -10.395 10.576  7.117   1.00 36.52  ?  17  TYR A CE1 1 
ATOM   147  C  CE2 . TYR A 1 26  ? -8.448  9.530   8.039   1.00 36.42  ?  17  TYR A CE2 1 
ATOM   148  C  CZ  . TYR A 1 26  ? -9.546  10.354  8.185   1.00 37.51  ?  17  TYR A CZ  1 
ATOM   149  O  OH  . TYR A 1 26  ? -9.808  10.931  9.412   1.00 37.69  ?  17  TYR A OH  1 
ATOM   150  N  N   . GLU A 1 27  ? -10.063 7.325   1.649   1.00 41.71  ?  18  GLU A N   1 
ATOM   151  C  CA  . GLU A 1 27  ? -9.811  7.128   0.214   1.00 45.22  ?  18  GLU A CA  1 
ATOM   152  C  C   . GLU A 1 27  ? -9.665  8.487   -0.436  1.00 42.85  ?  18  GLU A C   1 
ATOM   153  O  O   . GLU A 1 27  ? -10.137 9.475   0.092   1.00 43.09  ?  18  GLU A O   1 
ATOM   154  C  CB  . GLU A 1 27  ? -11.027 6.564   -0.524  1.00 48.96  ?  18  GLU A CB  1 
ATOM   155  C  CG  . GLU A 1 27  ? -11.569 5.203   -0.185  1.00 54.29  ?  18  GLU A CG  1 
ATOM   156  C  CD  . GLU A 1 27  ? -12.978 5.041   -0.769  1.00 57.61  ?  18  GLU A CD  1 
ATOM   157  O  OE1 . GLU A 1 27  ? -13.908 5.792   -0.357  1.00 55.95  ?  18  GLU A OE1 1 
ATOM   158  O  OE2 . GLU A 1 27  ? -13.149 4.187   -1.667  1.00 64.82  ?  18  GLU A OE2 1 
ATOM   159  N  N   . VAL A 1 28  ? -9.099  8.494   -1.636  1.00 43.26  ?  19  VAL A N   1 
ATOM   160  C  CA  . VAL A 1 28  ? -9.145  9.633   -2.536  1.00 44.38  ?  19  VAL A CA  1 
ATOM   161  C  C   . VAL A 1 28  ? -10.145 9.324   -3.667  1.00 47.99  ?  19  VAL A C   1 
ATOM   162  O  O   . VAL A 1 28  ? -10.119 8.225   -4.233  1.00 50.62  ?  19  VAL A O   1 
ATOM   163  C  CB  . VAL A 1 28  ? -7.729  9.954   -3.077  1.00 43.77  ?  19  VAL A CB  1 
ATOM   164  C  CG1 . VAL A 1 28  ? -7.771  10.963  -4.224  1.00 43.17  ?  19  VAL A CG1 1 
ATOM   165  C  CG2 . VAL A 1 28  ? -6.850  10.480  -1.945  1.00 42.61  ?  19  VAL A CG2 1 
ATOM   166  N  N   . ASP A 1 29  ? -11.062 10.266  -3.926  1.00 50.52  ?  20  ASP A N   1 
ATOM   167  C  CA  . ASP A 1 29  ? -11.809 10.344  -5.194  1.00 53.56  ?  20  ASP A CA  1 
ATOM   168  C  C   . ASP A 1 29  ? -10.796 10.664  -6.298  1.00 51.51  ?  20  ASP A C   1 
ATOM   169  O  O   . ASP A 1 29  ? -10.230 11.756  -6.310  1.00 49.17  ?  20  ASP A O   1 
ATOM   170  C  CB  . ASP A 1 29  ? -12.847 11.493  -5.181  1.00 57.04  ?  20  ASP A CB  1 
ATOM   171  C  CG  . ASP A 1 29  ? -14.049 11.243  -4.253  1.00 62.09  ?  20  ASP A CG  1 
ATOM   172  O  OD1 . ASP A 1 29  ? -14.142 10.174  -3.610  1.00 63.69  ?  20  ASP A OD1 1 
ATOM   173  O  OD2 . ASP A 1 29  ? -14.918 12.149  -4.173  1.00 63.12  ?  20  ASP A OD2 1 
ATOM   174  N  N   . HIS A 1 30  ? -10.572 9.742   -7.228  1.00 51.26  ?  21  HIS A N   1 
ATOM   175  C  CA  . HIS A 1 30  ? -9.526  9.942   -8.240  1.00 53.01  ?  21  HIS A CA  1 
ATOM   176  C  C   . HIS A 1 30  ? -9.946  10.880  -9.384  1.00 56.34  ?  21  HIS A C   1 
ATOM   177  O  O   . HIS A 1 30  ? -9.100  11.365  -10.129 1.00 57.81  ?  21  HIS A O   1 
ATOM   178  C  CB  . HIS A 1 30  ? -9.027  8.594   -8.746  1.00 52.50  ?  21  HIS A CB  1 
ATOM   179  C  CG  . HIS A 1 30  ? -8.461  7.736   -7.662  1.00 52.10  ?  21  HIS A CG  1 
ATOM   180  N  ND1 . HIS A 1 30  ? -7.301  8.060   -6.991  1.00 52.04  ?  21  HIS A ND1 1 
ATOM   181  C  CD2 . HIS A 1 30  ? -8.905  6.579   -7.113  1.00 53.59  ?  21  HIS A CD2 1 
ATOM   182  C  CE1 . HIS A 1 30  ? -7.050  7.135   -6.079  1.00 53.94  ?  21  HIS A CE1 1 
ATOM   183  N  NE2 . HIS A 1 30  ? -8.004  6.221   -6.137  1.00 53.15  ?  21  HIS A NE2 1 
ATOM   184  N  N   . GLU A 1 31  ? -11.248 11.156  -9.483  1.00 62.33  ?  22  GLU A N   1 
ATOM   185  C  CA  . GLU A 1 31  ? -11.788 12.168  -10.395 1.00 65.53  ?  22  GLU A CA  1 
ATOM   186  C  C   . GLU A 1 31  ? -11.374 13.556  -9.929  1.00 63.90  ?  22  GLU A C   1 
ATOM   187  O  O   . GLU A 1 31  ? -10.815 14.331  -10.705 1.00 64.37  ?  22  GLU A O   1 
ATOM   188  C  CB  . GLU A 1 31  ? -13.326 12.115  -10.442 1.00 71.03  ?  22  GLU A CB  1 
ATOM   189  C  CG  . GLU A 1 31  ? -13.954 10.773  -10.835 1.00 77.30  ?  22  GLU A CG  1 
ATOM   190  C  CD  . GLU A 1 31  ? -13.961 10.487  -12.331 1.00 84.26  ?  22  GLU A CD  1 
ATOM   191  O  OE1 . GLU A 1 31  ? -13.777 11.422  -13.144 1.00 88.02  ?  22  GLU A OE1 1 
ATOM   192  O  OE2 . GLU A 1 31  ? -14.168 9.305   -12.696 1.00 85.63  ?  22  GLU A OE2 1 
ATOM   193  N  N   . THR A 1 32  ? -11.646 13.855  -8.654  1.00 64.20  ?  23  THR A N   1 
ATOM   194  C  CA  . THR A 1 32  ? -11.432 15.196  -8.079  1.00 59.32  ?  23  THR A CA  1 
ATOM   195  C  C   . THR A 1 32  ? -10.098 15.372  -7.339  1.00 55.60  ?  23  THR A C   1 
ATOM   196  O  O   . THR A 1 32  ? -9.549  16.465  -7.323  1.00 52.35  ?  23  THR A O   1 
ATOM   197  C  CB  . THR A 1 32  ? -12.593 15.579  -7.136  1.00 61.40  ?  23  THR A CB  1 
ATOM   198  O  OG1 . THR A 1 32  ? -12.710 14.615  -6.081  1.00 64.47  ?  23  THR A OG1 1 
ATOM   199  C  CG2 . THR A 1 32  ? -13.916 15.635  -7.912  1.00 60.91  ?  23  THR A CG2 1 
ATOM   200  N  N   . GLY A 1 33  ? -9.576  14.300  -6.741  1.00 53.06  ?  24  GLY A N   1 
ATOM   201  C  CA  . GLY A 1 33  ? -8.426  14.392  -5.826  1.00 47.72  ?  24  GLY A CA  1 
ATOM   202  C  C   . GLY A 1 33  ? -8.814  14.727  -4.385  1.00 46.52  ?  24  GLY A C   1 
ATOM   203  O  O   . GLY A 1 33  ? -7.939  14.985  -3.554  1.00 46.36  ?  24  GLY A O   1 
ATOM   204  N  N   . ARG A 1 34  ? -10.117 14.721  -4.085  1.00 42.54  ?  25  ARG A N   1 
ATOM   205  C  CA  . ARG A 1 34  ? -10.622 14.980  -2.733  1.00 41.85  ?  25  ARG A CA  1 
ATOM   206  C  C   . ARG A 1 34  ? -10.408 13.744  -1.851  1.00 40.95  ?  25  ARG A C   1 
ATOM   207  O  O   . ARG A 1 34  ? -10.589 12.615  -2.305  1.00 41.85  ?  25  ARG A O   1 
ATOM   208  C  CB  . ARG A 1 34  ? -12.123 15.332  -2.772  1.00 40.20  ?  25  ARG A CB  1 
ATOM   209  C  CG  . ARG A 1 34  ? -12.477 16.629  -3.500  1.00 39.27  ?  25  ARG A CG  1 
ATOM   210  C  CD  . ARG A 1 34  ? -11.910 17.869  -2.828  1.00 38.17  ?  25  ARG A CD  1 
ATOM   211  N  NE  . ARG A 1 34  ? -12.322 17.968  -1.431  1.00 38.37  ?  25  ARG A NE  1 
ATOM   212  C  CZ  . ARG A 1 34  ? -13.513 18.387  -1.001  1.00 39.24  ?  25  ARG A CZ  1 
ATOM   213  N  NH1 . ARG A 1 34  ? -14.469 18.782  -1.842  1.00 39.09  ?  25  ARG A NH1 1 
ATOM   214  N  NH2 . ARG A 1 34  ? -13.754 18.416  0.301   1.00 40.84  ?  25  ARG A NH2 1 
ATOM   215  N  N   . VAL A 1 35  ? -10.026 13.966  -0.597  1.00 38.90  ?  26  VAL A N   1 
ATOM   216  C  CA  . VAL A 1 35  ? -9.939  12.895  0.394   1.00 37.13  ?  26  VAL A CA  1 
ATOM   217  C  C   . VAL A 1 35  ? -11.341 12.667  0.952   1.00 35.50  ?  26  VAL A C   1 
ATOM   218  O  O   . VAL A 1 35  ? -12.060 13.624  1.265   1.00 32.23  ?  26  VAL A O   1 
ATOM   219  C  CB  . VAL A 1 35  ? -8.989  13.251  1.567   1.00 38.51  ?  26  VAL A CB  1 
ATOM   220  C  CG1 . VAL A 1 35  ? -8.865  12.078  2.537   1.00 39.05  ?  26  VAL A CG1 1 
ATOM   221  C  CG2 . VAL A 1 35  ? -7.615  13.674  1.054   1.00 38.34  ?  26  VAL A CG2 1 
ATOM   222  N  N   . ARG A 1 36  ? -11.697 11.395  1.111   1.00 35.37  ?  27  ARG A N   1 
ATOM   223  C  CA  . ARG A 1 36  ? -13.008 10.973  1.589   1.00 35.11  ?  27  ARG A CA  1 
ATOM   224  C  C   . ARG A 1 36  ? -12.867 9.961   2.719   1.00 33.84  ?  27  ARG A C   1 
ATOM   225  O  O   . ARG A 1 36  ? -11.989 9.114   2.679   1.00 34.90  ?  27  ARG A O   1 
ATOM   226  C  CB  . ARG A 1 36  ? -13.769 10.350  0.413   1.00 35.45  ?  27  ARG A CB  1 
ATOM   227  C  CG  . ARG A 1 36  ? -15.031 9.600   0.777   1.00 37.25  ?  27  ARG A CG  1 
ATOM   228  C  CD  . ARG A 1 36  ? -15.688 9.019   -0.464  1.00 38.74  ?  27  ARG A CD  1 
ATOM   229  N  NE  . ARG A 1 36  ? -16.173 10.077  -1.345  1.00 39.88  ?  27  ARG A NE  1 
ATOM   230  C  CZ  . ARG A 1 36  ? -17.282 10.794  -1.156  1.00 40.02  ?  27  ARG A CZ  1 
ATOM   231  N  NH1 . ARG A 1 36  ? -18.084 10.599  -0.104  1.00 41.90  ?  27  ARG A NH1 1 
ATOM   232  N  NH2 . ARG A 1 36  ? -17.597 11.726  -2.039  1.00 42.14  ?  27  ARG A NH2 1 
ATOM   233  N  N   . LEU A 1 37  ? -13.734 10.043  3.723   1.00 34.27  ?  28  LEU A N   1 
ATOM   234  C  CA  . LEU A 1 37  ? -13.864 8.968   4.695   1.00 34.32  ?  28  LEU A CA  1 
ATOM   235  C  C   . LEU A 1 37  ? -14.672 7.848   4.072   1.00 35.46  ?  28  LEU A C   1 
ATOM   236  O  O   . LEU A 1 37  ? -15.864 8.002   3.851   1.00 34.96  ?  28  LEU A O   1 
ATOM   237  C  CB  . LEU A 1 37  ? -14.546 9.427   5.987   1.00 35.17  ?  28  LEU A CB  1 
ATOM   238  C  CG  . LEU A 1 37  ? -14.767 8.318   7.032   1.00 35.89  ?  28  LEU A CG  1 
ATOM   239  C  CD1 . LEU A 1 37  ? -13.437 7.836   7.589   1.00 35.36  ?  28  LEU A CD1 1 
ATOM   240  C  CD2 . LEU A 1 37  ? -15.687 8.769   8.163   1.00 36.79  ?  28  LEU A CD2 1 
ATOM   241  N  N   . ASP A 1 38  ? -14.014 6.719   3.807   1.00 36.56  ?  29  ASP A N   1 
ATOM   242  C  CA  . ASP A 1 38  ? -14.678 5.507   3.341   1.00 38.30  ?  29  ASP A CA  1 
ATOM   243  C  C   . ASP A 1 38  ? -15.531 4.944   4.487   1.00 37.16  ?  29  ASP A C   1 
ATOM   244  O  O   . ASP A 1 38  ? -16.739 4.818   4.345   1.00 35.90  ?  29  ASP A O   1 
ATOM   245  C  CB  . ASP A 1 38  ? -13.612 4.500   2.850   1.00 40.90  ?  29  ASP A CB  1 
ATOM   246  C  CG  . ASP A 1 38  ? -14.177 3.139   2.400   1.00 44.05  ?  29  ASP A CG  1 
ATOM   247  O  OD1 . ASP A 1 38  ? -15.391 2.866   2.486   1.00 45.20  ?  29  ASP A OD1 1 
ATOM   248  O  OD2 . ASP A 1 38  ? -13.348 2.304   1.972   1.00 48.39  ?  29  ASP A OD2 1 
ATOM   249  N  N   . ARG A 1 39  ? -14.892 4.604   5.606   1.00 35.92  ?  30  ARG A N   1 
ATOM   250  C  CA  . ARG A 1 39  ? -15.588 4.100   6.799   1.00 35.92  ?  30  ARG A CA  1 
ATOM   251  C  C   . ARG A 1 39  ? -14.665 4.029   7.994   1.00 32.67  ?  30  ARG A C   1 
ATOM   252  O  O   . ARG A 1 39  ? -13.456 4.053   7.844   1.00 32.04  ?  30  ARG A O   1 
ATOM   253  C  CB  . ARG A 1 39  ? -16.169 2.698   6.588   1.00 39.17  ?  30  ARG A CB  1 
ATOM   254  C  CG  . ARG A 1 39  ? -15.117 1.616   6.395   1.00 43.88  ?  30  ARG A CG  1 
ATOM   255  C  CD  . ARG A 1 39  ? -15.725 0.375   5.782   1.00 48.53  ?  30  ARG A CD  1 
ATOM   256  N  NE  . ARG A 1 39  ? -14.735 -0.696  5.685   1.00 52.95  ?  30  ARG A NE  1 
ATOM   257  C  CZ  . ARG A 1 39  ? -14.001 -1.004  4.607   1.00 53.72  ?  30  ARG A CZ  1 
ATOM   258  N  NH1 . ARG A 1 39  ? -14.111 -0.324  3.462   1.00 53.66  ?  30  ARG A NH1 1 
ATOM   259  N  NH2 . ARG A 1 39  ? -13.135 -2.017  4.682   1.00 56.06  ?  30  ARG A NH2 1 
ATOM   260  N  N   . TYR A 1 40  ? -15.265 3.961   9.176   1.00 29.66  ?  31  TYR A N   1 
ATOM   261  C  CA  . TYR A 1 40  ? -14.557 3.641   10.398  1.00 29.15  ?  31  TYR A CA  1 
ATOM   262  C  C   . TYR A 1 40  ? -14.577 2.121   10.432  1.00 28.59  ?  31  TYR A C   1 
ATOM   263  O  O   . TYR A 1 40  ? -15.626 1.501   10.226  1.00 25.22  ?  31  TYR A O   1 
ATOM   264  C  CB  . TYR A 1 40  ? -15.294 4.260   11.575  1.00 29.18  ?  31  TYR A CB  1 
ATOM   265  C  CG  . TYR A 1 40  ? -14.750 4.027   12.974  1.00 29.63  ?  31  TYR A CG  1 
ATOM   266  C  CD1 . TYR A 1 40  ? -13.589 4.642   13.410  1.00 30.29  ?  31  TYR A CD1 1 
ATOM   267  C  CD2 . TYR A 1 40  ? -15.458 3.257   13.895  1.00 31.62  ?  31  TYR A CD2 1 
ATOM   268  C  CE1 . TYR A 1 40  ? -13.116 4.454   14.696  1.00 30.36  ?  31  TYR A CE1 1 
ATOM   269  C  CE2 . TYR A 1 40  ? -15.001 3.084   15.188  1.00 31.48  ?  31  TYR A CE2 1 
ATOM   270  C  CZ  . TYR A 1 40  ? -13.828 3.687   15.581  1.00 30.90  ?  31  TYR A CZ  1 
ATOM   271  O  OH  . TYR A 1 40  ? -13.366 3.518   16.863  1.00 32.28  ?  31  TYR A OH  1 
ATOM   272  N  N   . LEU A 1 41  ? -13.418 1.511   10.646  1.00 28.20  ?  32  LEU A N   1 
ATOM   273  C  CA  . LEU A 1 41  ? -13.327 0.055   10.580  1.00 28.47  ?  32  LEU A CA  1 
ATOM   274  C  C   . LEU A 1 41  ? -14.258 -0.577  11.616  1.00 29.57  ?  32  LEU A C   1 
ATOM   275  O  O   . LEU A 1 41  ? -14.508 -0.010  12.684  1.00 29.11  ?  32  LEU A O   1 
ATOM   276  C  CB  . LEU A 1 41  ? -11.896 -0.427  10.794  1.00 28.63  ?  32  LEU A CB  1 
ATOM   277  C  CG  . LEU A 1 41  ? -10.788 0.034   9.826   1.00 29.60  ?  32  LEU A CG  1 
ATOM   278  C  CD1 . LEU A 1 41  ? -9.489  -0.684  10.158  1.00 30.48  ?  32  LEU A CD1 1 
ATOM   279  C  CD2 . LEU A 1 41  ? -11.147 -0.213  8.371   1.00 28.96  ?  32  LEU A CD2 1 
ATOM   280  N  N   . TYR A 1 42  ? -14.783 -1.735  11.256  1.00 30.97  ?  33  TYR A N   1 
ATOM   281  C  CA  . TYR A 1 42  ? -15.665 -2.518  12.100  1.00 32.34  ?  33  TYR A CA  1 
ATOM   282  C  C   . TYR A 1 42  ? -14.876 -3.391  13.047  1.00 32.15  ?  33  TYR A C   1 
ATOM   283  O  O   . TYR A 1 42  ? -15.464 -3.991  13.932  1.00 35.53  ?  33  TYR A O   1 
ATOM   284  C  CB  . TYR A 1 42  ? -16.570 -3.415  11.238  1.00 34.10  ?  33  TYR A CB  1 
ATOM   285  C  CG  . TYR A 1 42  ? -17.576 -2.650  10.430  1.00 35.54  ?  33  TYR A CG  1 
ATOM   286  C  CD1 . TYR A 1 42  ? -17.245 -2.111  9.185   1.00 37.82  ?  33  TYR A CD1 1 
ATOM   287  C  CD2 . TYR A 1 42  ? -18.861 -2.450  10.903  1.00 37.13  ?  33  TYR A CD2 1 
ATOM   288  C  CE1 . TYR A 1 42  ? -18.173 -1.390  8.434   1.00 37.52  ?  33  TYR A CE1 1 
ATOM   289  C  CE2 . TYR A 1 42  ? -19.798 -1.734  10.153  1.00 39.62  ?  33  TYR A CE2 1 
ATOM   290  C  CZ  . TYR A 1 42  ? -19.448 -1.210  8.922   1.00 38.08  ?  33  TYR A CZ  1 
ATOM   291  O  OH  . TYR A 1 42  ? -20.367 -0.489  8.198   1.00 41.36  ?  33  TYR A OH  1 
ATOM   292  N  N   . THR A 1 43  ? -13.561 -3.500  12.848  1.00 31.65  ?  34  THR A N   1 
ATOM   293  C  CA  . THR A 1 43  ? -12.704 -4.282  13.730  1.00 29.96  ?  34  THR A CA  1 
ATOM   294  C  C   . THR A 1 43  ? -11.859 -3.347  14.573  1.00 29.64  ?  34  THR A C   1 
ATOM   295  O  O   . THR A 1 43  ? -11.562 -2.223  14.147  1.00 28.87  ?  34  THR A O   1 
ATOM   296  C  CB  . THR A 1 43  ? -11.807 -5.241  12.931  1.00 31.23  ?  34  THR A CB  1 
ATOM   297  O  OG1 . THR A 1 43  ? -11.109 -4.513  11.917  1.00 31.00  ?  34  THR A OG1 1 
ATOM   298  C  CG2 . THR A 1 43  ? -12.651 -6.336  12.276  1.00 32.34  ?  34  THR A CG2 1 
ATOM   299  N  N   . PRO A 1 44  ? -11.469 -3.798  15.781  1.00 29.62  ?  35  PRO A N   1 
ATOM   300  C  CA  . PRO A 1 44  ? -10.605 -3.025  16.655  1.00 29.29  ?  35  PRO A CA  1 
ATOM   301  C  C   . PRO A 1 44  ? -9.157  -3.053  16.175  1.00 27.31  ?  35  PRO A C   1 
ATOM   302  O  O   . PRO A 1 44  ? -8.271  -3.472  16.896  1.00 27.08  ?  35  PRO A O   1 
ATOM   303  C  CB  . PRO A 1 44  ? -10.772 -3.747  18.002  1.00 29.66  ?  35  PRO A CB  1 
ATOM   304  C  CG  . PRO A 1 44  ? -10.977 -5.165  17.622  1.00 29.51  ?  35  PRO A CG  1 
ATOM   305  C  CD  . PRO A 1 44  ? -11.854 -5.081  16.410  1.00 29.62  ?  35  PRO A CD  1 
ATOM   306  N  N   . MET A 1 45  ? -8.927  -2.574  14.961  1.00 29.54  ?  36  MET A N   1 
ATOM   307  C  CA  . MET A 1 45  ? -7.613  -2.656  14.301  1.00 30.13  ?  36  MET A CA  1 
ATOM   308  C  C   . MET A 1 45  ? -7.214  -1.296  13.788  1.00 28.26  ?  36  MET A C   1 
ATOM   309  O  O   . MET A 1 45  ? -8.044  -0.395  13.700  1.00 28.68  ?  36  MET A O   1 
ATOM   310  C  CB  . MET A 1 45  ? -7.648  -3.683  13.165  1.00 31.32  ?  36  MET A CB  1 
ATOM   311  C  CG  . MET A 1 45  ? -8.074  -5.049  13.662  1.00 32.43  ?  36  MET A CG  1 
ATOM   312  S  SD  . MET A 1 45  ? -7.814  -6.412  12.527  1.00 33.28  ?  36  MET A SD  1 
ATOM   313  C  CE  . MET A 1 45  ? -6.069  -6.760  12.752  1.00 33.00  ?  36  MET A CE  1 
ATOM   314  N  N   . ALA A 1 46  ? -5.927  -1.147  13.496  1.00 26.99  ?  37  ALA A N   1 
ATOM   315  C  CA  . ALA A 1 46  ? -5.376  0.134   13.100  1.00 26.81  ?  37  ALA A CA  1 
ATOM   316  C  C   . ALA A 1 46  ? -4.344  -0.101  12.013  1.00 26.66  ?  37  ALA A C   1 
ATOM   317  O  O   . ALA A 1 46  ? -3.582  -1.049  12.102  1.00 25.38  ?  37  ALA A O   1 
ATOM   318  C  CB  . ALA A 1 46  ? -4.744  0.811   14.303  1.00 27.52  ?  37  ALA A CB  1 
ATOM   319  N  N   . TYR A 1 47  ? -4.330  0.745   10.982  1.00 26.61  ?  38  TYR A N   1 
ATOM   320  C  CA  . TYR A 1 47  ? -3.393  0.576   9.875   1.00 27.99  ?  38  TYR A CA  1 
ATOM   321  C  C   . TYR A 1 47  ? -1.961  0.493   10.421  1.00 28.14  ?  38  TYR A C   1 
ATOM   322  O  O   . TYR A 1 47  ? -1.535  1.369   11.148  1.00 31.53  ?  38  TYR A O   1 
ATOM   323  C  CB  . TYR A 1 47  ? -3.565  1.672   8.808   1.00 27.72  ?  38  TYR A CB  1 
ATOM   324  C  CG  . TYR A 1 47  ? -4.662  1.330   7.824   1.00 27.78  ?  38  TYR A CG  1 
ATOM   325  C  CD1 . TYR A 1 47  ? -6.006  1.590   8.117   1.00 28.07  ?  38  TYR A CD1 1 
ATOM   326  C  CD2 . TYR A 1 47  ? -4.366  0.695   6.623   1.00 27.54  ?  38  TYR A CD2 1 
ATOM   327  C  CE1 . TYR A 1 47  ? -7.020  1.245   7.229   1.00 27.98  ?  38  TYR A CE1 1 
ATOM   328  C  CE2 . TYR A 1 47  ? -5.369  0.353   5.727   1.00 28.27  ?  38  TYR A CE2 1 
ATOM   329  C  CZ  . TYR A 1 47  ? -6.692  0.635   6.030   1.00 29.18  ?  38  TYR A CZ  1 
ATOM   330  O  OH  . TYR A 1 47  ? -7.678  0.274   5.129   1.00 32.33  ?  38  TYR A OH  1 
ATOM   331  N  N   . PRO A 1 48  ? -1.234  -0.589  10.108  1.00 29.82  ?  39  PRO A N   1 
ATOM   332  C  CA  . PRO A 1 48  ? 0.080   -0.824  10.716  1.00 30.86  ?  39  PRO A CA  1 
ATOM   333  C  C   . PRO A 1 48  ? 1.230   -0.016  10.091  1.00 30.17  ?  39  PRO A C   1 
ATOM   334  O  O   . PRO A 1 48  ? 2.301   0.071   10.686  1.00 33.81  ?  39  PRO A O   1 
ATOM   335  C  CB  . PRO A 1 48  ? 0.292   -2.312  10.467  1.00 31.27  ?  39  PRO A CB  1 
ATOM   336  C  CG  . PRO A 1 48  ? -0.338  -2.524  9.142   1.00 30.71  ?  39  PRO A CG  1 
ATOM   337  C  CD  . PRO A 1 48  ? -1.530  -1.607  9.087   1.00 30.30  ?  39  PRO A CD  1 
ATOM   338  N  N   . THR A 1 49  ? 1.014   0.537   8.905   1.00 29.10  ?  40  THR A N   1 
ATOM   339  C  CA  . THR A 1 49  ? 1.920   1.494   8.274   1.00 29.88  ?  40  THR A CA  1 
ATOM   340  C  C   . THR A 1 49  ? 1.084   2.575   7.621   1.00 29.85  ?  40  THR A C   1 
ATOM   341  O  O   . THR A 1 49  ? -0.125  2.410   7.393   1.00 31.79  ?  40  THR A O   1 
ATOM   342  C  CB  . THR A 1 49  ? 2.774   0.875   7.126   1.00 30.44  ?  40  THR A CB  1 
ATOM   343  O  OG1 . THR A 1 49  ? 1.943   0.640   5.986   1.00 32.16  ?  40  THR A OG1 1 
ATOM   344  C  CG2 . THR A 1 49  ? 3.427   -0.432  7.528   1.00 30.75  ?  40  THR A CG2 1 
ATOM   345  N  N   . ASP A 1 50  ? 1.744   3.665   7.265   1.00 31.41  ?  41  ASP A N   1 
ATOM   346  C  CA  . ASP A 1 50  ? 1.142   4.647   6.379   1.00 34.29  ?  41  ASP A CA  1 
ATOM   347  C  C   . ASP A 1 50  ? 0.783   3.941   5.042   1.00 32.88  ?  41  ASP A C   1 
ATOM   348  O  O   . ASP A 1 50  ? 1.530   3.090   4.543   1.00 29.88  ?  41  ASP A O   1 
ATOM   349  C  CB  . ASP A 1 50  ? 2.058   5.861   6.223   1.00 38.93  ?  41  ASP A CB  1 
ATOM   350  C  CG  . ASP A 1 50  ? 2.242   6.636   7.564   1.00 45.27  ?  41  ASP A CG  1 
ATOM   351  O  OD1 . ASP A 1 50  ? 2.964   6.156   8.499   1.00 49.28  ?  41  ASP A OD1 1 
ATOM   352  O  OD2 . ASP A 1 50  ? 1.660   7.737   7.680   1.00 47.64  ?  41  ASP A OD2 1 
ATOM   353  N  N   . TYR A 1 51  ? -0.409  4.242   4.545   1.00 31.38  ?  42  TYR A N   1 
ATOM   354  C  CA  . TYR A 1 51  ? -1.043  3.519   3.449   1.00 32.30  ?  42  TYR A CA  1 
ATOM   355  C  C   . TYR A 1 51  ? -1.565  4.539   2.458   1.00 31.72  ?  42  TYR A C   1 
ATOM   356  O  O   . TYR A 1 51  ? -2.173  5.546   2.850   1.00 28.08  ?  42  TYR A O   1 
ATOM   357  C  CB  . TYR A 1 51  ? -2.204  2.662   3.981   1.00 32.79  ?  42  TYR A CB  1 
ATOM   358  C  CG  . TYR A 1 51  ? -2.996  1.876   2.950   1.00 35.22  ?  42  TYR A CG  1 
ATOM   359  C  CD1 . TYR A 1 51  ? -2.618  0.595   2.592   1.00 37.83  ?  42  TYR A CD1 1 
ATOM   360  C  CD2 . TYR A 1 51  ? -4.155  2.398   2.365   1.00 39.57  ?  42  TYR A CD2 1 
ATOM   361  C  CE1 . TYR A 1 51  ? -3.345  -0.148  1.670   1.00 39.27  ?  42  TYR A CE1 1 
ATOM   362  C  CE2 . TYR A 1 51  ? -4.884  1.667   1.431   1.00 40.43  ?  42  TYR A CE2 1 
ATOM   363  C  CZ  . TYR A 1 51  ? -4.474  0.388   1.100   1.00 40.74  ?  42  TYR A CZ  1 
ATOM   364  O  OH  . TYR A 1 51  ? -5.181  -0.362  0.191   1.00 45.30  ?  42  TYR A OH  1 
ATOM   365  N  N   . GLY A 1 52  ? -1.308  4.280   1.177   1.00 31.38  ?  43  GLY A N   1 
ATOM   366  C  CA  . GLY A 1 52  ? -1.867  5.090   0.110   1.00 31.38  ?  43  GLY A CA  1 
ATOM   367  C  C   . GLY A 1 52  ? -1.792  4.401   -1.238  1.00 31.77  ?  43  GLY A C   1 
ATOM   368  O  O   . GLY A 1 52  ? -1.943  3.173   -1.339  1.00 29.24  ?  43  GLY A O   1 
ATOM   369  N  N   . PHE A 1 53  ? -1.568  5.201   -2.270  1.00 31.89  ?  44  PHE A N   1 
ATOM   370  C  CA  . PHE A 1 53  ? -1.452  4.703   -3.634  1.00 34.35  ?  44  PHE A CA  1 
ATOM   371  C  C   . PHE A 1 53  ? -0.386  5.478   -4.414  1.00 33.59  ?  44  PHE A C   1 
ATOM   372  O  O   . PHE A 1 53  ? -0.105  6.632   -4.133  1.00 31.33  ?  44  PHE A O   1 
ATOM   373  C  CB  . PHE A 1 53  ? -2.808  4.812   -4.353  1.00 34.77  ?  44  PHE A CB  1 
ATOM   374  C  CG  . PHE A 1 53  ? -3.298  6.226   -4.486  1.00 35.06  ?  44  PHE A CG  1 
ATOM   375  C  CD1 . PHE A 1 53  ? -4.000  6.821   -3.460  1.00 35.28  ?  44  PHE A CD1 1 
ATOM   376  C  CD2 . PHE A 1 53  ? -3.024  6.972   -5.623  1.00 35.74  ?  44  PHE A CD2 1 
ATOM   377  C  CE1 . PHE A 1 53  ? -4.430  8.141   -3.555  1.00 36.35  ?  44  PHE A CE1 1 
ATOM   378  C  CE2 . PHE A 1 53  ? -3.460  8.290   -5.735  1.00 36.32  ?  44  PHE A CE2 1 
ATOM   379  C  CZ  . PHE A 1 53  ? -4.162  8.879   -4.693  1.00 36.00  ?  44  PHE A CZ  1 
ATOM   380  N  N   . ILE A 1 54  ? 0.139   4.830   -5.443  1.00 36.30  ?  45  ILE A N   1 
ATOM   381  C  CA  . ILE A 1 54  ? 1.158   5.391   -6.320  1.00 36.88  ?  45  ILE A CA  1 
ATOM   382  C  C   . ILE A 1 54  ? 0.417   6.268   -7.350  1.00 39.82  ?  45  ILE A C   1 
ATOM   383  O  O   . ILE A 1 54  ? -0.551  5.816   -7.979  1.00 39.64  ?  45  ILE A O   1 
ATOM   384  C  CB  . ILE A 1 54  ? 1.979   4.253   -6.970  1.00 35.40  ?  45  ILE A CB  1 
ATOM   385  C  CG1 . ILE A 1 54  ? 2.484   3.308   -5.874  1.00 34.11  ?  45  ILE A CG1 1 
ATOM   386  C  CG2 . ILE A 1 54  ? 3.148   4.802   -7.778  1.00 35.94  ?  45  ILE A CG2 1 
ATOM   387  C  CD1 . ILE A 1 54  ? 3.277   2.123   -6.345  1.00 35.28  ?  45  ILE A CD1 1 
ATOM   388  N  N   . GLU A 1 55  ? 0.824   7.532   -7.464  1.00 42.28  ?  46  GLU A N   1 
ATOM   389  C  CA  . GLU A 1 55  ? 0.245   8.457   -8.455  1.00 45.41  ?  46  GLU A CA  1 
ATOM   390  C  C   . GLU A 1 55  ? 0.586   7.963   -9.869  1.00 45.95  ?  46  GLU A C   1 
ATOM   391  O  O   . GLU A 1 55  ? 1.647   7.361   -10.073 1.00 44.38  ?  46  GLU A O   1 
ATOM   392  C  CB  . GLU A 1 55  ? 0.786   9.890   -8.262  1.00 45.71  ?  46  GLU A CB  1 
ATOM   393  C  CG  . GLU A 1 55  ? 0.285   10.634  -7.017  1.00 47.13  ?  46  GLU A CG  1 
ATOM   394  C  CD  . GLU A 1 55  ? -1.101  11.274  -7.170  1.00 51.71  ?  46  GLU A CD  1 
ATOM   395  O  OE1 . GLU A 1 55  ? -1.557  11.575  -8.302  1.00 50.96  ?  46  GLU A OE1 1 
ATOM   396  O  OE2 . GLU A 1 55  ? -1.758  11.498  -6.132  1.00 56.86  ?  46  GLU A OE2 1 
ATOM   397  N  N   . ASP A 1 56  ? -0.321  8.200   -10.822 1.00 47.71  ?  47  ASP A N   1 
ATOM   398  C  CA  . ASP A 1 56  ? -0.128  7.792   -12.226 1.00 52.65  ?  47  ASP A CA  1 
ATOM   399  C  C   . ASP A 1 56  ? 0.080   6.274   -12.354 1.00 49.85  ?  47  ASP A C   1 
ATOM   400  O  O   . ASP A 1 56  ? 1.057   5.813   -12.953 1.00 46.16  ?  47  ASP A O   1 
ATOM   401  C  CB  . ASP A 1 56  ? 1.060   8.549   -12.876 1.00 56.35  ?  47  ASP A CB  1 
ATOM   402  C  CG  . ASP A 1 56  ? 0.940   10.071  -12.751 1.00 59.56  ?  47  ASP A CG  1 
ATOM   403  O  OD1 . ASP A 1 56  ? -0.197  10.585  -12.665 1.00 56.60  ?  47  ASP A OD1 1 
ATOM   404  O  OD2 . ASP A 1 56  ? 1.995   10.749  -12.751 1.00 65.54  ?  47  ASP A OD2 1 
ATOM   405  N  N   . THR A 1 57  ? -0.822  5.510   -11.743 1.00 47.82  ?  48  THR A N   1 
ATOM   406  C  CA  . THR A 1 57  ? -0.854  4.067   -11.925 1.00 47.63  ?  48  THR A CA  1 
ATOM   407  C  C   . THR A 1 57  ? -2.271  3.597   -12.175 1.00 49.03  ?  48  THR A C   1 
ATOM   408  O  O   . THR A 1 57  ? -3.249  4.239   -11.775 1.00 47.38  ?  48  THR A O   1 
ATOM   409  C  CB  . THR A 1 57  ? -0.258  3.254   -10.742 1.00 48.44  ?  48  THR A CB  1 
ATOM   410  O  OG1 . THR A 1 57  ? -0.910  3.593   -9.501  1.00 45.40  ?  48  THR A OG1 1 
ATOM   411  C  CG2 . THR A 1 57  ? 1.255   3.470   -10.642 1.00 47.09  ?  48  THR A CG2 1 
ATOM   412  N  N   . LEU A 1 58  ? -2.341  2.474   -12.878 1.00 51.94  ?  49  LEU A N   1 
ATOM   413  C  CA  . LEU A 1 58  ? -3.562  1.733   -13.096 1.00 55.36  ?  49  LEU A CA  1 
ATOM   414  C  C   . LEU A 1 58  ? -3.177  0.281   -12.826 1.00 52.35  ?  49  LEU A C   1 
ATOM   415  O  O   . LEU A 1 58  ? -2.531  -0.363  -13.639 1.00 49.97  ?  49  LEU A O   1 
ATOM   416  C  CB  . LEU A 1 58  ? -4.064  1.959   -14.528 1.00 57.91  ?  49  LEU A CB  1 
ATOM   417  C  CG  . LEU A 1 58  ? -5.520  1.639   -14.875 1.00 60.70  ?  49  LEU A CG  1 
ATOM   418  C  CD1 . LEU A 1 58  ? -6.493  2.335   -13.933 1.00 62.70  ?  49  LEU A CD1 1 
ATOM   419  C  CD2 . LEU A 1 58  ? -5.792  2.058   -16.310 1.00 59.85  ?  49  LEU A CD2 1 
ATOM   420  N  N   . GLY A 1 59  ? -3.520  -0.197  -11.637 1.00 51.98  ?  50  GLY A N   1 
ATOM   421  C  CA  . GLY A 1 59  ? -3.165  -1.537  -11.217 1.00 53.75  ?  50  GLY A CA  1 
ATOM   422  C  C   . GLY A 1 59  ? -3.946  -2.636  -11.911 1.00 55.43  ?  50  GLY A C   1 
ATOM   423  O  O   . GLY A 1 59  ? -4.902  -2.389  -12.668 1.00 53.98  ?  50  GLY A O   1 
ATOM   424  N  N   . ASP A 1 60  ? -3.545  -3.858  -11.583 1.00 58.85  ?  51  ASP A N   1 
ATOM   425  C  CA  . ASP A 1 60  ? -4.134  -5.094  -12.105 1.00 64.56  ?  51  ASP A CA  1 
ATOM   426  C  C   . ASP A 1 60  ? -5.661  -5.232  -11.902 1.00 65.28  ?  51  ASP A C   1 
ATOM   427  O  O   . ASP A 1 60  ? -6.273  -6.117  -12.499 1.00 74.53  ?  51  ASP A O   1 
ATOM   428  C  CB  . ASP A 1 60  ? -3.415  -6.310  -11.468 1.00 64.03  ?  51  ASP A CB  1 
ATOM   429  C  CG  . ASP A 1 60  ? -1.942  -6.476  -11.938 1.00 65.24  ?  51  ASP A CG  1 
ATOM   430  O  OD1 . ASP A 1 60  ? -1.483  -5.767  -12.865 1.00 59.90  ?  51  ASP A OD1 1 
ATOM   431  O  OD2 . ASP A 1 60  ? -1.232  -7.341  -11.367 1.00 70.34  ?  51  ASP A OD2 1 
ATOM   432  N  N   . ASP A 1 61  ? -6.252  -4.381  -11.057 1.00 65.24  ?  52  ASP A N   1 
ATOM   433  C  CA  . ASP A 1 61  ? -7.698  -4.350  -10.780 1.00 63.80  ?  52  ASP A CA  1 
ATOM   434  C  C   . ASP A 1 61  ? -8.448  -3.114  -11.293 1.00 60.54  ?  52  ASP A C   1 
ATOM   435  O  O   . ASP A 1 61  ? -9.607  -2.906  -10.932 1.00 53.40  ?  52  ASP A O   1 
ATOM   436  C  CB  . ASP A 1 61  ? -7.927  -4.463  -9.261  1.00 71.30  ?  52  ASP A CB  1 
ATOM   437  C  CG  . ASP A 1 61  ? -7.468  -3.203  -8.471  1.00 76.06  ?  52  ASP A CG  1 
ATOM   438  O  OD1 . ASP A 1 61  ? -6.473  -2.544  -8.870  1.00 74.22  ?  52  ASP A OD1 1 
ATOM   439  O  OD2 . ASP A 1 61  ? -8.105  -2.885  -7.439  1.00 76.86  ?  52  ASP A OD2 1 
ATOM   440  N  N   . GLY A 1 62  ? -7.794  -2.283  -12.102 1.00 63.08  ?  53  GLY A N   1 
ATOM   441  C  CA  . GLY A 1 62  ? -8.405  -1.040  -12.593 1.00 63.73  ?  53  GLY A CA  1 
ATOM   442  C  C   . GLY A 1 62  ? -8.427  0.188   -11.676 1.00 61.42  ?  53  GLY A C   1 
ATOM   443  O  O   . GLY A 1 62  ? -8.941  1.223   -12.091 1.00 59.68  ?  53  GLY A O   1 
ATOM   444  N  N   . ASP A 1 63  ? -7.894  0.083   -10.450 1.00 61.91  ?  54  ASP A N   1 
ATOM   445  C  CA  . ASP A 1 63  ? -7.675  1.233   -9.546  1.00 59.12  ?  54  ASP A CA  1 
ATOM   446  C  C   . ASP A 1 63  ? -6.185  1.559   -9.500  1.00 52.74  ?  54  ASP A C   1 
ATOM   447  O  O   . ASP A 1 63  ? -5.367  0.742   -9.925  1.00 49.50  ?  54  ASP A O   1 
ATOM   448  C  CB  . ASP A 1 63  ? -8.096  0.882   -8.111  1.00 68.71  ?  54  ASP A CB  1 
ATOM   449  C  CG  . ASP A 1 63  ? -9.552  0.479   -7.996  1.00 74.27  ?  54  ASP A CG  1 
ATOM   450  O  OD1 . ASP A 1 63  ? -10.361 0.907   -8.844  1.00 77.09  ?  54  ASP A OD1 1 
ATOM   451  O  OD2 . ASP A 1 63  ? -9.885  -0.257  -7.035  1.00 79.49  ?  54  ASP A OD2 1 
ATOM   452  N  N   . PRO A 1 64  ? -5.805  2.724   -8.927  1.00 48.75  ?  55  PRO A N   1 
ATOM   453  C  CA  . PRO A 1 64  ? -4.362  2.915   -8.719  1.00 45.34  ?  55  PRO A CA  1 
ATOM   454  C  C   . PRO A 1 64  ? -3.755  1.857   -7.780  1.00 41.51  ?  55  PRO A C   1 
ATOM   455  O  O   . PRO A 1 64  ? -4.431  1.302   -6.916  1.00 41.34  ?  55  PRO A O   1 
ATOM   456  C  CB  . PRO A 1 64  ? -4.262  4.319   -8.119  1.00 44.09  ?  55  PRO A CB  1 
ATOM   457  C  CG  . PRO A 1 64  ? -5.531  4.985   -8.526  1.00 47.42  ?  55  PRO A CG  1 
ATOM   458  C  CD  . PRO A 1 64  ? -6.569  3.904   -8.491  1.00 47.92  ?  55  PRO A CD  1 
ATOM   459  N  N   . LEU A 1 65  ? -2.485  1.587   -7.996  1.00 38.77  ?  56  LEU A N   1 
ATOM   460  C  CA  . LEU A 1 65  ? -1.750  0.584   -7.266  1.00 39.74  ?  56  LEU A CA  1 
ATOM   461  C  C   . LEU A 1 65  ? -1.512  1.064   -5.828  1.00 38.64  ?  56  LEU A C   1 
ATOM   462  O  O   . LEU A 1 65  ? -1.017  2.170   -5.619  1.00 35.43  ?  56  LEU A O   1 
ATOM   463  C  CB  . LEU A 1 65  ? -0.415  0.357   -7.991  1.00 41.49  ?  56  LEU A CB  1 
ATOM   464  C  CG  . LEU A 1 65  ? 0.502   -0.799  -7.616  1.00 42.72  ?  56  LEU A CG  1 
ATOM   465  C  CD1 . LEU A 1 65  ? -0.251  -2.117  -7.498  1.00 43.16  ?  56  LEU A CD1 1 
ATOM   466  C  CD2 . LEU A 1 65  ? 1.598   -0.893  -8.660  1.00 43.39  ?  56  LEU A CD2 1 
ATOM   467  N  N   . ASP A 1 66  ? -1.889  0.229   -4.860  1.00 39.20  ?  57  ASP A N   1 
ATOM   468  C  CA  . ASP A 1 66  ? -1.776  0.543   -3.437  1.00 40.09  ?  57  ASP A CA  1 
ATOM   469  C  C   . ASP A 1 66  ? -0.335  0.399   -2.955  1.00 39.59  ?  57  ASP A C   1 
ATOM   470  O  O   . ASP A 1 66  ? 0.414   -0.435  -3.459  1.00 39.40  ?  57  ASP A O   1 
ATOM   471  C  CB  . ASP A 1 66  ? -2.687  -0.377  -2.598  1.00 43.21  ?  57  ASP A CB  1 
ATOM   472  C  CG  . ASP A 1 66  ? -4.175  -0.040  -2.733  1.00 46.18  ?  57  ASP A CG  1 
ATOM   473  O  OD1 . ASP A 1 66  ? -4.526  1.116   -3.065  1.00 47.29  ?  57  ASP A OD1 1 
ATOM   474  O  OD2 . ASP A 1 66  ? -5.005  -0.939  -2.471  1.00 49.85  ?  57  ASP A OD2 1 
ATOM   475  N  N   . ALA A 1 67  ? 0.032   1.209   -1.960  1.00 38.44  ?  58  ALA A N   1 
ATOM   476  C  CA  . ALA A 1 67  ? 1.366   1.200   -1.382  1.00 36.14  ?  58  ALA A CA  1 
ATOM   477  C  C   . ALA A 1 67  ? 1.337   1.352   0.130   1.00 36.94  ?  58  ALA A C   1 
ATOM   478  O  O   . ALA A 1 67  ? 0.481   2.038   0.690   1.00 40.49  ?  58  ALA A O   1 
ATOM   479  C  CB  . ALA A 1 67  ? 2.199   2.312   -1.987  1.00 37.85  ?  58  ALA A CB  1 
ATOM   480  N  N   . LEU A 1 68  ? 2.293   0.701   0.779   1.00 35.32  ?  59  LEU A N   1 
ATOM   481  C  CA  . LEU A 1 68  ? 2.529   0.818   2.203   1.00 33.57  ?  59  LEU A CA  1 
ATOM   482  C  C   . LEU A 1 68  ? 3.876   1.481   2.313   1.00 32.73  ?  59  LEU A C   1 
ATOM   483  O  O   . LEU A 1 68  ? 4.828   1.002   1.705   1.00 30.34  ?  59  LEU A O   1 
ATOM   484  C  CB  . LEU A 1 68  ? 2.593   -0.566  2.845   1.00 35.11  ?  59  LEU A CB  1 
ATOM   485  C  CG  . LEU A 1 68  ? 1.360   -1.441  2.615   1.00 36.89  ?  59  LEU A CG  1 
ATOM   486  C  CD1 . LEU A 1 68  ? 1.709   -2.899  2.804   1.00 39.47  ?  59  LEU A CD1 1 
ATOM   487  C  CD2 . LEU A 1 68  ? 0.273   -1.034  3.580   1.00 38.68  ?  59  LEU A CD2 1 
ATOM   488  N  N   . VAL A 1 69  ? 3.969   2.576   3.066   1.00 32.13  ?  60  VAL A N   1 
ATOM   489  C  CA  . VAL A 1 69  ? 5.240   3.273   3.216   1.00 32.91  ?  60  VAL A CA  1 
ATOM   490  C  C   . VAL A 1 69  ? 5.684   3.268   4.671   1.00 32.80  ?  60  VAL A C   1 
ATOM   491  O  O   . VAL A 1 69  ? 4.971   3.756   5.553   1.00 32.85  ?  60  VAL A O   1 
ATOM   492  C  CB  . VAL A 1 69  ? 5.177   4.721   2.701   1.00 34.09  ?  60  VAL A CB  1 
ATOM   493  C  CG1 . VAL A 1 69  ? 6.590   5.294   2.556   1.00 36.11  ?  60  VAL A CG1 1 
ATOM   494  C  CG2 . VAL A 1 69  ? 4.449   4.777   1.374   1.00 34.91  ?  60  VAL A CG2 1 
ATOM   495  N  N   . LEU A 1 70  ? 6.864   2.705   4.902   1.00 33.40  ?  61  LEU A N   1 
ATOM   496  C  CA  . LEU A 1 70  ? 7.472   2.676   6.210   1.00 33.76  ?  61  LEU A CA  1 
ATOM   497  C  C   . LEU A 1 70  ? 8.061   4.054   6.448   1.00 35.78  ?  61  LEU A C   1 
ATOM   498  O  O   . LEU A 1 70  ? 8.850   4.532   5.627   1.00 34.09  ?  61  LEU A O   1 
ATOM   499  C  CB  . LEU A 1 70  ? 8.566   1.626   6.274   1.00 34.59  ?  61  LEU A CB  1 
ATOM   500  C  CG  . LEU A 1 70  ? 8.136   0.185   5.996   1.00 36.26  ?  61  LEU A CG  1 
ATOM   501  C  CD1 . LEU A 1 70  ? 9.362   -0.704  5.986   1.00 36.41  ?  61  LEU A CD1 1 
ATOM   502  C  CD2 . LEU A 1 70  ? 7.142   -0.306  7.040   1.00 36.80  ?  61  LEU A CD2 1 
ATOM   503  N  N   . LEU A 1 71  ? 7.648   4.685   7.553   1.00 33.92  ?  62  LEU A N   1 
ATOM   504  C  CA  . LEU A 1 71  ? 8.079   6.024   7.920   1.00 34.89  ?  62  LEU A CA  1 
ATOM   505  C  C   . LEU A 1 71  ? 8.485   6.075   9.393   1.00 32.81  ?  62  LEU A C   1 
ATOM   506  O  O   . LEU A 1 71  ? 7.954   5.326   10.199  1.00 29.96  ?  62  LEU A O   1 
ATOM   507  C  CB  . LEU A 1 71  ? 6.949   7.009   7.676   1.00 36.27  ?  62  LEU A CB  1 
ATOM   508  C  CG  . LEU A 1 71  ? 6.494   7.190   6.226   1.00 38.03  ?  62  LEU A CG  1 
ATOM   509  C  CD1 . LEU A 1 71  ? 5.211   7.992   6.183   1.00 39.15  ?  62  LEU A CD1 1 
ATOM   510  C  CD2 . LEU A 1 71  ? 7.565   7.871   5.390   1.00 37.90  ?  62  LEU A CD2 1 
ATOM   511  N  N   . PRO A 1 72  ? 9.442   6.953   9.746   1.00 32.56  ?  63  PRO A N   1 
ATOM   512  C  CA  . PRO A 1 72  ? 9.721   7.149   11.194  1.00 32.20  ?  63  PRO A CA  1 
ATOM   513  C  C   . PRO A 1 72  ? 8.582   7.847   11.980  1.00 31.16  ?  63  PRO A C   1 
ATOM   514  O  O   . PRO A 1 72  ? 8.474   7.689   13.183  1.00 31.57  ?  63  PRO A O   1 
ATOM   515  C  CB  . PRO A 1 72  ? 11.003  7.990   11.192  1.00 31.56  ?  63  PRO A CB  1 
ATOM   516  C  CG  . PRO A 1 72  ? 10.978  8.700   9.877   1.00 33.14  ?  63  PRO A CG  1 
ATOM   517  C  CD  . PRO A 1 72  ? 10.348  7.746   8.896   1.00 31.58  ?  63  PRO A CD  1 
ATOM   518  N  N   . GLN A 1 73  ? 7.745   8.598   11.281  1.00 31.23  ?  64  GLN A N   1 
ATOM   519  C  CA  . GLN A 1 73  ? 6.662   9.337   11.880  1.00 31.80  ?  64  GLN A CA  1 
ATOM   520  C  C   . GLN A 1 73  ? 5.585   9.471   10.829  1.00 29.71  ?  64  GLN A C   1 
ATOM   521  O  O   . GLN A 1 73  ? 5.903   9.822   9.693   1.00 28.09  ?  64  GLN A O   1 
ATOM   522  C  CB  . GLN A 1 73  ? 7.138   10.717  12.304  1.00 34.54  ?  64  GLN A CB  1 
ATOM   523  C  CG  . GLN A 1 73  ? 6.128   11.460  13.171  1.00 38.47  ?  64  GLN A CG  1 
ATOM   524  C  CD  . GLN A 1 73  ? 6.624   12.839  13.556  1.00 40.98  ?  64  GLN A CD  1 
ATOM   525  O  OE1 . GLN A 1 73  ? 7.598   12.966  14.304  1.00 43.37  ?  64  GLN A OE1 1 
ATOM   526  N  NE2 . GLN A 1 73  ? 5.978   13.880  13.033  1.00 42.07  ?  64  GLN A NE2 1 
ATOM   527  N  N   . PRO A 1 74  ? 4.319   9.179   11.181  1.00 31.43  ?  65  PRO A N   1 
ATOM   528  C  CA  . PRO A 1 74  ? 3.260   9.259   10.163  1.00 33.91  ?  65  PRO A CA  1 
ATOM   529  C  C   . PRO A 1 74  ? 3.078   10.668  9.579   1.00 34.51  ?  65  PRO A C   1 
ATOM   530  O  O   . PRO A 1 74  ? 3.511   11.655  10.185  1.00 33.58  ?  65  PRO A O   1 
ATOM   531  C  CB  . PRO A 1 74  ? 1.987   8.847   10.935  1.00 34.46  ?  65  PRO A CB  1 
ATOM   532  C  CG  . PRO A 1 74  ? 2.468   8.241   12.221  1.00 33.24  ?  65  PRO A CG  1 
ATOM   533  C  CD  . PRO A 1 74  ? 3.748   8.951   12.525  1.00 32.06  ?  65  PRO A CD  1 
ATOM   534  N  N   . VAL A 1 75  ? 2.460   10.741  8.408   1.00 36.46  ?  66  VAL A N   1 
ATOM   535  C  CA  . VAL A 1 75  ? 2.128   12.014  7.770   1.00 38.08  ?  66  VAL A CA  1 
ATOM   536  C  C   . VAL A 1 75  ? 0.609   12.209  7.865   1.00 39.25  ?  66  VAL A C   1 
ATOM   537  O  O   . VAL A 1 75  ? -0.047  11.457  8.563   1.00 43.46  ?  66  VAL A O   1 
ATOM   538  C  CB  . VAL A 1 75  ? 2.695   12.091  6.330   1.00 37.78  ?  66  VAL A CB  1 
ATOM   539  C  CG1 . VAL A 1 75  ? 4.182   11.800  6.350   1.00 37.98  ?  66  VAL A CG1 1 
ATOM   540  C  CG2 . VAL A 1 75  ? 1.999   11.131  5.370   1.00 38.88  ?  66  VAL A CG2 1 
ATOM   541  N  N   . PHE A 1 76  ? 0.070   13.233  7.203   1.00 40.24  ?  67  PHE A N   1 
ATOM   542  C  CA  . PHE A 1 76  ? -1.372  13.515  7.161   1.00 39.16  ?  67  PHE A CA  1 
ATOM   543  C  C   . PHE A 1 76  ? -1.961  12.952  5.877   1.00 37.07  ?  67  PHE A C   1 
ATOM   544  O  O   . PHE A 1 76  ? -1.226  12.739  4.928   1.00 34.24  ?  67  PHE A O   1 
ATOM   545  C  CB  . PHE A 1 76  ? -1.611  15.039  7.205   1.00 42.61  ?  67  PHE A CB  1 
ATOM   546  C  CG  . PHE A 1 76  ? -1.151  15.691  8.489   1.00 47.11  ?  67  PHE A CG  1 
ATOM   547  C  CD1 . PHE A 1 76  ? 0.183   16.061  8.665   1.00 48.96  ?  67  PHE A CD1 1 
ATOM   548  C  CD2 . PHE A 1 76  ? -2.052  15.921  9.540   1.00 48.07  ?  67  PHE A CD2 1 
ATOM   549  C  CE1 . PHE A 1 76  ? 0.611   16.660  9.856   1.00 51.18  ?  67  PHE A CE1 1 
ATOM   550  C  CE2 . PHE A 1 76  ? -1.629  16.516  10.730  1.00 48.62  ?  67  PHE A CE2 1 
ATOM   551  C  CZ  . PHE A 1 76  ? -0.298  16.888  10.889  1.00 50.11  ?  67  PHE A CZ  1 
ATOM   552  N  N   . PRO A 1 77  ? -3.293  12.731  5.819   1.00 36.08  ?  68  PRO A N   1 
ATOM   553  C  CA  . PRO A 1 77  ? -3.855  12.251  4.564   1.00 36.42  ?  68  PRO A CA  1 
ATOM   554  C  C   . PRO A 1 77  ? -3.677  13.256  3.429   1.00 37.39  ?  68  PRO A C   1 
ATOM   555  O  O   . PRO A 1 77  ? -3.768  14.463  3.660   1.00 37.68  ?  68  PRO A O   1 
ATOM   556  C  CB  . PRO A 1 77  ? -5.343  12.084  4.891   1.00 36.61  ?  68  PRO A CB  1 
ATOM   557  C  CG  . PRO A 1 77  ? -5.372  11.836  6.345   1.00 37.32  ?  68  PRO A CG  1 
ATOM   558  C  CD  . PRO A 1 77  ? -4.320  12.779  6.871   1.00 37.23  ?  68  PRO A CD  1 
ATOM   559  N  N   . GLY A 1 78  ? -3.419  12.751  2.225   1.00 36.65  ?  69  GLY A N   1 
ATOM   560  C  CA  . GLY A 1 78  ? -3.212  13.589  1.043   1.00 35.88  ?  69  GLY A CA  1 
ATOM   561  C  C   . GLY A 1 78  ? -1.794  14.058  0.782   1.00 36.21  ?  69  GLY A C   1 
ATOM   562  O  O   . GLY A 1 78  ? -1.541  14.692  -0.238  1.00 40.67  ?  69  GLY A O   1 
ATOM   563  N  N   . VAL A 1 79  ? -0.861  13.738  1.673   1.00 37.11  ?  70  VAL A N   1 
ATOM   564  C  CA  . VAL A 1 79  ? 0.546   14.150  1.527   1.00 36.58  ?  70  VAL A CA  1 
ATOM   565  C  C   . VAL A 1 79  ? 1.264   13.234  0.527   1.00 36.05  ?  70  VAL A C   1 
ATOM   566  O  O   . VAL A 1 79  ? 1.063   12.015  0.539   1.00 38.33  ?  70  VAL A O   1 
ATOM   567  C  CB  . VAL A 1 79  ? 1.252   14.131  2.908   1.00 36.12  ?  70  VAL A CB  1 
ATOM   568  C  CG1 . VAL A 1 79  ? 2.746   14.387  2.795   1.00 35.07  ?  70  VAL A CG1 1 
ATOM   569  C  CG2 . VAL A 1 79  ? 0.604   15.170  3.821   1.00 37.48  ?  70  VAL A CG2 1 
ATOM   570  N  N   . LEU A 1 80  ? 2.094   13.822  -0.331  1.00 36.00  ?  71  LEU A N   1 
ATOM   571  C  CA  . LEU A 1 80  ? 2.935   13.059  -1.265  1.00 35.04  ?  71  LEU A CA  1 
ATOM   572  C  C   . LEU A 1 80  ? 4.221   12.651  -0.592  1.00 34.85  ?  71  LEU A C   1 
ATOM   573  O  O   . LEU A 1 80  ? 4.828   13.446  0.119   1.00 34.80  ?  71  LEU A O   1 
ATOM   574  C  CB  . LEU A 1 80  ? 3.312   13.897  -2.482  1.00 37.45  ?  71  LEU A CB  1 
ATOM   575  C  CG  . LEU A 1 80  ? 2.251   14.195  -3.540  1.00 39.51  ?  71  LEU A CG  1 
ATOM   576  C  CD1 . LEU A 1 80  ? 2.704   15.314  -4.475  1.00 39.62  ?  71  LEU A CD1 1 
ATOM   577  C  CD2 . LEU A 1 80  ? 1.962   12.937  -4.335  1.00 41.10  ?  71  LEU A CD2 1 
ATOM   578  N  N   . VAL A 1 81  ? 4.659   11.427  -0.849  1.00 34.74  ?  72  VAL A N   1 
ATOM   579  C  CA  . VAL A 1 81  ? 5.948   10.930  -0.367  1.00 34.74  ?  72  VAL A CA  1 
ATOM   580  C  C   . VAL A 1 81  ? 6.663   10.248  -1.552  1.00 35.03  ?  72  VAL A C   1 
ATOM   581  O  O   . VAL A 1 81  ? 6.123   9.317   -2.152  1.00 35.37  ?  72  VAL A O   1 
ATOM   582  C  CB  . VAL A 1 81  ? 5.760   9.937   0.811   1.00 34.51  ?  72  VAL A CB  1 
ATOM   583  C  CG1 . VAL A 1 81  ? 7.093   9.495   1.390   1.00 35.18  ?  72  VAL A CG1 1 
ATOM   584  C  CG2 . VAL A 1 81  ? 4.920   10.562  1.906   1.00 37.50  ?  72  VAL A CG2 1 
ATOM   585  N  N   . ALA A 1 82  ? 7.860   10.722  -1.889  1.00 34.60  ?  73  ALA A N   1 
ATOM   586  C  CA  . ALA A 1 82  ? 8.715   10.051  -2.861  1.00 34.94  ?  73  ALA A CA  1 
ATOM   587  C  C   . ALA A 1 82  ? 9.275   8.798   -2.215  1.00 34.93  ?  73  ALA A C   1 
ATOM   588  O  O   . ALA A 1 82  ? 9.928   8.879   -1.182  1.00 35.09  ?  73  ALA A O   1 
ATOM   589  C  CB  . ALA A 1 82  ? 9.853   10.962  -3.309  1.00 35.02  ?  73  ALA A CB  1 
ATOM   590  N  N   . ALA A 1 83  ? 9.044   7.647   -2.849  1.00 35.86  ?  74  ALA A N   1 
ATOM   591  C  CA  . ALA A 1 83  ? 9.294   6.337   -2.238  1.00 36.34  ?  74  ALA A CA  1 
ATOM   592  C  C   . ALA A 1 83  ? 9.933   5.387   -3.233  1.00 35.51  ?  74  ALA A C   1 
ATOM   593  O  O   . ALA A 1 83  ? 9.774   5.564   -4.440  1.00 38.20  ?  74  ALA A O   1 
ATOM   594  C  CB  . ALA A 1 83  ? 7.978   5.750   -1.741  1.00 35.59  ?  74  ALA A CB  1 
ATOM   595  N  N   . ARG A 1 84  ? 10.644  4.381   -2.726  1.00 33.72  ?  75  ARG A N   1 
ATOM   596  C  CA  . ARG A 1 84  ? 11.130  3.291   -3.562  1.00 35.05  ?  75  ARG A CA  1 
ATOM   597  C  C   . ARG A 1 84  ? 10.674  1.945   -3.011  1.00 34.98  ?  75  ARG A C   1 
ATOM   598  O  O   . ARG A 1 84  ? 10.622  1.764   -1.811  1.00 32.41  ?  75  ARG A O   1 
ATOM   599  C  CB  . ARG A 1 84  ? 12.647  3.337   -3.744  1.00 34.60  ?  75  ARG A CB  1 
ATOM   600  C  CG  . ARG A 1 84  ? 13.454  3.079   -2.499  1.00 35.86  ?  75  ARG A CG  1 
ATOM   601  C  CD  . ARG A 1 84  ? 14.952  3.164   -2.757  1.00 34.84  ?  75  ARG A CD  1 
ATOM   602  N  NE  . ARG A 1 84  ? 15.652  3.262   -1.490  1.00 31.87  ?  75  ARG A NE  1 
ATOM   603  C  CZ  . ARG A 1 84  ? 15.863  2.250   -0.654  1.00 34.08  ?  75  ARG A CZ  1 
ATOM   604  N  NH1 . ARG A 1 84  ? 15.474  1.015   -0.954  1.00 36.16  ?  75  ARG A NH1 1 
ATOM   605  N  NH2 . ARG A 1 84  ? 16.483  2.469   0.507   1.00 36.15  ?  75  ARG A NH2 1 
ATOM   606  N  N   . PRO A 1 85  ? 10.357  0.989   -3.905  1.00 37.90  ?  76  PRO A N   1 
ATOM   607  C  CA  . PRO A 1 85  ? 9.823   -0.297  -3.476  1.00 36.88  ?  76  PRO A CA  1 
ATOM   608  C  C   . PRO A 1 85  ? 10.925  -1.254  -3.022  1.00 38.03  ?  76  PRO A C   1 
ATOM   609  O  O   . PRO A 1 85  ? 12.051  -1.198  -3.526  1.00 37.69  ?  76  PRO A O   1 
ATOM   610  C  CB  . PRO A 1 85  ? 9.163   -0.817  -4.740  1.00 39.05  ?  76  PRO A CB  1 
ATOM   611  C  CG  . PRO A 1 85  ? 10.032  -0.293  -5.848  1.00 39.23  ?  76  PRO A CG  1 
ATOM   612  C  CD  . PRO A 1 85  ? 10.620  1.003   -5.361  1.00 38.82  ?  76  PRO A CD  1 
ATOM   613  N  N   . VAL A 1 86  ? 10.584  -2.081  -2.036  1.00 36.34  ?  77  VAL A N   1 
ATOM   614  C  CA  . VAL A 1 86  ? 11.439  -3.136  -1.509  1.00 34.46  ?  77  VAL A CA  1 
ATOM   615  C  C   . VAL A 1 86  ? 10.758  -4.513  -1.493  1.00 33.43  ?  77  VAL A C   1 
ATOM   616  O  O   . VAL A 1 86  ? 11.387  -5.505  -1.146  1.00 32.21  ?  77  VAL A O   1 
ATOM   617  C  CB  . VAL A 1 86  ? 11.934  -2.784  -0.083  1.00 35.34  ?  77  VAL A CB  1 
ATOM   618  C  CG1 . VAL A 1 86  ? 12.714  -1.481  -0.112  1.00 35.37  ?  77  VAL A CG1 1 
ATOM   619  C  CG2 . VAL A 1 86  ? 10.776  -2.689  0.918   1.00 34.74  ?  77  VAL A CG2 1 
ATOM   620  N  N   . GLY A 1 87  ? 9.481   -4.572  -1.882  1.00 34.06  ?  78  GLY A N   1 
ATOM   621  C  CA  . GLY A 1 87  ? 8.711   -5.812  -1.867  1.00 32.68  ?  78  GLY A CA  1 
ATOM   622  C  C   . GLY A 1 87  ? 7.251   -5.509  -2.099  1.00 32.70  ?  78  GLY A C   1 
ATOM   623  O  O   . GLY A 1 87  ? 6.879   -4.366  -2.375  1.00 30.63  ?  78  GLY A O   1 
ATOM   624  N  N   . MET A 1 88  ? 6.428   -6.544  -2.010  1.00 34.44  ?  79  MET A N   1 
ATOM   625  C  CA  . MET A 1 88  ? 5.007   -6.399  -2.239  1.00 35.45  ?  79  MET A CA  1 
ATOM   626  C  C   . MET A 1 88  ? 4.219   -7.446  -1.469  1.00 35.40  ?  79  MET A C   1 
ATOM   627  O  O   . MET A 1 88  ? 4.661   -8.574  -1.315  1.00 35.72  ?  79  MET A O   1 
ATOM   628  C  CB  . MET A 1 88  ? 4.709   -6.486  -3.734  1.00 38.40  ?  79  MET A CB  1 
ATOM   629  C  CG  . MET A 1 88  ? 3.237   -6.392  -4.113  1.00 39.48  ?  79  MET A CG  1 
ATOM   630  S  SD  . MET A 1 88  ? 3.024   -6.004  -5.858  1.00 43.55  ?  79  MET A SD  1 
ATOM   631  C  CE  . MET A 1 88  ? 3.841   -7.454  -6.542  1.00 43.98  ?  79  MET A CE  1 
ATOM   632  N  N   . PHE A 1 89  ? 3.063   -7.027  -0.962  1.00 36.61  ?  80  PHE A N   1 
ATOM   633  C  CA  . PHE A 1 89  ? 2.084   -7.913  -0.367  1.00 38.25  ?  80  PHE A CA  1 
ATOM   634  C  C   . PHE A 1 89  ? 1.047   -8.273  -1.434  1.00 40.30  ?  80  PHE A C   1 
ATOM   635  O  O   . PHE A 1 89  ? 0.221   -7.449  -1.813  1.00 37.83  ?  80  PHE A O   1 
ATOM   636  C  CB  . PHE A 1 89  ? 1.405   -7.232  0.825   1.00 35.77  ?  80  PHE A CB  1 
ATOM   637  C  CG  . PHE A 1 89  ? 0.512   -8.138  1.609   1.00 34.74  ?  80  PHE A CG  1 
ATOM   638  C  CD1 . PHE A 1 89  ? 1.042   -9.226  2.287   1.00 34.63  ?  80  PHE A CD1 1 
ATOM   639  C  CD2 . PHE A 1 89  ? -0.859  -7.916  1.662   1.00 35.66  ?  80  PHE A CD2 1 
ATOM   640  C  CE1 . PHE A 1 89  ? 0.221   -10.084 3.001   1.00 34.95  ?  80  PHE A CE1 1 
ATOM   641  C  CE2 . PHE A 1 89  ? -1.683  -8.764  2.389   1.00 36.92  ?  80  PHE A CE2 1 
ATOM   642  C  CZ  . PHE A 1 89  ? -1.138  -9.854  3.058   1.00 35.52  ?  80  PHE A CZ  1 
ATOM   643  N  N   . ARG A 1 90  ? 1.103   -9.511  -1.906  1.00 46.23  ?  81  ARG A N   1 
ATOM   644  C  CA  . ARG A 1 90  ? 0.216   -9.974  -2.964  1.00 51.97  ?  81  ARG A CA  1 
ATOM   645  C  C   . ARG A 1 90  ? -1.044  -10.527 -2.306  1.00 51.22  ?  81  ARG A C   1 
ATOM   646  O  O   . ARG A 1 90  ? -0.946  -11.356 -1.396  1.00 49.03  ?  81  ARG A O   1 
ATOM   647  C  CB  . ARG A 1 90  ? 0.904   -11.041 -3.836  1.00 57.88  ?  81  ARG A CB  1 
ATOM   648  C  CG  . ARG A 1 90  ? 0.590   -10.870 -5.318  1.00 65.85  ?  81  ARG A CG  1 
ATOM   649  C  CD  . ARG A 1 90  ? 1.002   -12.049 -6.193  1.00 71.87  ?  81  ARG A CD  1 
ATOM   650  N  NE  . ARG A 1 90  ? 2.356   -11.946 -6.762  1.00 79.75  ?  81  ARG A NE  1 
ATOM   651  C  CZ  . ARG A 1 90  ? 2.759   -11.070 -7.697  1.00 75.80  ?  81  ARG A CZ  1 
ATOM   652  N  NH1 . ARG A 1 90  ? 1.935   -10.144 -8.198  1.00 73.40  ?  81  ARG A NH1 1 
ATOM   653  N  NH2 . ARG A 1 90  ? 4.021   -11.113 -8.129  1.00 71.81  ?  81  ARG A NH2 1 
ATOM   654  N  N   . MET A 1 91  ? -2.212  -10.044 -2.735  1.00 51.30  ?  82  MET A N   1 
ATOM   655  C  CA  . MET A 1 91  ? -3.493  -10.571 -2.250  1.00 53.25  ?  82  MET A CA  1 
ATOM   656  C  C   . MET A 1 91  ? -4.676  -10.399 -3.213  1.00 51.80  ?  82  MET A C   1 
ATOM   657  O  O   . MET A 1 91  ? -4.697  -9.503  -4.074  1.00 44.99  ?  82  MET A O   1 
ATOM   658  C  CB  . MET A 1 91  ? -3.850  -10.000 -0.862  1.00 55.02  ?  82  MET A CB  1 
ATOM   659  C  CG  . MET A 1 91  ? -4.037  -8.484  -0.795  1.00 61.74  ?  82  MET A CG  1 
ATOM   660  S  SD  . MET A 1 91  ? -4.789  -7.891  0.752   1.00 64.49  ?  82  MET A SD  1 
ATOM   661  C  CE  . MET A 1 91  ? -6.347  -7.201  0.201   1.00 64.82  ?  82  MET A CE  1 
ATOM   662  N  N   . VAL A 1 92  ? -5.654  -11.283 -3.035  1.00 54.85  ?  83  VAL A N   1 
ATOM   663  C  CA  . VAL A 1 92  ? -6.950  -11.195 -3.694  1.00 59.17  ?  83  VAL A CA  1 
ATOM   664  C  C   . VAL A 1 92  ? -8.048  -11.065 -2.631  1.00 60.78  ?  83  VAL A C   1 
ATOM   665  O  O   . VAL A 1 92  ? -8.089  -11.826 -1.664  1.00 58.77  ?  83  VAL A O   1 
ATOM   666  C  CB  . VAL A 1 92  ? -7.212  -12.430 -4.591  1.00 61.70  ?  83  VAL A CB  1 
ATOM   667  C  CG1 . VAL A 1 92  ? -8.616  -12.395 -5.203  1.00 62.43  ?  83  VAL A CG1 1 
ATOM   668  C  CG2 . VAL A 1 92  ? -6.159  -12.511 -5.693  1.00 60.12  ?  83  VAL A CG2 1 
ATOM   669  N  N   . ASP A 1 93  ? -8.929  -10.091 -2.822  1.00 65.91  ?  84  ASP A N   1 
ATOM   670  C  CA  . ASP A 1 93  ? -10.081 -9.892  -1.951  1.00 72.00  ?  84  ASP A CA  1 
ATOM   671  C  C   . ASP A 1 93  ? -11.373 -10.048 -2.774  1.00 73.15  ?  84  ASP A C   1 
ATOM   672  O  O   . ASP A 1 93  ? -11.326 -10.509 -3.918  1.00 66.93  ?  84  ASP A O   1 
ATOM   673  C  CB  . ASP A 1 93  ? -9.970  -8.541  -1.187  1.00 74.90  ?  84  ASP A CB  1 
ATOM   674  C  CG  . ASP A 1 93  ? -9.986  -7.297  -2.098  1.00 78.42  ?  84  ASP A CG  1 
ATOM   675  O  OD1 . ASP A 1 93  ? -9.900  -7.410  -3.339  1.00 81.59  ?  84  ASP A OD1 1 
ATOM   676  O  OD2 . ASP A 1 93  ? -10.083 -6.177  -1.546  1.00 79.29  ?  84  ASP A OD2 1 
ATOM   677  N  N   . GLU A 1 94  ? -12.517 -9.712  -2.176  1.00 73.40  ?  85  GLU A N   1 
ATOM   678  C  CA  . GLU A 1 94  ? -13.799 -9.636  -2.892  1.00 73.32  ?  85  GLU A CA  1 
ATOM   679  C  C   . GLU A 1 94  ? -13.771 -8.750  -4.162  1.00 73.70  ?  85  GLU A C   1 
ATOM   680  O  O   . GLU A 1 94  ? -14.527 -8.996  -5.093  1.00 72.02  ?  85  GLU A O   1 
ATOM   681  C  CB  . GLU A 1 94  ? -14.939 -9.199  -1.941  1.00 73.49  ?  85  GLU A CB  1 
ATOM   682  C  CG  . GLU A 1 94  ? -15.005 -7.709  -1.553  1.00 71.61  ?  85  GLU A CG  1 
ATOM   683  C  CD  . GLU A 1 94  ? -14.015 -7.272  -0.473  1.00 70.00  ?  85  GLU A CD  1 
ATOM   684  O  OE1 . GLU A 1 94  ? -13.345 -8.127  0.163   1.00 65.54  ?  85  GLU A OE1 1 
ATOM   685  O  OE2 . GLU A 1 94  ? -13.921 -6.044  -0.260  1.00 68.67  ?  85  GLU A OE2 1 
ATOM   686  N  N   . HIS A 1 95  ? -12.912 -7.730  -4.184  1.00 76.01  ?  86  HIS A N   1 
ATOM   687  C  CA  . HIS A 1 95  ? -12.650 -6.917  -5.393  1.00 80.84  ?  86  HIS A CA  1 
ATOM   688  C  C   . HIS A 1 95  ? -11.720 -7.568  -6.460  1.00 73.85  ?  86  HIS A C   1 
ATOM   689  O  O   . HIS A 1 95  ? -11.448 -6.944  -7.490  1.00 71.83  ?  86  HIS A O   1 
ATOM   690  C  CB  . HIS A 1 95  ? -12.055 -5.541  -4.994  1.00 92.56  ?  86  HIS A CB  1 
ATOM   691  C  CG  . HIS A 1 95  ? -13.055 -4.421  -4.959  1.00 107.96 ?  86  HIS A CG  1 
ATOM   692  N  ND1 . HIS A 1 95  ? -14.302 -4.549  -4.379  1.00 116.86 ?  86  HIS A ND1 1 
ATOM   693  C  CD2 . HIS A 1 95  ? -12.978 -3.145  -5.406  1.00 113.28 ?  86  HIS A CD2 1 
ATOM   694  C  CE1 . HIS A 1 95  ? -14.954 -3.404  -4.490  1.00 118.09 ?  86  HIS A CE1 1 
ATOM   695  N  NE2 . HIS A 1 95  ? -14.173 -2.536  -5.108  1.00 117.49 ?  86  HIS A NE2 1 
ATOM   696  N  N   . GLY A 1 96  ? -11.236 -8.792  -6.235  1.00 64.96  ?  87  GLY A N   1 
ATOM   697  C  CA  . GLY A 1 96  ? -10.179 -9.369  -7.075  1.00 61.98  ?  87  GLY A CA  1 
ATOM   698  C  C   . GLY A 1 96  ? -8.798  -8.988  -6.561  1.00 60.06  ?  87  GLY A C   1 
ATOM   699  O  O   . GLY A 1 96  ? -8.577  -9.000  -5.356  1.00 59.40  ?  87  GLY A O   1 
ATOM   700  N  N   . GLY A 1 97  ? -7.870  -8.656  -7.459  1.00 56.78  ?  88  GLY A N   1 
ATOM   701  C  CA  . GLY A 1 97  ? -6.477  -8.386  -7.074  1.00 55.77  ?  88  GLY A CA  1 
ATOM   702  C  C   . GLY A 1 97  ? -6.341  -7.080  -6.313  1.00 58.80  ?  88  GLY A C   1 
ATOM   703  O  O   . GLY A 1 97  ? -6.934  -6.068  -6.693  1.00 59.58  ?  88  GLY A O   1 
ATOM   704  N  N   . ASP A 1 98  ? -5.572  -7.095  -5.229  1.00 58.60  ?  89  ASP A N   1 
ATOM   705  C  CA  . ASP A 1 98  ? -5.504  -5.937  -4.335  1.00 60.50  ?  89  ASP A CA  1 
ATOM   706  C  C   . ASP A 1 98  ? -4.123  -5.885  -3.689  1.00 54.01  ?  89  ASP A C   1 
ATOM   707  O  O   . ASP A 1 98  ? -3.990  -5.867  -2.477  1.00 53.52  ?  89  ASP A O   1 
ATOM   708  C  CB  . ASP A 1 98  ? -6.655  -6.014  -3.298  1.00 64.80  ?  89  ASP A CB  1 
ATOM   709  C  CG  . ASP A 1 98  ? -7.004  -4.650  -2.667  1.00 70.64  ?  89  ASP A CG  1 
ATOM   710  O  OD1 . ASP A 1 98  ? -6.794  -3.589  -3.307  1.00 72.38  ?  89  ASP A OD1 1 
ATOM   711  O  OD2 . ASP A 1 98  ? -7.514  -4.642  -1.519  1.00 78.01  ?  89  ASP A OD2 1 
ATOM   712  N  N   . ASP A 1 99  ? -3.103  -5.857  -4.542  1.00 50.26  ?  90  ASP A N   1 
ATOM   713  C  CA  . ASP A 1 99  ? -1.707  -5.951  -4.120  1.00 47.48  ?  90  ASP A CA  1 
ATOM   714  C  C   . ASP A 1 99  ? -1.223  -4.651  -3.532  1.00 43.52  ?  90  ASP A C   1 
ATOM   715  O  O   . ASP A 1 99  ? -1.659  -3.581  -3.953  1.00 44.39  ?  90  ASP A O   1 
ATOM   716  C  CB  . ASP A 1 99  ? -0.798  -6.282  -5.305  1.00 49.45  ?  90  ASP A CB  1 
ATOM   717  C  CG  . ASP A 1 99  ? -1.046  -7.666  -5.886  1.00 51.11  ?  90  ASP A CG  1 
ATOM   718  O  OD1 . ASP A 1 99  ? -1.800  -8.469  -5.293  1.00 51.20  ?  90  ASP A OD1 1 
ATOM   719  O  OD2 . ASP A 1 99  ? -0.464  -7.949  -6.954  1.00 50.78  ?  90  ASP A OD2 1 
ATOM   720  N  N   . LYS A 1 100 ? -0.280  -4.751  -2.598  1.00 38.43  ?  91  LYS A N   1 
ATOM   721  C  CA  . LYS A 1 100 ? 0.262   -3.587  -1.905  1.00 37.37  ?  91  LYS A CA  1 
ATOM   722  C  C   . LYS A 1 100 ? 1.775   -3.561  -1.957  1.00 35.71  ?  91  LYS A C   1 
ATOM   723  O  O   . LYS A 1 100 ? 2.430   -4.449  -1.430  1.00 35.44  ?  91  LYS A O   1 
ATOM   724  C  CB  . LYS A 1 100 ? -0.188  -3.592  -0.444  1.00 37.34  ?  91  LYS A CB  1 
ATOM   725  C  CG  . LYS A 1 100 ? -1.625  -3.151  -0.224  1.00 37.58  ?  91  LYS A CG  1 
ATOM   726  C  CD  . LYS A 1 100 ? -2.535  -4.308  0.096   1.00 38.14  ?  91  LYS A CD  1 
ATOM   727  C  CE  . LYS A 1 100 ? -3.950  -3.831  0.420   1.00 38.70  ?  91  LYS A CE  1 
ATOM   728  N  NZ  . LYS A 1 100 ? -4.653  -3.241  -0.744  1.00 39.53  ?  91  LYS A NZ  1 
ATOM   729  N  N   . VAL A 1 101 ? 2.322   -2.510  -2.545  1.00 33.71  ?  92  VAL A N   1 
ATOM   730  C  CA  . VAL A 1 101 ? 3.758   -2.352  -2.663  1.00 34.58  ?  92  VAL A CA  1 
ATOM   731  C  C   . VAL A 1 101 ? 4.318   -1.811  -1.348  1.00 36.02  ?  92  VAL A C   1 
ATOM   732  O  O   . VAL A 1 101 ? 3.901   -0.741  -0.874  1.00 36.58  ?  92  VAL A O   1 
ATOM   733  C  CB  . VAL A 1 101 ? 4.121   -1.356  -3.785  1.00 34.62  ?  92  VAL A CB  1 
ATOM   734  C  CG1 . VAL A 1 101 ? 5.635   -1.282  -3.970  1.00 34.51  ?  92  VAL A CG1 1 
ATOM   735  C  CG2 . VAL A 1 101 ? 3.449   -1.760  -5.087  1.00 35.45  ?  92  VAL A CG2 1 
ATOM   736  N  N   . LEU A 1 102 ? 5.264   -2.540  -0.771  1.00 34.36  ?  93  LEU A N   1 
ATOM   737  C  CA  . LEU A 1 102 ? 5.987   -2.078  0.389   1.00 34.13  ?  93  LEU A CA  1 
ATOM   738  C  C   . LEU A 1 102 ? 7.122   -1.145  -0.018  1.00 35.98  ?  93  LEU A C   1 
ATOM   739  O  O   . LEU A 1 102 ? 7.978   -1.533  -0.812  1.00 36.10  ?  93  LEU A O   1 
ATOM   740  C  CB  . LEU A 1 102 ? 6.561   -3.257  1.148   1.00 34.10  ?  93  LEU A CB  1 
ATOM   741  C  CG  . LEU A 1 102 ? 7.186   -2.898  2.497   1.00 36.07  ?  93  LEU A CG  1 
ATOM   742  C  CD1 . LEU A 1 102 ? 6.218   -2.129  3.396   1.00 35.63  ?  93  LEU A CD1 1 
ATOM   743  C  CD2 . LEU A 1 102 ? 7.656   -4.185  3.160   1.00 36.89  ?  93  LEU A CD2 1 
ATOM   744  N  N   . CYS A 1 103 ? 7.141   0.065   0.553   1.00 36.39  ?  94  CYS A N   1 
ATOM   745  C  CA  . CYS A 1 103 ? 8.127   1.085   0.204   1.00 35.86  ?  94  CYS A CA  1 
ATOM   746  C  C   . CYS A 1 103 ? 8.792   1.689   1.412   1.00 35.65  ?  94  CYS A C   1 
ATOM   747  O  O   . CYS A 1 103 ? 8.317   1.558   2.547   1.00 33.41  ?  94  CYS A O   1 
ATOM   748  C  CB  . CYS A 1 103 ? 7.489   2.234   -0.559  1.00 36.94  ?  94  CYS A CB  1 
ATOM   749  S  SG  . CYS A 1 103 ? 6.361   1.769   -1.875  1.00 41.79  ?  94  CYS A SG  1 
ATOM   750  N  N   . VAL A 1 104 ? 9.890   2.378   1.120   1.00 34.56  ?  95  VAL A N   1 
ATOM   751  C  CA  . VAL A 1 104 ? 10.618  3.193   2.071   1.00 34.55  ?  95  VAL A CA  1 
ATOM   752  C  C   . VAL A 1 104 ? 10.863  4.526   1.390   1.00 34.73  ?  95  VAL A C   1 
ATOM   753  O  O   . VAL A 1 104 ? 10.758  4.597   0.171   1.00 33.23  ?  95  VAL A O   1 
ATOM   754  C  CB  . VAL A 1 104 ? 11.947  2.547   2.514   1.00 35.50  ?  95  VAL A CB  1 
ATOM   755  C  CG1 . VAL A 1 104 ? 11.674  1.213   3.196   1.00 36.84  ?  95  VAL A CG1 1 
ATOM   756  C  CG2 . VAL A 1 104 ? 12.910  2.361   1.355   1.00 36.09  ?  95  VAL A CG2 1 
ATOM   757  N  N   . PRO A 1 105 ? 11.162  5.593   2.164   1.00 35.87  ?  96  PRO A N   1 
ATOM   758  C  CA  . PRO A 1 105 ? 11.417  6.902   1.548   1.00 37.51  ?  96  PRO A CA  1 
ATOM   759  C  C   . PRO A 1 105 ? 12.653  6.919   0.653   1.00 37.28  ?  96  PRO A C   1 
ATOM   760  O  O   . PRO A 1 105 ? 13.727  6.492   1.065   1.00 37.95  ?  96  PRO A O   1 
ATOM   761  C  CB  . PRO A 1 105 ? 11.609  7.835   2.749   1.00 37.11  ?  96  PRO A CB  1 
ATOM   762  C  CG  . PRO A 1 105 ? 10.871  7.173   3.848   1.00 37.43  ?  96  PRO A CG  1 
ATOM   763  C  CD  . PRO A 1 105 ? 11.087  5.704   3.627   1.00 36.93  ?  96  PRO A CD  1 
ATOM   764  N  N   . ALA A 1 106 ? 12.467  7.438   -0.555  1.00 38.76  ?  97  ALA A N   1 
ATOM   765  C  CA  . ALA A 1 106 ? 13.510  7.498   -1.574  1.00 38.05  ?  97  ALA A CA  1 
ATOM   766  C  C   . ALA A 1 106 ? 14.454  8.647   -1.271  1.00 39.23  ?  97  ALA A C   1 
ATOM   767  O  O   . ALA A 1 106 ? 14.030  9.705   -0.824  1.00 40.35  ?  97  ALA A O   1 
ATOM   768  C  CB  . ALA A 1 106 ? 12.890  7.684   -2.956  1.00 36.43  ?  97  ALA A CB  1 
ATOM   769  N  N   . GLY A 1 107 ? 15.735  8.423   -1.527  1.00 41.04  ?  98  GLY A N   1 
ATOM   770  C  CA  . GLY A 1 107 ? 16.757  9.435   -1.344  1.00 40.62  ?  98  GLY A CA  1 
ATOM   771  C  C   . GLY A 1 107 ? 17.055  9.747   0.101   1.00 41.36  ?  98  GLY A C   1 
ATOM   772  O  O   . GLY A 1 107 ? 17.543  10.837  0.408   1.00 45.88  ?  98  GLY A O   1 
ATOM   773  N  N   . ASP A 1 108 ? 16.775  8.798   0.989   1.00 40.04  ?  99  ASP A N   1 
ATOM   774  C  CA  . ASP A 1 108 ? 16.986  8.969   2.420   1.00 37.70  ?  99  ASP A CA  1 
ATOM   775  C  C   . ASP A 1 108 ? 17.974  7.902   2.879   1.00 36.54  ?  99  ASP A C   1 
ATOM   776  O  O   . ASP A 1 108 ? 17.607  6.731   2.961   1.00 34.77  ?  99  ASP A O   1 
ATOM   777  C  CB  . ASP A 1 108 ? 15.653  8.844   3.162   1.00 37.50  ?  99  ASP A CB  1 
ATOM   778  C  CG  . ASP A 1 108 ? 15.756  9.208   4.651   1.00 37.74  ?  99  ASP A CG  1 
ATOM   779  O  OD1 . ASP A 1 108 ? 16.857  9.051   5.252   1.00 33.76  ?  99  ASP A OD1 1 
ATOM   780  O  OD2 . ASP A 1 108 ? 14.712  9.640   5.228   1.00 35.45  ?  99  ASP A OD2 1 
ATOM   781  N  N   . PRO A 1 109 ? 19.219  8.304   3.215   1.00 36.93  ?  100 PRO A N   1 
ATOM   782  C  CA  . PRO A 1 109 ? 20.256  7.312   3.552   1.00 37.16  ?  100 PRO A CA  1 
ATOM   783  C  C   . PRO A 1 109 ? 19.981  6.461   4.792   1.00 36.43  ?  100 PRO A C   1 
ATOM   784  O  O   . PRO A 1 109 ? 20.553  5.388   4.932   1.00 37.18  ?  100 PRO A O   1 
ATOM   785  C  CB  . PRO A 1 109 ? 21.527  8.167   3.748   1.00 37.52  ?  100 PRO A CB  1 
ATOM   786  C  CG  . PRO A 1 109 ? 21.038  9.533   4.042   1.00 38.17  ?  100 PRO A CG  1 
ATOM   787  C  CD  . PRO A 1 109 ? 19.749  9.681   3.272   1.00 38.02  ?  100 PRO A CD  1 
ATOM   788  N  N   . ARG A 1 110 ? 19.080  6.911   5.657   1.00 35.43  ?  101 ARG A N   1 
ATOM   789  C  CA  . ARG A 1 110 ? 18.699  6.147   6.840   1.00 34.24  ?  101 ARG A CA  1 
ATOM   790  C  C   . ARG A 1 110 ? 17.968  4.836   6.487   1.00 33.69  ?  101 ARG A C   1 
ATOM   791  O  O   . ARG A 1 110 ? 17.852  3.941   7.316   1.00 34.46  ?  101 ARG A O   1 
ATOM   792  C  CB  . ARG A 1 110 ? 17.851  7.026   7.761   1.00 33.79  ?  101 ARG A CB  1 
ATOM   793  C  CG  . ARG A 1 110 ? 18.626  8.236   8.271   1.00 35.49  ?  101 ARG A CG  1 
ATOM   794  C  CD  . ARG A 1 110 ? 17.748  9.281   8.945   1.00 35.64  ?  101 ARG A CD  1 
ATOM   795  N  NE  . ARG A 1 110 ? 16.856  9.926   7.973   1.00 35.55  ?  101 ARG A NE  1 
ATOM   796  C  CZ  . ARG A 1 110 ? 16.088  10.981  8.231   1.00 33.53  ?  101 ARG A CZ  1 
ATOM   797  N  NH1 . ARG A 1 110 ? 16.095  11.549  9.434   1.00 31.17  ?  101 ARG A NH1 1 
ATOM   798  N  NH2 . ARG A 1 110 ? 15.303  11.467  7.273   1.00 35.07  ?  101 ARG A NH2 1 
ATOM   799  N  N   . TRP A 1 111 ? 17.468  4.742   5.261   1.00 35.00  ?  102 TRP A N   1 
ATOM   800  C  CA  . TRP A 1 111 ? 16.840  3.531   4.749   1.00 35.37  ?  102 TRP A CA  1 
ATOM   801  C  C   . TRP A 1 111 ? 17.687  2.732   3.747   1.00 38.99  ?  102 TRP A C   1 
ATOM   802  O  O   . TRP A 1 111 ? 17.172  1.772   3.158   1.00 38.32  ?  102 TRP A O   1 
ATOM   803  C  CB  . TRP A 1 111 ? 15.529  3.923   4.095   1.00 33.63  ?  102 TRP A CB  1 
ATOM   804  C  CG  . TRP A 1 111 ? 14.597  4.502   5.073   1.00 32.85  ?  102 TRP A CG  1 
ATOM   805  C  CD1 . TRP A 1 111 ? 14.447  5.818   5.395   1.00 30.90  ?  102 TRP A CD1 1 
ATOM   806  C  CD2 . TRP A 1 111 ? 13.703  3.773   5.908   1.00 31.25  ?  102 TRP A CD2 1 
ATOM   807  N  NE1 . TRP A 1 111 ? 13.490  5.950   6.361   1.00 31.90  ?  102 TRP A NE1 1 
ATOM   808  C  CE2 . TRP A 1 111 ? 13.014  4.709   6.695   1.00 30.73  ?  102 TRP A CE2 1 
ATOM   809  C  CE3 . TRP A 1 111 ? 13.404  2.412   6.053   1.00 31.15  ?  102 TRP A CE3 1 
ATOM   810  C  CZ2 . TRP A 1 111 ? 12.045  4.331   7.627   1.00 31.58  ?  102 TRP A CZ2 1 
ATOM   811  C  CZ3 . TRP A 1 111 ? 12.437  2.032   6.978   1.00 30.88  ?  102 TRP A CZ3 1 
ATOM   812  C  CH2 . TRP A 1 111 ? 11.777  2.987   7.763   1.00 31.08  ?  102 TRP A CH2 1 
ATOM   813  N  N   . ASP A 1 112 ? 18.960  3.104   3.557   1.00 41.97  ?  103 ASP A N   1 
ATOM   814  C  CA  . ASP A 1 112 ? 19.828  2.445   2.551   1.00 45.79  ?  103 ASP A CA  1 
ATOM   815  C  C   . ASP A 1 112 ? 20.058  0.952   2.841   1.00 45.51  ?  103 ASP A C   1 
ATOM   816  O  O   . ASP A 1 112 ? 20.231  0.187   1.907   1.00 45.64  ?  103 ASP A O   1 
ATOM   817  C  CB  . ASP A 1 112 ? 21.177  3.191   2.358   1.00 46.58  ?  103 ASP A CB  1 
ATOM   818  C  CG  . ASP A 1 112 ? 21.053  4.456   1.453   1.00 50.71  ?  103 ASP A CG  1 
ATOM   819  O  OD1 . ASP A 1 112 ? 19.960  4.739   0.894   1.00 51.42  ?  103 ASP A OD1 1 
ATOM   820  O  OD2 . ASP A 1 112 ? 22.067  5.184   1.302   1.00 53.26  ?  103 ASP A OD2 1 
ATOM   821  N  N   . HIS A 1 113 ? 20.008  0.533   4.107   1.00 46.01  ?  104 HIS A N   1 
ATOM   822  C  CA  . HIS A 1 113 ? 20.103  -0.901  4.463   1.00 50.56  ?  104 HIS A CA  1 
ATOM   823  C  C   . HIS A 1 113 ? 18.844  -1.714  4.128   1.00 47.54  ?  104 HIS A C   1 
ATOM   824  O  O   . HIS A 1 113 ? 18.868  -2.938  4.196   1.00 50.97  ?  104 HIS A O   1 
ATOM   825  C  CB  . HIS A 1 113 ? 20.462  -1.081  5.954   1.00 57.76  ?  104 HIS A CB  1 
ATOM   826  C  CG  . HIS A 1 113 ? 21.900  -0.780  6.289   1.00 68.80  ?  104 HIS A CG  1 
ATOM   827  N  ND1 . HIS A 1 113 ? 22.766  -0.134  5.426   1.00 74.24  ?  104 HIS A ND1 1 
ATOM   828  C  CD2 . HIS A 1 113 ? 22.614  -1.022  7.416   1.00 75.94  ?  104 HIS A CD2 1 
ATOM   829  C  CE1 . HIS A 1 113 ? 23.949  -0.007  6.000   1.00 76.16  ?  104 HIS A CE1 1 
ATOM   830  N  NE2 . HIS A 1 113 ? 23.883  -0.537  7.209   1.00 79.08  ?  104 HIS A NE2 1 
ATOM   831  N  N   . VAL A 1 114 ? 17.744  -1.051  3.788   1.00 44.57  ?  105 VAL A N   1 
ATOM   832  C  CA  . VAL A 1 114 ? 16.523  -1.742  3.426   1.00 42.77  ?  105 VAL A CA  1 
ATOM   833  C  C   . VAL A 1 114 ? 16.404  -1.709  1.909   1.00 42.66  ?  105 VAL A C   1 
ATOM   834  O  O   . VAL A 1 114 ? 15.995  -0.708  1.332   1.00 41.73  ?  105 VAL A O   1 
ATOM   835  C  CB  . VAL A 1 114 ? 15.281  -1.142  4.122   1.00 41.93  ?  105 VAL A CB  1 
ATOM   836  C  CG1 . VAL A 1 114 ? 14.076  -2.049  3.915   1.00 42.32  ?  105 VAL A CG1 1 
ATOM   837  C  CG2 . VAL A 1 114 ? 15.537  -0.976  5.613   1.00 40.49  ?  105 VAL A CG2 1 
ATOM   838  N  N   . GLN A 1 115 ? 16.805  -2.814  1.279   1.00 43.45  ?  106 GLN A N   1 
ATOM   839  C  CA  . GLN A 1 115 ? 16.817  -2.943  -0.176  1.00 43.03  ?  106 GLN A CA  1 
ATOM   840  C  C   . GLN A 1 115 ? 15.810  -3.958  -0.699  1.00 42.74  ?  106 GLN A C   1 
ATOM   841  O  O   . GLN A 1 115 ? 15.245  -3.747  -1.764  1.00 42.76  ?  106 GLN A O   1 
ATOM   842  C  CB  . GLN A 1 115 ? 18.235  -3.283  -0.667  1.00 41.47  ?  106 GLN A CB  1 
ATOM   843  C  CG  . GLN A 1 115 ? 19.269  -2.172  -0.446  1.00 39.95  ?  106 GLN A CG  1 
ATOM   844  C  CD  . GLN A 1 115 ? 18.959  -0.900  -1.229  1.00 41.52  ?  106 GLN A CD  1 
ATOM   845  O  OE1 . GLN A 1 115 ? 18.441  -0.957  -2.346  1.00 43.08  ?  106 GLN A OE1 1 
ATOM   846  N  NE2 . GLN A 1 115 ? 19.258  0.261   -0.635  1.00 41.08  ?  106 GLN A NE2 1 
ATOM   847  N  N   . ASP A 1 116 ? 15.578  -5.045  0.031   1.00 44.45  ?  107 ASP A N   1 
ATOM   848  C  CA  . ASP A 1 116 ? 14.646  -6.083  -0.426  1.00 45.06  ?  107 ASP A CA  1 
ATOM   849  C  C   . ASP A 1 116 ? 13.841  -6.648  0.740   1.00 43.15  ?  107 ASP A C   1 
ATOM   850  O  O   . ASP A 1 116 ? 14.149  -6.381  1.903   1.00 44.48  ?  107 ASP A O   1 
ATOM   851  C  CB  . ASP A 1 116 ? 15.408  -7.207  -1.169  1.00 46.25  ?  107 ASP A CB  1 
ATOM   852  C  CG  . ASP A 1 116 ? 14.611  -7.796  -2.348  1.00 48.35  ?  107 ASP A CG  1 
ATOM   853  O  OD1 . ASP A 1 116 ? 13.365  -7.966  -2.257  1.00 48.10  ?  107 ASP A OD1 1 
ATOM   854  O  OD2 . ASP A 1 116 ? 15.236  -8.098  -3.382  1.00 53.74  ?  107 ASP A OD2 1 
ATOM   855  N  N   . ILE A 1 117 ? 12.835  -7.457  0.406   1.00 41.28  ?  108 ILE A N   1 
ATOM   856  C  CA  . ILE A 1 117 ? 11.875  -7.967  1.366   1.00 41.50  ?  108 ILE A CA  1 
ATOM   857  C  C   . ILE A 1 117 ? 12.492  -8.676  2.567   1.00 41.49  ?  108 ILE A C   1 
ATOM   858  O  O   . ILE A 1 117 ? 11.938  -8.588  3.664   1.00 43.43  ?  108 ILE A O   1 
ATOM   859  C  CB  . ILE A 1 117 ? 10.808  -8.871  0.678   1.00 45.76  ?  108 ILE A CB  1 
ATOM   860  C  CG1 . ILE A 1 117 ? 9.547   -9.003  1.548   1.00 45.87  ?  108 ILE A CG1 1 
ATOM   861  C  CG2 . ILE A 1 117 ? 11.369  -10.253 0.332   1.00 45.97  ?  108 ILE A CG2 1 
ATOM   862  C  CD1 . ILE A 1 117 ? 8.895   -7.681  1.896   1.00 44.48  ?  108 ILE A CD1 1 
ATOM   863  N  N   . GLY A 1 118 ? 13.635  -9.345  2.371   1.00 39.86  ?  109 GLY A N   1 
ATOM   864  C  CA  . GLY A 1 118 ? 14.392  -9.983  3.469   1.00 38.55  ?  109 GLY A CA  1 
ATOM   865  C  C   . GLY A 1 118 ? 15.085  -9.023  4.440   1.00 40.47  ?  109 GLY A C   1 
ATOM   866  O  O   . GLY A 1 118 ? 15.524  -9.435  5.514   1.00 35.65  ?  109 GLY A O   1 
ATOM   867  N  N   . ASP A 1 119 ? 15.201  -7.747  4.059   1.00 43.43  ?  110 ASP A N   1 
ATOM   868  C  CA  . ASP A 1 119 ? 15.729  -6.698  4.947   1.00 44.77  ?  110 ASP A CA  1 
ATOM   869  C  C   . ASP A 1 119 ? 14.668  -6.101  5.884   1.00 45.02  ?  110 ASP A C   1 
ATOM   870  O  O   . ASP A 1 119 ? 14.983  -5.236  6.709   1.00 43.64  ?  110 ASP A O   1 
ATOM   871  C  CB  . ASP A 1 119 ? 16.347  -5.557  4.129   1.00 47.82  ?  110 ASP A CB  1 
ATOM   872  C  CG  . ASP A 1 119 ? 17.487  -6.020  3.220   1.00 49.20  ?  110 ASP A CG  1 
ATOM   873  O  OD1 . ASP A 1 119 ? 18.375  -6.753  3.707   1.00 52.29  ?  110 ASP A OD1 1 
ATOM   874  O  OD2 . ASP A 1 119 ? 17.497  -5.621  2.030   1.00 47.21  ?  110 ASP A OD2 1 
ATOM   875  N  N   . VAL A 1 120 ? 13.412  -6.530  5.740   1.00 44.77  ?  111 VAL A N   1 
ATOM   876  C  CA  . VAL A 1 120 ? 12.333  -6.096  6.623   1.00 41.36  ?  111 VAL A CA  1 
ATOM   877  C  C   . VAL A 1 120 ? 12.048  -7.219  7.628   1.00 39.93  ?  111 VAL A C   1 
ATOM   878  O  O   . VAL A 1 120 ? 11.775  -8.343  7.210   1.00 42.43  ?  111 VAL A O   1 
ATOM   879  C  CB  . VAL A 1 120 ? 11.065  -5.751  5.824   1.00 39.05  ?  111 VAL A CB  1 
ATOM   880  C  CG1 . VAL A 1 120 ? 9.969   -5.228  6.744   1.00 37.12  ?  111 VAL A CG1 1 
ATOM   881  C  CG2 . VAL A 1 120 ? 11.400  -4.721  4.760   1.00 39.28  ?  111 VAL A CG2 1 
ATOM   882  N  N   . PRO A 1 121 ? 12.090  -6.918  8.948   1.00 39.47  ?  112 PRO A N   1 
ATOM   883  C  CA  . PRO A 1 121 ? 11.892  -7.969  9.956   1.00 38.58  ?  112 PRO A CA  1 
ATOM   884  C  C   . PRO A 1 121 ? 10.566  -8.692  9.803   1.00 39.53  ?  112 PRO A C   1 
ATOM   885  O  O   . PRO A 1 121 ? 9.565   -8.099  9.373   1.00 37.85  ?  112 PRO A O   1 
ATOM   886  C  CB  . PRO A 1 121 ? 11.919  -7.226  11.296  1.00 39.11  ?  112 PRO A CB  1 
ATOM   887  C  CG  . PRO A 1 121 ? 12.363  -5.840  11.008  1.00 40.24  ?  112 PRO A CG  1 
ATOM   888  C  CD  . PRO A 1 121 ? 12.157  -5.575  9.551   1.00 39.94  ?  112 PRO A CD  1 
ATOM   889  N  N   . ALA A 1 122 ? 10.578  -9.970  10.155  1.00 39.92  ?  113 ALA A N   1 
ATOM   890  C  CA  . ALA A 1 122 ? 9.418   -10.816 10.008  1.00 40.26  ?  113 ALA A CA  1 
ATOM   891  C  C   . ALA A 1 122 ? 8.266   -10.322 10.873  1.00 40.65  ?  113 ALA A C   1 
ATOM   892  O  O   . ALA A 1 122 ? 7.112   -10.419 10.454  1.00 42.42  ?  113 ALA A O   1 
ATOM   893  C  CB  . ALA A 1 122 ? 9.771   -12.251 10.355  1.00 40.11  ?  113 ALA A CB  1 
ATOM   894  N  N   . PHE A 1 123 ? 8.570   -9.782  12.054  1.00 40.46  ?  114 PHE A N   1 
ATOM   895  C  CA  . PHE A 1 123 ? 7.527   -9.249  12.942  1.00 43.02  ?  114 PHE A CA  1 
ATOM   896  C  C   . PHE A 1 123 ? 6.703   -8.120  12.278  1.00 42.68  ?  114 PHE A C   1 
ATOM   897  O  O   . PHE A 1 123 ? 5.482   -8.077  12.446  1.00 40.68  ?  114 PHE A O   1 
ATOM   898  C  CB  . PHE A 1 123 ? 8.081   -8.848  14.334  1.00 44.76  ?  114 PHE A CB  1 
ATOM   899  C  CG  . PHE A 1 123 ? 8.931   -7.585  14.346  1.00 50.79  ?  114 PHE A CG  1 
ATOM   900  C  CD1 . PHE A 1 123 ? 8.339   -6.304  14.312  1.00 53.29  ?  114 PHE A CD1 1 
ATOM   901  C  CD2 . PHE A 1 123 ? 10.326  -7.662  14.454  1.00 50.78  ?  114 PHE A CD2 1 
ATOM   902  C  CE1 . PHE A 1 123 ? 9.123   -5.146  14.340  1.00 52.05  ?  114 PHE A CE1 1 
ATOM   903  C  CE2 . PHE A 1 123 ? 11.108  -6.505  14.488  1.00 51.79  ?  114 PHE A CE2 1 
ATOM   904  C  CZ  . PHE A 1 123 ? 10.503  -5.247  14.428  1.00 51.09  ?  114 PHE A CZ  1 
ATOM   905  N  N   . GLU A 1 124 ? 7.353   -7.241  11.511  1.00 41.60  ?  115 GLU A N   1 
ATOM   906  C  CA  . GLU A 1 124 ? 6.633   -6.200  10.747  1.00 42.54  ?  115 GLU A CA  1 
ATOM   907  C  C   . GLU A 1 124 ? 5.776   -6.788  9.641   1.00 38.88  ?  115 GLU A C   1 
ATOM   908  O  O   . GLU A 1 124 ? 4.604   -6.424  9.471   1.00 39.51  ?  115 GLU A O   1 
ATOM   909  C  CB  . GLU A 1 124 ? 7.594   -5.189  10.109  1.00 47.69  ?  115 GLU A CB  1 
ATOM   910  C  CG  . GLU A 1 124 ? 7.946   -4.004  10.990  1.00 57.95  ?  115 GLU A CG  1 
ATOM   911  C  CD  . GLU A 1 124 ? 6.777   -3.037  11.209  1.00 65.11  ?  115 GLU A CD  1 
ATOM   912  O  OE1 . GLU A 1 124 ? 6.052   -2.717  10.231  1.00 63.62  ?  115 GLU A OE1 1 
ATOM   913  O  OE2 . GLU A 1 124 ? 6.598   -2.586  12.372  1.00 71.34  ?  115 GLU A OE2 1 
ATOM   914  N  N   . LEU A 1 125 ? 6.377   -7.685  8.870   1.00 36.78  ?  116 LEU A N   1 
ATOM   915  C  CA  . LEU A 1 125 ? 5.684   -8.301  7.749   1.00 34.70  ?  116 LEU A CA  1 
ATOM   916  C  C   . LEU A 1 125 ? 4.501   -9.130  8.227   1.00 31.76  ?  116 LEU A C   1 
ATOM   917  O  O   . LEU A 1 125 ? 3.438   -9.036  7.635   1.00 33.09  ?  116 LEU A O   1 
ATOM   918  C  CB  . LEU A 1 125 ? 6.636   -9.133  6.905   1.00 34.63  ?  116 LEU A CB  1 
ATOM   919  C  CG  . LEU A 1 125 ? 7.772   -8.354  6.226   1.00 36.30  ?  116 LEU A CG  1 
ATOM   920  C  CD1 . LEU A 1 125 ? 8.719   -9.335  5.543   1.00 35.31  ?  116 LEU A CD1 1 
ATOM   921  C  CD2 . LEU A 1 125 ? 7.289   -7.304  5.234   1.00 35.02  ?  116 LEU A CD2 1 
ATOM   922  N  N   . ASP A 1 126 ? 4.665   -9.894  9.305   1.00 31.99  ?  117 ASP A N   1 
ATOM   923  C  CA  . ASP A 1 126 ? 3.529   -10.652 9.896   1.00 34.17  ?  117 ASP A CA  1 
ATOM   924  C  C   . ASP A 1 126 ? 2.429   -9.712  10.389  1.00 32.86  ?  117 ASP A C   1 
ATOM   925  O  O   . ASP A 1 126 ? 1.254   -9.964  10.186  1.00 33.81  ?  117 ASP A O   1 
ATOM   926  C  CB  . ASP A 1 126 ? 3.966   -11.534 11.083  1.00 37.51  ?  117 ASP A CB  1 
ATOM   927  C  CG  . ASP A 1 126 ? 5.022   -12.588 10.714  1.00 39.83  ?  117 ASP A CG  1 
ATOM   928  O  OD1 . ASP A 1 126 ? 5.219   -12.864 9.521   1.00 40.26  ?  117 ASP A OD1 1 
ATOM   929  O  OD2 . ASP A 1 126 ? 5.685   -13.116 11.643  1.00 45.89  ?  117 ASP A OD2 1 
ATOM   930  N  N   . ALA A 1 127 ? 2.816   -8.625  11.048  1.00 31.59  ?  118 ALA A N   1 
ATOM   931  C  CA  . ALA A 1 127 ? 1.839   -7.646  11.535  1.00 29.99  ?  118 ALA A CA  1 
ATOM   932  C  C   . ALA A 1 127 ? 1.041   -7.080  10.374  1.00 27.68  ?  118 ALA A C   1 
ATOM   933  O  O   . ALA A 1 127 ? -0.168  -7.032  10.442  1.00 26.16  ?  118 ALA A O   1 
ATOM   934  C  CB  . ALA A 1 127 ? 2.520   -6.529  12.340  1.00 28.89  ?  118 ALA A CB  1 
ATOM   935  N  N   . ILE A 1 128 ? 1.712   -6.691  9.295   1.00 27.69  ?  119 ILE A N   1 
ATOM   936  C  CA  . ILE A 1 128 ? 1.019   -6.109  8.146   1.00 28.50  ?  119 ILE A CA  1 
ATOM   937  C  C   . ILE A 1 128 ? 0.039   -7.106  7.552   1.00 29.73  ?  119 ILE A C   1 
ATOM   938  O  O   . ILE A 1 128 ? -1.106  -6.764  7.267   1.00 29.50  ?  119 ILE A O   1 
ATOM   939  C  CB  . ILE A 1 128 ? 2.004   -5.623  7.066   1.00 30.13  ?  119 ILE A CB  1 
ATOM   940  C  CG1 . ILE A 1 128 ? 2.765   -4.388  7.569   1.00 29.41  ?  119 ILE A CG1 1 
ATOM   941  C  CG2 . ILE A 1 128 ? 1.276   -5.277  5.768   1.00 31.09  ?  119 ILE A CG2 1 
ATOM   942  C  CD1 . ILE A 1 128 ? 4.121   -4.195  6.940   1.00 28.69  ?  119 ILE A CD1 1 
ATOM   943  N  N   . LYS A 1 129 ? 0.513   -8.332  7.376   1.00 31.34  ?  120 LYS A N   1 
ATOM   944  C  CA  . LYS A 1 129 ? -0.298  -9.423  6.877   1.00 33.00  ?  120 LYS A CA  1 
ATOM   945  C  C   . LYS A 1 129 ? -1.525  -9.679  7.752   1.00 31.33  ?  120 LYS A C   1 
ATOM   946  O  O   . LYS A 1 129 ? -2.649  -9.774  7.245   1.00 32.40  ?  120 LYS A O   1 
ATOM   947  C  CB  . LYS A 1 129 ? 0.554   -10.683 6.776   1.00 36.05  ?  120 LYS A CB  1 
ATOM   948  C  CG  . LYS A 1 129 ? -0.209  -11.899 6.284   1.00 40.34  ?  120 LYS A CG  1 
ATOM   949  C  CD  . LYS A 1 129 ? 0.738   -13.040 5.952   1.00 45.08  ?  120 LYS A CD  1 
ATOM   950  C  CE  . LYS A 1 129 ? 0.033   -14.369 6.130   1.00 50.30  ?  120 LYS A CE  1 
ATOM   951  N  NZ  . LYS A 1 129 ? 0.626   -15.406 5.240   1.00 57.28  ?  120 LYS A NZ  1 
ATOM   952  N  N   . HIS A 1 130 ? -1.310  -9.769  9.057   1.00 28.67  ?  121 HIS A N   1 
ATOM   953  C  CA  . HIS A 1 130 ? -2.411  -9.912  10.018  1.00 30.14  ?  121 HIS A CA  1 
ATOM   954  C  C   . HIS A 1 130 ? -3.480  -8.827  9.854   1.00 30.52  ?  121 HIS A C   1 
ATOM   955  O  O   . HIS A 1 130 ? -4.676  -9.136  9.877   1.00 29.18  ?  121 HIS A O   1 
ATOM   956  C  CB  . HIS A 1 130 ? -1.875  -9.895  11.441  1.00 31.12  ?  121 HIS A CB  1 
ATOM   957  C  CG  . HIS A 1 130 ? -2.869  -10.335 12.458  1.00 32.11  ?  121 HIS A CG  1 
ATOM   958  N  ND1 . HIS A 1 130 ? -3.734  -9.459  13.081  1.00 33.06  ?  121 HIS A ND1 1 
ATOM   959  C  CD2 . HIS A 1 130 ? -3.138  -11.560 12.965  1.00 32.56  ?  121 HIS A CD2 1 
ATOM   960  C  CE1 . HIS A 1 130 ? -4.490  -10.127 13.934  1.00 33.51  ?  121 HIS A CE1 1 
ATOM   961  N  NE2 . HIS A 1 130 ? -4.149  -11.405 13.883  1.00 34.23  ?  121 HIS A NE2 1 
ATOM   962  N  N   . PHE A 1 131 ? -3.056  -7.572  9.633   1.00 29.55  ?  122 PHE A N   1 
ATOM   963  C  CA  . PHE A 1 131 ? -4.023  -6.500  9.436   1.00 28.68  ?  122 PHE A CA  1 
ATOM   964  C  C   . PHE A 1 131 ? -4.920  -6.829  8.263   1.00 28.80  ?  122 PHE A C   1 
ATOM   965  O  O   . PHE A 1 131 ? -6.149  -6.808  8.405   1.00 27.49  ?  122 PHE A O   1 
ATOM   966  C  CB  . PHE A 1 131 ? -3.389  -5.115  9.226   1.00 27.87  ?  122 PHE A CB  1 
ATOM   967  C  CG  . PHE A 1 131 ? -4.408  -4.025  8.960   1.00 27.18  ?  122 PHE A CG  1 
ATOM   968  C  CD1 . PHE A 1 131 ? -5.044  -3.391  10.004  1.00 27.19  ?  122 PHE A CD1 1 
ATOM   969  C  CD2 . PHE A 1 131 ? -4.737  -3.653  7.652   1.00 28.91  ?  122 PHE A CD2 1 
ATOM   970  C  CE1 . PHE A 1 131 ? -5.992  -2.405  9.777   1.00 27.46  ?  122 PHE A CE1 1 
ATOM   971  C  CE2 . PHE A 1 131 ? -5.686  -2.667  7.405   1.00 28.43  ?  122 PHE A CE2 1 
ATOM   972  C  CZ  . PHE A 1 131 ? -6.320  -2.043  8.478   1.00 28.50  ?  122 PHE A CZ  1 
ATOM   973  N  N   . PHE A 1 132 ? -4.307  -7.114  7.117   1.00 29.12  ?  123 PHE A N   1 
ATOM   974  C  CA  . PHE A 1 132 ? -5.071  -7.287  5.876   1.00 30.56  ?  123 PHE A CA  1 
ATOM   975  C  C   . PHE A 1 132 ? -5.876  -8.576  5.861   1.00 31.92  ?  123 PHE A C   1 
ATOM   976  O  O   . PHE A 1 132 ? -6.985  -8.599  5.333   1.00 33.90  ?  123 PHE A O   1 
ATOM   977  C  CB  . PHE A 1 132 ? -4.180  -7.128  4.642   1.00 30.61  ?  123 PHE A CB  1 
ATOM   978  C  CG  . PHE A 1 132 ? -3.789  -5.699  4.391   1.00 30.78  ?  123 PHE A CG  1 
ATOM   979  C  CD1 . PHE A 1 132 ? -4.745  -4.777  3.986   1.00 30.76  ?  123 PHE A CD1 1 
ATOM   980  C  CD2 . PHE A 1 132 ? -2.499  -5.253  4.636   1.00 30.94  ?  123 PHE A CD2 1 
ATOM   981  C  CE1 . PHE A 1 132 ? -4.422  -3.439  3.792   1.00 30.80  ?  123 PHE A CE1 1 
ATOM   982  C  CE2 . PHE A 1 132 ? -2.163  -3.919  4.430   1.00 31.05  ?  123 PHE A CE2 1 
ATOM   983  C  CZ  . PHE A 1 132 ? -3.127  -3.010  4.018   1.00 31.08  ?  123 PHE A CZ  1 
ATOM   984  N  N   . VAL A 1 133 ? -5.357  -9.610  6.511   1.00 33.29  ?  124 VAL A N   1 
ATOM   985  C  CA  . VAL A 1 133 ? -6.108  -10.836 6.708   1.00 35.15  ?  124 VAL A CA  1 
ATOM   986  C  C   . VAL A 1 133 ? -7.382  -10.629 7.557   1.00 36.19  ?  124 VAL A C   1 
ATOM   987  O  O   . VAL A 1 133 ? -8.407  -11.237 7.278   1.00 33.30  ?  124 VAL A O   1 
ATOM   988  C  CB  . VAL A 1 133 ? -5.187  -11.952 7.264   1.00 36.90  ?  124 VAL A CB  1 
ATOM   989  C  CG1 . VAL A 1 133 ? -5.978  -13.149 7.777   1.00 37.97  ?  124 VAL A CG1 1 
ATOM   990  C  CG2 . VAL A 1 133 ? -4.223  -12.402 6.173   1.00 37.06  ?  124 VAL A CG2 1 
ATOM   991  N  N   . HIS A 1 134 ? -7.329  -9.762  8.568   1.00 36.89  ?  125 HIS A N   1 
ATOM   992  C  CA  . HIS A 1 134 ? -8.395  -9.698  9.581   1.00 37.67  ?  125 HIS A CA  1 
ATOM   993  C  C   . HIS A 1 134 ? -9.272  -8.452  9.647   1.00 37.44  ?  125 HIS A C   1 
ATOM   994  O  O   . HIS A 1 134 ? -10.348 -8.517  10.249  1.00 35.72  ?  125 HIS A O   1 
ATOM   995  C  CB  . HIS A 1 134 ? -7.776  -9.904  10.950  1.00 38.00  ?  125 HIS A CB  1 
ATOM   996  C  CG  . HIS A 1 134 ? -7.283  -11.292 11.161  1.00 40.86  ?  125 HIS A CG  1 
ATOM   997  N  ND1 . HIS A 1 134 ? -8.136  -12.348 11.395  1.00 40.63  ?  125 HIS A ND1 1 
ATOM   998  C  CD2 . HIS A 1 134 ? -6.033  -11.805 11.171  1.00 40.98  ?  125 HIS A CD2 1 
ATOM   999  C  CE1 . HIS A 1 134 ? -7.431  -13.452 11.539  1.00 41.58  ?  125 HIS A CE1 1 
ATOM   1000 N  NE2 . HIS A 1 134 ? -6.152  -13.150 11.402  1.00 43.16  ?  125 HIS A NE2 1 
ATOM   1001 N  N   . TYR A 1 135 ? -8.838  -7.330  9.075   1.00 36.03  ?  126 TYR A N   1 
ATOM   1002 C  CA  . TYR A 1 135 ? -9.568  -6.084  9.286   1.00 37.05  ?  126 TYR A CA  1 
ATOM   1003 C  C   . TYR A 1 135 ? -11.008 -6.087  8.772   1.00 38.49  ?  126 TYR A C   1 
ATOM   1004 O  O   . TYR A 1 135 ? -11.844 -5.364  9.325   1.00 40.02  ?  126 TYR A O   1 
ATOM   1005 C  CB  . TYR A 1 135 ? -8.796  -4.853  8.800   1.00 37.11  ?  126 TYR A CB  1 
ATOM   1006 C  CG  . TYR A 1 135 ? -8.854  -4.533  7.329   1.00 39.32  ?  126 TYR A CG  1 
ATOM   1007 C  CD1 . TYR A 1 135 ? -8.291  -5.385  6.379   1.00 42.57  ?  126 TYR A CD1 1 
ATOM   1008 C  CD2 . TYR A 1 135 ? -9.429  -3.340  6.880   1.00 41.17  ?  126 TYR A CD2 1 
ATOM   1009 C  CE1 . TYR A 1 135 ? -8.321  -5.080  5.027   1.00 43.89  ?  126 TYR A CE1 1 
ATOM   1010 C  CE2 . TYR A 1 135 ? -9.456  -3.022  5.530   1.00 44.20  ?  126 TYR A CE2 1 
ATOM   1011 C  CZ  . TYR A 1 135 ? -8.895  -3.892  4.610   1.00 45.23  ?  126 TYR A CZ  1 
ATOM   1012 O  OH  . TYR A 1 135 ? -8.914  -3.595  3.279   1.00 49.41  ?  126 TYR A OH  1 
ATOM   1013 N  N   . LYS A 1 136 ? -11.308 -6.902  7.759   1.00 38.18  ?  127 LYS A N   1 
ATOM   1014 C  CA  . LYS A 1 136 ? -12.682 -7.032  7.266   1.00 39.58  ?  127 LYS A CA  1 
ATOM   1015 C  C   . LYS A 1 136 ? -13.486 -8.194  7.888   1.00 37.54  ?  127 LYS A C   1 
ATOM   1016 O  O   . LYS A 1 136 ? -14.609 -8.433  7.460   1.00 34.99  ?  127 LYS A O   1 
ATOM   1017 C  CB  . LYS A 1 136 ? -12.687 -7.097  5.732   1.00 43.84  ?  127 LYS A CB  1 
ATOM   1018 C  CG  . LYS A 1 136 ? -12.098 -5.836  5.092   1.00 45.47  ?  127 LYS A CG  1 
ATOM   1019 C  CD  . LYS A 1 136 ? -12.183 -5.799  3.569   1.00 47.37  ?  127 LYS A CD  1 
ATOM   1020 C  CE  . LYS A 1 136 ? -11.156 -6.691  2.877   1.00 52.29  ?  127 LYS A CE  1 
ATOM   1021 N  NZ  . LYS A 1 136 ? -10.448 -5.998  1.742   1.00 56.62  ?  127 LYS A NZ  1 
ATOM   1022 N  N   . ASP A 1 137 ? -12.953 -8.867  8.919   1.00 36.32  ?  128 ASP A N   1 
ATOM   1023 C  CA  . ASP A 1 137 ? -13.638 -10.020 9.565   1.00 35.82  ?  128 ASP A CA  1 
ATOM   1024 C  C   . ASP A 1 137 ? -15.092 -9.801  9.987   1.00 37.55  ?  128 ASP A C   1 
ATOM   1025 O  O   . ASP A 1 137 ? -15.846 -10.765 10.012  1.00 39.62  ?  128 ASP A O   1 
ATOM   1026 C  CB  . ASP A 1 137 ? -12.902 -10.482 10.823  1.00 35.21  ?  128 ASP A CB  1 
ATOM   1027 C  CG  . ASP A 1 137 ? -11.664 -11.314 10.535  1.00 34.24  ?  128 ASP A CG  1 
ATOM   1028 O  OD1 . ASP A 1 137 ? -11.494 -11.773 9.395   1.00 34.60  ?  128 ASP A OD1 1 
ATOM   1029 O  OD2 . ASP A 1 137 ? -10.863 -11.520 11.481  1.00 31.75  ?  128 ASP A OD2 1 
ATOM   1030 N  N   . LEU A 1 138 ? -15.475 -8.574  10.352  1.00 39.14  ?  129 LEU A N   1 
ATOM   1031 C  CA  . LEU A 1 138 ? -16.863 -8.270  10.757  1.00 41.02  ?  129 LEU A CA  1 
ATOM   1032 C  C   . LEU A 1 138 ? -17.676 -7.525  9.689   1.00 45.22  ?  129 LEU A C   1 
ATOM   1033 O  O   . LEU A 1 138 ? -18.685 -6.897  10.018  1.00 45.63  ?  129 LEU A O   1 
ATOM   1034 C  CB  . LEU A 1 138 ? -16.878 -7.474  12.060  1.00 39.67  ?  129 LEU A CB  1 
ATOM   1035 C  CG  . LEU A 1 138 ? -16.115 -8.102  13.225  1.00 41.04  ?  129 LEU A CG  1 
ATOM   1036 C  CD1 . LEU A 1 138 ? -16.106 -7.156  14.403  1.00 41.34  ?  129 LEU A CD1 1 
ATOM   1037 C  CD2 . LEU A 1 138 ? -16.721 -9.441  13.615  1.00 42.79  ?  129 LEU A CD2 1 
ATOM   1038 N  N   . GLU A 1 139 ? -17.231 -7.579  8.432   1.00 47.62  ?  130 GLU A N   1 
ATOM   1039 C  CA  . GLU A 1 139 ? -17.997 -7.069  7.302   1.00 52.70  ?  130 GLU A CA  1 
ATOM   1040 C  C   . GLU A 1 139 ? -18.385 -8.292  6.478   1.00 57.65  ?  130 GLU A C   1 
ATOM   1041 O  O   . GLU A 1 139 ? -17.506 -8.995  5.967   1.00 58.07  ?  130 GLU A O   1 
ATOM   1042 C  CB  . GLU A 1 139 ? -17.168 -6.088  6.470   1.00 54.74  ?  130 GLU A CB  1 
ATOM   1043 C  CG  . GLU A 1 139 ? -16.491 -4.990  7.281   1.00 52.58  ?  130 GLU A CG  1 
ATOM   1044 C  CD  . GLU A 1 139 ? -15.975 -3.837  6.427   1.00 53.96  ?  130 GLU A CD  1 
ATOM   1045 O  OE1 . GLU A 1 139 ? -14.809 -3.415  6.628   1.00 50.73  ?  130 GLU A OE1 1 
ATOM   1046 O  OE2 . GLU A 1 139 ? -16.734 -3.338  5.557   1.00 55.87  ?  130 GLU A OE2 1 
ATOM   1047 N  N   . PRO A 1 140 ? -19.698 -8.586  6.377   1.00 66.93  ?  131 PRO A N   1 
ATOM   1048 C  CA  . PRO A 1 140 ? -20.102 -9.805  5.663   1.00 67.50  ?  131 PRO A CA  1 
ATOM   1049 C  C   . PRO A 1 140 ? -19.978 -9.646  4.145   1.00 66.84  ?  131 PRO A C   1 
ATOM   1050 O  O   . PRO A 1 140 ? -20.150 -8.540  3.614   1.00 61.13  ?  131 PRO A O   1 
ATOM   1051 C  CB  . PRO A 1 140 ? -21.557 -9.998  6.094   1.00 68.71  ?  131 PRO A CB  1 
ATOM   1052 C  CG  . PRO A 1 140 ? -22.048 -8.630  6.427   1.00 70.29  ?  131 PRO A CG  1 
ATOM   1053 C  CD  . PRO A 1 140 ? -20.861 -7.783  6.806   1.00 69.50  ?  131 PRO A CD  1 
ATOM   1054 N  N   . GLY A 1 141 ? -19.654 -10.745 3.466   1.00 66.49  ?  132 GLY A N   1 
ATOM   1055 C  CA  . GLY A 1 141 ? -19.436 -10.724 2.021   1.00 70.36  ?  132 GLY A CA  1 
ATOM   1056 C  C   . GLY A 1 141 ? -18.157 -10.012 1.614   1.00 74.47  ?  132 GLY A C   1 
ATOM   1057 O  O   . GLY A 1 141 ? -18.066 -9.459  0.514   1.00 74.75  ?  132 GLY A O   1 
ATOM   1058 N  N   . LYS A 1 142 ? -17.179 -10.009 2.518   1.00 76.11  ?  133 LYS A N   1 
ATOM   1059 C  CA  . LYS A 1 142 ? -15.853 -9.468  2.262   1.00 73.72  ?  133 LYS A CA  1 
ATOM   1060 C  C   . LYS A 1 142 ? -14.880 -10.450 2.874   1.00 74.64  ?  133 LYS A C   1 
ATOM   1061 O  O   . LYS A 1 142 ? -14.883 -10.651 4.084   1.00 78.57  ?  133 LYS A O   1 
ATOM   1062 C  CB  . LYS A 1 142 ? -15.678 -8.078  2.881   1.00 70.01  ?  133 LYS A CB  1 
ATOM   1063 C  CG  . LYS A 1 142 ? -16.677 -7.051  2.369   1.00 70.56  ?  133 LYS A CG  1 
ATOM   1064 C  CD  . LYS A 1 142 ? -16.213 -5.622  2.599   1.00 70.25  ?  133 LYS A CD  1 
ATOM   1065 C  CE  . LYS A 1 142 ? -17.290 -4.614  2.210   1.00 70.65  ?  133 LYS A CE  1 
ATOM   1066 N  NZ  . LYS A 1 142 ? -16.814 -3.204  2.333   1.00 71.26  ?  133 LYS A NZ  1 
ATOM   1067 N  N   . PHE A 1 143 ? -14.095 -11.094 2.023   1.00 78.85  ?  134 PHE A N   1 
ATOM   1068 C  CA  . PHE A 1 143 ? -13.052 -12.020 2.446   1.00 81.47  ?  134 PHE A CA  1 
ATOM   1069 C  C   . PHE A 1 143 ? -11.724 -11.509 1.887   1.00 82.31  ?  134 PHE A C   1 
ATOM   1070 O  O   . PHE A 1 143 ? -11.676 -10.484 1.186   1.00 72.09  ?  134 PHE A O   1 
ATOM   1071 C  CB  . PHE A 1 143 ? -13.350 -13.448 1.961   1.00 80.97  ?  134 PHE A CB  1 
ATOM   1072 C  CG  . PHE A 1 143 ? -13.540 -13.556 0.475   1.00 84.24  ?  134 PHE A CG  1 
ATOM   1073 C  CD1 . PHE A 1 143 ? -12.446 -13.678 -0.377  1.00 87.37  ?  134 PHE A CD1 1 
ATOM   1074 C  CD2 . PHE A 1 143 ? -14.816 -13.512 -0.080  1.00 86.62  ?  134 PHE A CD2 1 
ATOM   1075 C  CE1 . PHE A 1 143 ? -12.620 -13.758 -1.751  1.00 87.68  ?  134 PHE A CE1 1 
ATOM   1076 C  CE2 . PHE A 1 143 ? -14.995 -13.595 -1.454  1.00 86.46  ?  134 PHE A CE2 1 
ATOM   1077 C  CZ  . PHE A 1 143 ? -13.897 -13.719 -2.290  1.00 87.04  ?  134 PHE A CZ  1 
ATOM   1078 N  N   . VAL A 1 144 ? -10.651 -12.205 2.254   1.00 84.42  ?  135 VAL A N   1 
ATOM   1079 C  CA  . VAL A 1 144 ? -9.359  -12.096 1.579   1.00 85.41  ?  135 VAL A CA  1 
ATOM   1080 C  C   . VAL A 1 144 ? -8.726  -13.484 1.557   1.00 82.18  ?  135 VAL A C   1 
ATOM   1081 O  O   . VAL A 1 144 ? -8.657  -14.154 2.586   1.00 77.10  ?  135 VAL A O   1 
ATOM   1082 C  CB  . VAL A 1 144 ? -8.381  -11.081 2.241   1.00 87.71  ?  135 VAL A CB  1 
ATOM   1083 C  CG1 . VAL A 1 144 ? -8.989  -9.679  2.337   1.00 88.21  ?  135 VAL A CG1 1 
ATOM   1084 C  CG2 . VAL A 1 144 ? -7.918  -11.556 3.612   1.00 88.03  ?  135 VAL A CG2 1 
ATOM   1085 N  N   . LYS A 1 145 ? -8.293  -13.915 0.376   1.00 84.06  ?  136 LYS A N   1 
ATOM   1086 C  CA  . LYS A 1 145 ? -7.516  -15.144 0.223   1.00 83.65  ?  136 LYS A CA  1 
ATOM   1087 C  C   . LYS A 1 145 ? -6.294  -14.880 -0.664  1.00 80.87  ?  136 LYS A C   1 
ATOM   1088 O  O   . LYS A 1 145 ? -6.162  -13.803 -1.259  1.00 77.54  ?  136 LYS A O   1 
ATOM   1089 C  CB  . LYS A 1 145 ? -8.391  -16.273 -0.329  1.00 84.79  ?  136 LYS A CB  1 
ATOM   1090 C  CG  . LYS A 1 145 ? -8.897  -16.063 -1.748  1.00 87.01  ?  136 LYS A CG  1 
ATOM   1091 C  CD  . LYS A 1 145 ? -10.339 -16.530 -1.894  1.00 92.12  ?  136 LYS A CD  1 
ATOM   1092 C  CE  . LYS A 1 145 ? -10.868 -16.311 -3.303  1.00 92.96  ?  136 LYS A CE  1 
ATOM   1093 N  NZ  . LYS A 1 145 ? -10.378 -17.340 -4.259  1.00 90.64  ?  136 LYS A NZ  1 
ATOM   1094 N  N   . ALA A 1 146 ? -5.401  -15.866 -0.724  1.00 75.04  ?  137 ALA A N   1 
ATOM   1095 C  CA  . ALA A 1 146 ? -4.123  -15.744 -1.424  1.00 69.18  ?  137 ALA A CA  1 
ATOM   1096 C  C   . ALA A 1 146 ? -3.330  -14.528 -0.921  1.00 67.29  ?  137 ALA A C   1 
ATOM   1097 O  O   . ALA A 1 146 ? -3.246  -13.524 -1.600  1.00 75.29  ?  137 ALA A O   1 
ATOM   1098 C  CB  . ALA A 1 146 ? -4.343  -15.682 -2.935  1.00 66.27  ?  137 ALA A CB  1 
ATOM   1099 N  N   . ALA A 1 147 ? -2.767  -14.630 0.278   1.00 59.49  ?  138 ALA A N   1 
ATOM   1100 C  CA  . ALA A 1 147 ? -2.046  -13.528 0.899   1.00 56.77  ?  138 ALA A CA  1 
ATOM   1101 C  C   . ALA A 1 147 ? -0.578  -13.910 1.077   1.00 54.51  ?  138 ALA A C   1 
ATOM   1102 O  O   . ALA A 1 147 ? -0.270  -14.782 1.889   1.00 52.69  ?  138 ALA A O   1 
ATOM   1103 C  CB  . ALA A 1 147 ? -2.671  -13.193 2.239   1.00 57.63  ?  138 ALA A CB  1 
ATOM   1104 N  N   . ASP A 1 148 ? 0.316   -13.253 0.331   1.00 51.11  ?  139 ASP A N   1 
ATOM   1105 C  CA  . ASP A 1 148 ? 1.738   -13.609 0.315   1.00 52.81  ?  139 ASP A CA  1 
ATOM   1106 C  C   . ASP A 1 148 ? 2.653   -12.413 0.132   1.00 47.50  ?  139 ASP A C   1 
ATOM   1107 O  O   . ASP A 1 148 ? 2.301   -11.442 -0.542  1.00 48.37  ?  139 ASP A O   1 
ATOM   1108 C  CB  . ASP A 1 148 ? 2.013   -14.615 -0.814  1.00 59.01  ?  139 ASP A CB  1 
ATOM   1109 C  CG  . ASP A 1 148 ? 1.597   -16.030 -0.449  1.00 68.31  ?  139 ASP A CG  1 
ATOM   1110 O  OD1 . ASP A 1 148 ? 2.257   -16.624 0.438   1.00 69.66  ?  139 ASP A OD1 1 
ATOM   1111 O  OD2 . ASP A 1 148 ? 0.612   -16.544 -1.040  1.00 74.04  ?  139 ASP A OD2 1 
ATOM   1112 N  N   . TRP A 1 149 ? 3.843   -12.510 0.716   1.00 43.09  ?  140 TRP A N   1 
ATOM   1113 C  CA  . TRP A 1 149 ? 4.929   -11.564 0.456   1.00 42.80  ?  140 TRP A CA  1 
ATOM   1114 C  C   . TRP A 1 149 ? 5.757   -11.978 -0.766  1.00 44.01  ?  140 TRP A C   1 
ATOM   1115 O  O   . TRP A 1 149 ? 6.071   -13.159 -0.940  1.00 45.50  ?  140 TRP A O   1 
ATOM   1116 C  CB  . TRP A 1 149 ? 5.831   -11.452 1.685   1.00 41.47  ?  140 TRP A CB  1 
ATOM   1117 C  CG  . TRP A 1 149 ? 5.149   -10.736 2.768   1.00 40.34  ?  140 TRP A CG  1 
ATOM   1118 C  CD1 . TRP A 1 149 ? 4.601   -11.265 3.904   1.00 39.42  ?  140 TRP A CD1 1 
ATOM   1119 C  CD2 . TRP A 1 149 ? 4.877   -9.340  2.800   1.00 38.27  ?  140 TRP A CD2 1 
ATOM   1120 N  NE1 . TRP A 1 149 ? 4.024   -10.267 4.655   1.00 39.83  ?  140 TRP A NE1 1 
ATOM   1121 C  CE2 . TRP A 1 149 ? 4.182   -9.075  3.999   1.00 38.13  ?  140 TRP A CE2 1 
ATOM   1122 C  CE3 . TRP A 1 149 ? 5.164   -8.280  1.932   1.00 36.97  ?  140 TRP A CE3 1 
ATOM   1123 C  CZ2 . TRP A 1 149 ? 3.775   -7.801  4.352   1.00 38.45  ?  140 TRP A CZ2 1 
ATOM   1124 C  CZ3 . TRP A 1 149 ? 4.764   -7.009  2.280   1.00 37.52  ?  140 TRP A CZ3 1 
ATOM   1125 C  CH2 . TRP A 1 149 ? 4.068   -6.778  3.484   1.00 38.48  ?  140 TRP A CH2 1 
ATOM   1126 N  N   . VAL A 1 150 ? 6.088   -11.008 -1.614  1.00 42.86  ?  141 VAL A N   1 
ATOM   1127 C  CA  . VAL A 1 150 ? 6.977   -11.235 -2.765  1.00 40.61  ?  141 VAL A CA  1 
ATOM   1128 C  C   . VAL A 1 150 ? 8.057   -10.158 -2.778  1.00 41.14  ?  141 VAL A C   1 
ATOM   1129 O  O   . VAL A 1 150 ? 7.917   -9.116  -2.130  1.00 43.05  ?  141 VAL A O   1 
ATOM   1130 C  CB  . VAL A 1 150 ? 6.212   -11.294 -4.120  1.00 39.82  ?  141 VAL A CB  1 
ATOM   1131 C  CG1 . VAL A 1 150 ? 5.191   -12.432 -4.130  1.00 40.58  ?  141 VAL A CG1 1 
ATOM   1132 C  CG2 . VAL A 1 150 ? 5.538   -9.976  -4.457  1.00 39.01  ?  141 VAL A CG2 1 
ATOM   1133 N  N   . ASP A 1 151 ? 9.124   -10.410 -3.528  1.00 41.47  ?  142 ASP A N   1 
ATOM   1134 C  CA  . ASP A 1 151 ? 10.351  -9.613  -3.433  1.00 41.14  ?  142 ASP A CA  1 
ATOM   1135 C  C   . ASP A 1 151 ? 10.287  -8.327  -4.254  1.00 38.82  ?  142 ASP A C   1 
ATOM   1136 O  O   . ASP A 1 151 ? 9.278   -8.046  -4.906  1.00 37.19  ?  142 ASP A O   1 
ATOM   1137 C  CB  . ASP A 1 151 ? 11.594  -10.473 -3.763  1.00 46.28  ?  142 ASP A CB  1 
ATOM   1138 C  CG  . ASP A 1 151 ? 11.672  -10.936 -5.248  1.00 47.63  ?  142 ASP A CG  1 
ATOM   1139 O  OD1 . ASP A 1 151 ? 10.997  -10.378 -6.151  1.00 45.54  ?  142 ASP A OD1 1 
ATOM   1140 O  OD2 . ASP A 1 151 ? 12.453  -11.884 -5.491  1.00 50.69  ?  142 ASP A OD2 1 
ATOM   1141 N  N   . ARG A 1 152 ? 11.352  -7.535  -4.200  1.00 40.19  ?  143 ARG A N   1 
ATOM   1142 C  CA  . ARG A 1 152 ? 11.393  -6.244  -4.899  1.00 43.91  ?  143 ARG A CA  1 
ATOM   1143 C  C   . ARG A 1 152 ? 11.177  -6.348  -6.426  1.00 46.34  ?  143 ARG A C   1 
ATOM   1144 O  O   . ARG A 1 152 ? 10.410  -5.559  -6.998  1.00 45.90  ?  143 ARG A O   1 
ATOM   1145 C  CB  . ARG A 1 152 ? 12.700  -5.498  -4.597  1.00 43.68  ?  143 ARG A CB  1 
ATOM   1146 C  CG  . ARG A 1 152 ? 12.828  -4.190  -5.363  1.00 44.97  ?  143 ARG A CG  1 
ATOM   1147 C  CD  . ARG A 1 152 ? 14.042  -3.389  -4.949  1.00 46.73  ?  143 ARG A CD  1 
ATOM   1148 N  NE  . ARG A 1 152 ? 15.290  -4.101  -5.199  1.00 49.03  ?  143 ARG A NE  1 
ATOM   1149 C  CZ  . ARG A 1 152 ? 16.501  -3.630  -4.894  1.00 52.88  ?  143 ARG A CZ  1 
ATOM   1150 N  NH1 . ARG A 1 152 ? 16.646  -2.423  -4.332  1.00 51.34  ?  143 ARG A NH1 1 
ATOM   1151 N  NH2 . ARG A 1 152 ? 17.581  -4.368  -5.162  1.00 52.05  ?  143 ARG A NH2 1 
ATOM   1152 N  N   . ALA A 1 153 ? 11.858  -7.298  -7.075  1.00 48.50  ?  144 ALA A N   1 
ATOM   1153 C  CA  . ALA A 1 153 ? 11.721  -7.507  -8.534  1.00 48.63  ?  144 ALA A CA  1 
ATOM   1154 C  C   . ALA A 1 153 ? 10.253  -7.623  -8.973  1.00 48.28  ?  144 ALA A C   1 
ATOM   1155 O  O   . ALA A 1 153 ? 9.825   -6.998  -9.961  1.00 46.83  ?  144 ALA A O   1 
ATOM   1156 C  CB  . ALA A 1 153 ? 12.501  -8.742  -8.965  1.00 48.17  ?  144 ALA A CB  1 
ATOM   1157 N  N   . GLU A 1 154 ? 9.474   -8.372  -8.199  1.00 48.54  ?  145 GLU A N   1 
ATOM   1158 C  CA  . GLU A 1 154 ? 8.046   -8.583  -8.510  1.00 50.75  ?  145 GLU A CA  1 
ATOM   1159 C  C   . GLU A 1 154 ? 7.265   -7.280  -8.315  1.00 45.88  ?  145 GLU A C   1 
ATOM   1160 O  O   . GLU A 1 154 ? 6.379   -6.952  -9.101  1.00 45.35  ?  145 GLU A O   1 
ATOM   1161 C  CB  . GLU A 1 154 ? 7.446   -9.689  -7.635  1.00 55.32  ?  145 GLU A CB  1 
ATOM   1162 C  CG  . GLU A 1 154 ? 8.309   -10.948 -7.507  1.00 63.33  ?  145 GLU A CG  1 
ATOM   1163 C  CD  . GLU A 1 154 ? 7.795   -12.158 -8.264  1.00 74.11  ?  145 GLU A CD  1 
ATOM   1164 O  OE1 . GLU A 1 154 ? 7.114   -11.985 -9.308  1.00 74.69  ?  145 GLU A OE1 1 
ATOM   1165 O  OE2 . GLU A 1 154 ? 8.110   -13.289 -7.811  1.00 79.30  ?  145 GLU A OE2 1 
ATOM   1166 N  N   . ALA A 1 155 ? 7.619   -6.536  -7.268  1.00 43.09  ?  146 ALA A N   1 
ATOM   1167 C  CA  . ALA A 1 155 ? 7.053   -5.215  -7.018  1.00 40.13  ?  146 ALA A CA  1 
ATOM   1168 C  C   . ALA A 1 155 ? 7.355   -4.250  -8.163  1.00 39.08  ?  146 ALA A C   1 
ATOM   1169 O  O   . ALA A 1 155 ? 6.455   -3.561  -8.654  1.00 38.64  ?  146 ALA A O   1 
ATOM   1170 C  CB  . ALA A 1 155 ? 7.565   -4.650  -5.690  1.00 38.85  ?  146 ALA A CB  1 
ATOM   1171 N  N   . GLU A 1 156 ? 8.607   -4.216  -8.604  1.00 40.92  ?  147 GLU A N   1 
ATOM   1172 C  CA  . GLU A 1 156 ? 9.021   -3.304  -9.702  1.00 43.57  ?  147 GLU A CA  1 
ATOM   1173 C  C   . GLU A 1 156 ? 8.244   -3.562  -10.993 1.00 43.21  ?  147 GLU A C   1 
ATOM   1174 O  O   . GLU A 1 156 ? 7.718   -2.624  -11.610 1.00 40.95  ?  147 GLU A O   1 
ATOM   1175 C  CB  . GLU A 1 156 ? 10.523  -3.400  -9.989  1.00 45.76  ?  147 GLU A CB  1 
ATOM   1176 C  CG  . GLU A 1 156 ? 11.413  -3.227  -8.755  1.00 50.31  ?  147 GLU A CG  1 
ATOM   1177 C  CD  . GLU A 1 156 ? 12.544  -2.220  -8.904  1.00 54.64  ?  147 GLU A CD  1 
ATOM   1178 O  OE1 . GLU A 1 156 ? 12.476  -1.337  -9.778  1.00 68.66  ?  147 GLU A OE1 1 
ATOM   1179 O  OE2 . GLU A 1 156 ? 13.507  -2.290  -8.114  1.00 56.21  ?  147 GLU A OE2 1 
ATOM   1180 N  N   . ALA A 1 157 ? 8.143   -4.838  -11.361 1.00 42.30  ?  148 ALA A N   1 
ATOM   1181 C  CA  . ALA A 1 157 ? 7.417   -5.235  -12.555 1.00 44.73  ?  148 ALA A CA  1 
ATOM   1182 C  C   . ALA A 1 157 ? 5.937   -4.843  -12.493 1.00 47.76  ?  148 ALA A C   1 
ATOM   1183 O  O   . ALA A 1 157 ? 5.369   -4.386  -13.504 1.00 47.35  ?  148 ALA A O   1 
ATOM   1184 C  CB  . ALA A 1 157 ? 7.566   -6.736  -12.794 1.00 45.64  ?  148 ALA A CB  1 
ATOM   1185 N  N   . GLU A 1 158 ? 5.310   -4.990  -11.322 1.00 46.91  ?  149 GLU A N   1 
ATOM   1186 C  CA  . GLU A 1 158 ? 3.899   -4.609  -11.199 1.00 45.45  ?  149 GLU A CA  1 
ATOM   1187 C  C   . GLU A 1 158 ? 3.673   -3.094  -11.268 1.00 43.49  ?  149 GLU A C   1 
ATOM   1188 O  O   . GLU A 1 158 ? 2.640   -2.639  -11.775 1.00 41.23  ?  149 GLU A O   1 
ATOM   1189 C  CB  . GLU A 1 158 ? 3.246   -5.207  -9.951  1.00 47.47  ?  149 GLU A CB  1 
ATOM   1190 C  CG  . GLU A 1 158 ? 1.726   -4.970  -9.922  1.00 50.34  ?  149 GLU A CG  1 
ATOM   1191 C  CD  . GLU A 1 158 ? 0.965   -5.927  -9.020  1.00 53.34  ?  149 GLU A CD  1 
ATOM   1192 O  OE1 . GLU A 1 158 ? -0.152  -5.577  -8.571  1.00 51.65  ?  149 GLU A OE1 1 
ATOM   1193 O  OE2 . GLU A 1 158 ? 1.474   -7.039  -8.763  1.00 59.55  ?  149 GLU A OE2 1 
ATOM   1194 N  N   . VAL A 1 159 ? 4.633   -2.321  -10.767 1.00 44.85  ?  150 VAL A N   1 
ATOM   1195 C  CA  . VAL A 1 159 ? 4.568   -0.854  -10.848 1.00 46.40  ?  150 VAL A CA  1 
ATOM   1196 C  C   . VAL A 1 159 ? 4.750   -0.462  -12.303 1.00 46.96  ?  150 VAL A C   1 
ATOM   1197 O  O   . VAL A 1 159 ? 3.930   0.273   -12.857 1.00 48.10  ?  150 VAL A O   1 
ATOM   1198 C  CB  . VAL A 1 159 ? 5.647   -0.161  -9.968  1.00 45.84  ?  150 VAL A CB  1 
ATOM   1199 C  CG1 . VAL A 1 159 ? 5.635   1.353   -10.162 1.00 44.98  ?  150 VAL A CG1 1 
ATOM   1200 C  CG2 . VAL A 1 159 ? 5.420   -0.475  -8.493  1.00 46.82  ?  150 VAL A CG2 1 
ATOM   1201 N  N   . GLN A 1 160 ? 5.830   -0.978  -12.891 1.00 51.14  ?  151 GLN A N   1 
ATOM   1202 C  CA  . GLN A 1 160 ? 6.146   -0.836  -14.318 1.00 56.21  ?  151 GLN A CA  1 
ATOM   1203 C  C   . GLN A 1 160 ? 4.925   -1.021  -15.212 1.00 53.63  ?  151 GLN A C   1 
ATOM   1204 O  O   . GLN A 1 160 ? 4.564   -0.112  -15.958 1.00 54.68  ?  151 GLN A O   1 
ATOM   1205 C  CB  . GLN A 1 160 ? 7.233   -1.844  -14.721 1.00 62.81  ?  151 GLN A CB  1 
ATOM   1206 C  CG  . GLN A 1 160 ? 7.809   -1.657  -16.114 1.00 70.21  ?  151 GLN A CG  1 
ATOM   1207 C  CD  . GLN A 1 160 ? 8.653   -0.399  -16.215 1.00 76.53  ?  151 GLN A CD  1 
ATOM   1208 O  OE1 . GLN A 1 160 ? 9.740   -0.320  -15.624 1.00 78.18  ?  151 GLN A OE1 1 
ATOM   1209 N  NE2 . GLN A 1 160 ? 8.158   0.598   -16.956 1.00 75.85  ?  151 GLN A NE2 1 
ATOM   1210 N  N   . ARG A 1 161 ? 4.272   -2.173  -15.114 1.00 51.18  ?  152 ARG A N   1 
ATOM   1211 C  CA  . ARG A 1 161 ? 3.120   -2.440  -15.978 1.00 53.78  ?  152 ARG A CA  1 
ATOM   1212 C  C   . ARG A 1 161 ? 1.898   -1.565  -15.656 1.00 53.67  ?  152 ARG A C   1 
ATOM   1213 O  O   . ARG A 1 161 ? 1.079   -1.293  -16.548 1.00 55.82  ?  152 ARG A O   1 
ATOM   1214 C  CB  . ARG A 1 161 ? 2.781   -3.938  -16.031 1.00 55.83  ?  152 ARG A CB  1 
ATOM   1215 C  CG  . ARG A 1 161 ? 2.171   -4.532  -14.781 1.00 58.01  ?  152 ARG A CG  1 
ATOM   1216 C  CD  . ARG A 1 161 ? 1.693   -5.949  -15.041 1.00 57.44  ?  152 ARG A CD  1 
ATOM   1217 N  NE  . ARG A 1 161 ? 1.310   -6.592  -13.786 1.00 57.40  ?  152 ARG A NE  1 
ATOM   1218 C  CZ  . ARG A 1 161 ? 2.136   -7.244  -12.962 1.00 51.98  ?  152 ARG A CZ  1 
ATOM   1219 N  NH1 . ARG A 1 161 ? 3.433   -7.391  -13.244 1.00 49.03  ?  152 ARG A NH1 1 
ATOM   1220 N  NH2 . ARG A 1 161 ? 1.643   -7.764  -11.836 1.00 50.54  ?  152 ARG A NH2 1 
ATOM   1221 N  N   . SER A 1 162 ? 1.787   -1.106  -14.406 1.00 52.33  ?  153 SER A N   1 
ATOM   1222 C  CA  . SER A 1 162 ? 0.684   -0.215  -13.999 1.00 49.16  ?  153 SER A CA  1 
ATOM   1223 C  C   . SER A 1 162 ? 0.912   1.240   -14.408 1.00 49.49  ?  153 SER A C   1 
ATOM   1224 O  O   . SER A 1 162 ? -0.046  2.013   -14.554 1.00 45.46  ?  153 SER A O   1 
ATOM   1225 C  CB  . SER A 1 162 ? 0.447   -0.316  -12.493 1.00 48.84  ?  153 SER A CB  1 
ATOM   1226 O  OG  . SER A 1 162 ? 0.214   -1.665  -12.110 1.00 46.53  ?  153 SER A OG  1 
ATOM   1227 N  N   . VAL A 1 163 ? 2.177   1.620   -14.568 1.00 51.31  ?  154 VAL A N   1 
ATOM   1228 C  CA  . VAL A 1 163 ? 2.512   2.913   -15.149 1.00 53.20  ?  154 VAL A CA  1 
ATOM   1229 C  C   . VAL A 1 163 ? 2.156   2.901   -16.640 1.00 54.03  ?  154 VAL A C   1 
ATOM   1230 O  O   . VAL A 1 163 ? 1.535   3.847   -17.133 1.00 50.78  ?  154 VAL A O   1 
ATOM   1231 C  CB  . VAL A 1 163 ? 3.992   3.286   -14.886 1.00 56.81  ?  154 VAL A CB  1 
ATOM   1232 C  CG1 . VAL A 1 163 ? 4.467   4.415   -15.801 1.00 58.30  ?  154 VAL A CG1 1 
ATOM   1233 C  CG2 . VAL A 1 163 ? 4.158   3.689   -13.423 1.00 56.52  ?  154 VAL A CG2 1 
ATOM   1234 N  N   . GLU A 1 164 ? 2.527   1.829   -17.343 1.00 54.67  ?  155 GLU A N   1 
ATOM   1235 C  CA  . GLU A 1 164 ? 2.211   1.695   -18.774 1.00 57.17  ?  155 GLU A CA  1 
ATOM   1236 C  C   . GLU A 1 164 ? 0.713   1.725   -19.041 1.00 54.66  ?  155 GLU A C   1 
ATOM   1237 O  O   . GLU A 1 164 ? 0.266   2.446   -19.933 1.00 51.31  ?  155 GLU A O   1 
ATOM   1238 C  CB  . GLU A 1 164 ? 2.838   0.432   -19.364 1.00 62.08  ?  155 GLU A CB  1 
ATOM   1239 C  CG  . GLU A 1 164 ? 4.330   0.612   -19.649 1.00 68.84  ?  155 GLU A CG  1 
ATOM   1240 C  CD  . GLU A 1 164 ? 5.152   -0.658  -19.471 1.00 75.65  ?  155 GLU A CD  1 
ATOM   1241 O  OE1 . GLU A 1 164 ? 4.616   -1.768  -19.693 1.00 77.13  ?  155 GLU A OE1 1 
ATOM   1242 O  OE2 . GLU A 1 164 ? 6.348   -0.540  -19.110 1.00 80.38  ?  155 GLU A OE2 1 
ATOM   1243 N  N   . ARG A 1 165 ? -0.055  0.977   -18.248 1.00 52.22  ?  156 ARG A N   1 
ATOM   1244 C  CA  . ARG A 1 165 ? -1.519  0.993   -18.362 1.00 56.20  ?  156 ARG A CA  1 
ATOM   1245 C  C   . ARG A 1 165 ? -2.145  2.382   -18.138 1.00 60.55  ?  156 ARG A C   1 
ATOM   1246 O  O   . ARG A 1 165 ? -3.164  2.708   -18.767 1.00 62.36  ?  156 ARG A O   1 
ATOM   1247 C  CB  . ARG A 1 165 ? -2.168  -0.021  -17.413 1.00 58.70  ?  156 ARG A CB  1 
ATOM   1248 C  CG  . ARG A 1 165 ? -2.188  -1.454  -17.925 1.00 61.66  ?  156 ARG A CG  1 
ATOM   1249 C  CD  . ARG A 1 165 ? -3.115  -2.314  -17.075 1.00 63.80  ?  156 ARG A CD  1 
ATOM   1250 N  NE  . ARG A 1 165 ? -2.568  -2.459  -15.727 1.00 66.82  ?  156 ARG A NE  1 
ATOM   1251 C  CZ  . ARG A 1 165 ? -2.046  -3.568  -15.197 1.00 70.04  ?  156 ARG A CZ  1 
ATOM   1252 N  NH1 . ARG A 1 165 ? -2.005  -4.726  -15.859 1.00 73.74  ?  156 ARG A NH1 1 
ATOM   1253 N  NH2 . ARG A 1 165 ? -1.564  -3.517  -13.959 1.00 70.10  ?  156 ARG A NH2 1 
ATOM   1254 N  N   . PHE A 1 166 ? -1.562  3.180   -17.240 1.00 61.36  ?  157 PHE A N   1 
ATOM   1255 C  CA  . PHE A 1 166 ? -2.036  4.548   -16.994 1.00 62.35  ?  157 PHE A CA  1 
ATOM   1256 C  C   . PHE A 1 166 ? -1.788  5.433   -18.217 1.00 63.31  ?  157 PHE A C   1 
ATOM   1257 O  O   . PHE A 1 166 ? -2.650  6.225   -18.602 1.00 60.30  ?  157 PHE A O   1 
ATOM   1258 C  CB  . PHE A 1 166 ? -1.361  5.159   -15.747 1.00 61.17  ?  157 PHE A CB  1 
ATOM   1259 C  CG  . PHE A 1 166 ? -1.913  6.505   -15.350 1.00 57.84  ?  157 PHE A CG  1 
ATOM   1260 C  CD1 . PHE A 1 166 ? -3.052  6.599   -14.548 1.00 58.30  ?  157 PHE A CD1 1 
ATOM   1261 C  CD2 . PHE A 1 166 ? -1.303  7.684   -15.781 1.00 56.27  ?  157 PHE A CD2 1 
ATOM   1262 C  CE1 . PHE A 1 166 ? -3.569  7.843   -14.174 1.00 57.66  ?  157 PHE A CE1 1 
ATOM   1263 C  CE2 . PHE A 1 166 ? -1.812  8.925   -15.414 1.00 55.84  ?  157 PHE A CE2 1 
ATOM   1264 C  CZ  . PHE A 1 166 ? -2.945  9.007   -14.608 1.00 57.24  ?  157 PHE A CZ  1 
ATOM   1265 N  N   . LYS A 1 167 ? -0.603  5.288   -18.807 1.00 70.34  ?  158 LYS A N   1 
ATOM   1266 C  CA  . LYS A 1 167 ? -0.196  6.056   -19.991 1.00 74.44  ?  158 LYS A CA  1 
ATOM   1267 C  C   . LYS A 1 167 ? -1.040  5.719   -21.228 1.00 74.34  ?  158 LYS A C   1 
ATOM   1268 O  O   . LYS A 1 167 ? -1.354  6.606   -22.031 1.00 70.36  ?  158 LYS A O   1 
ATOM   1269 C  CB  . LYS A 1 167 ? 1.291   5.828   -20.289 1.00 76.05  ?  158 LYS A CB  1 
ATOM   1270 C  CG  . LYS A 1 167 ? 2.223   6.407   -19.235 1.00 77.42  ?  158 LYS A CG  1 
ATOM   1271 C  CD  . LYS A 1 167 ? 3.656   5.927   -19.431 1.00 80.47  ?  158 LYS A CD  1 
ATOM   1272 C  CE  . LYS A 1 167 ? 4.667   6.963   -18.957 1.00 82.25  ?  158 LYS A CE  1 
ATOM   1273 N  NZ  . LYS A 1 167 ? 4.785   8.094   -19.926 1.00 83.78  ?  158 LYS A NZ  1 
ATOM   1274 N  N   . ALA A 1 168 ? -1.422  4.451   -21.370 1.00 74.40  ?  159 ALA A N   1 
ATOM   1275 C  CA  . ALA A 1 168 ? -2.340  4.021   -22.432 1.00 75.41  ?  159 ALA A CA  1 
ATOM   1276 C  C   . ALA A 1 168 ? -3.785  4.501   -22.157 1.00 78.32  ?  159 ALA A C   1 
ATOM   1277 O  O   . ALA A 1 168 ? -4.693  3.685   -22.003 1.00 77.99  ?  159 ALA A O   1 
ATOM   1278 C  CB  . ALA A 1 168 ? -2.288  2.499   -22.573 1.00 73.36  ?  159 ALA A CB  1 
ATOM   1279 N  N   . GLY A 1 169 ? -3.993  5.824   -22.124 1.00 83.41  ?  160 GLY A N   1 
ATOM   1280 C  CA  . GLY A 1 169 ? -5.273  6.421   -21.702 1.00 84.28  ?  160 GLY A CA  1 
ATOM   1281 C  C   . GLY A 1 169 ? -5.393  7.914   -21.988 1.00 86.32  ?  160 GLY A C   1 
ATOM   1282 O  O   . GLY A 1 169 ? -4.411  8.659   -21.905 1.00 86.63  ?  160 GLY A O   1 
HETATM 1283 C  C1  . 6RU B 2 .   ? 13.944  4.463   15.070  1.00 97.38  ?  201 6RU A C1  1 
HETATM 1284 C  C2  . 6RU B 2 .   ? 15.381  2.392   14.991  1.00 92.22  ?  201 6RU A C2  1 
HETATM 1285 C  C3  . 6RU B 2 .   ? 16.036  1.430   12.890  1.00 84.47  ?  201 6RU A C3  1 
HETATM 1286 C  C4  . 6RU B 2 .   ? 16.023  1.384   11.383  1.00 86.03  ?  201 6RU A C4  1 
HETATM 1287 C  C5  . 6RU B 2 .   ? 16.918  0.702   10.559  1.00 84.86  ?  201 6RU A C5  1 
HETATM 1288 C  C6  . 6RU B 2 .   ? 16.551  0.922   9.235   1.00 83.42  ?  201 6RU A C6  1 
HETATM 1289 C  C7  . 6RU B 2 .   ? 15.433  1.738   9.237   1.00 84.01  ?  201 6RU A C7  1 
HETATM 1290 C  C8  . 6RU B 2 .   ? 14.165  2.721   10.975  1.00 88.98  ?  201 6RU A C8  1 
HETATM 1291 C  C9  . 6RU B 2 .   ? 14.225  4.123   11.005  1.00 91.48  ?  201 6RU A C9  1 
HETATM 1292 C  C10 . 6RU B 2 .   ? 13.174  4.890   11.511  1.00 92.13  ?  201 6RU A C10 1 
HETATM 1293 C  C11 . 6RU B 2 .   ? 12.028  4.272   12.020  1.00 91.47  ?  201 6RU A C11 1 
HETATM 1294 C  C12 . 6RU B 2 .   ? 11.942  2.883   12.020  1.00 89.87  ?  201 6RU A C12 1 
HETATM 1295 C  C16 . 6RU B 2 .   ? 18.045  -0.271  16.917  1.00 73.96  ?  201 6RU A C16 1 
HETATM 1296 N  N4  . 6RU B 2 .   ? 17.595  -0.456  15.541  1.00 77.29  ?  201 6RU A N4  1 
HETATM 1297 C  C15 . 6RU B 2 .   ? 17.992  -1.654  14.801  1.00 75.46  ?  201 6RU A C15 1 
HETATM 1298 C  C14 . 6RU B 2 .   ? 16.810  0.513   14.906  1.00 79.98  ?  201 6RU A C14 1 
HETATM 1299 N  N5  . 6RU B 2 .   ? 16.123  1.443   15.622  1.00 83.73  ?  201 6RU A N5  1 
HETATM 1300 N  N   . 6RU B 2 .   ? 14.652  3.366   15.732  1.00 95.55  ?  201 6RU A N   1 
HETATM 1301 C  C   . 6RU B 2 .   ? 14.552  3.326   17.193  1.00 93.64  ?  201 6RU A C   1 
HETATM 1302 N  N3  . 6RU B 2 .   ? 16.764  0.511   13.550  1.00 81.71  ?  201 6RU A N3  1 
HETATM 1303 N  N1  . 6RU B 2 .   ? 15.353  2.363   13.623  1.00 90.84  ?  201 6RU A N1  1 
HETATM 1304 N  N2  . 6RU B 2 .   ? 15.178  1.968   10.525  1.00 86.94  ?  201 6RU A N2  1 
HETATM 1305 C  C13 . 6RU B 2 .   ? 13.002  2.131   11.509  1.00 88.45  ?  201 6RU A C13 1 
HETATM 1306 CA CA  . CA  C 3 .   ? -13.660 1.195   -1.019  1.00 88.19  ?  202 CA  A CA  1 
HETATM 1307 CA CA  . CA  D 3 .   ? -15.655 -11.088 6.523   1.00 77.35  ?  203 CA  A CA  1 
HETATM 1308 CA CA  . CA  E 3 .   ? -8.247  2.907   -1.741  1.00 78.68  ?  204 CA  A CA  1 
HETATM 1309 P  P1  . POP F 4 .   ? -12.379 -2.403  0.854   1.00 97.38  ?  205 POP A P1  1 
HETATM 1310 O  O1  . POP F 4 .   ? -13.730 -1.826  0.463   1.00 87.33  -1 205 POP A O1  1 
HETATM 1311 O  O2  . POP F 4 .   ? -11.927 -2.088  2.257   1.00 91.94  ?  205 POP A O2  1 
HETATM 1312 O  O3  . POP F 4 .   ? -12.272 -3.870  0.539   1.00 94.60  ?  205 POP A O3  1 
HETATM 1313 O  O   . POP F 4 .   ? -11.277 -1.625  -0.066  1.00 104.47 ?  205 POP A O   1 
HETATM 1314 P  P2  . POP F 4 .   ? -9.651  -1.836  -0.172  1.00 109.03 ?  205 POP A P2  1 
HETATM 1315 O  O4  . POP F 4 .   ? -9.407  -2.098  -1.643  1.00 109.73 -1 205 POP A O4  1 
HETATM 1316 O  O5  . POP F 4 .   ? -9.063  -0.526  0.281   1.00 96.05  ?  205 POP A O5  1 
HETATM 1317 O  O6  . POP F 4 .   ? -9.255  -2.995  0.711   1.00 107.56 ?  205 POP A O6  1 
HETATM 1318 O  O   . HOH G 5 .   ? -7.504  0.620   -1.136  1.00 60.46  ?  301 HOH A O   1 
HETATM 1319 O  O   . HOH G 5 .   ? -8.266  3.436   1.193   1.00 37.74  ?  302 HOH A O   1 
HETATM 1320 O  O   . HOH G 5 .   ? -3.512  -2.472  -5.433  1.00 35.45  ?  303 HOH A O   1 
HETATM 1321 O  O   . HOH G 5 .   ? -13.548 -3.169  8.930   1.00 37.09  ?  304 HOH A O   1 
HETATM 1322 O  O   . HOH G 5 .   ? 14.464  -0.161  -3.202  1.00 40.51  ?  305 HOH A O   1 
HETATM 1323 O  O   . HOH G 5 .   ? -7.179  -1.055  2.883   1.00 35.98  ?  306 HOH A O   1 
HETATM 1324 O  O   . HOH G 5 .   ? -8.064  5.002   -3.070  1.00 57.47  ?  307 HOH A O   1 
HETATM 1325 O  O   . HOH G 5 .   ? 7.320   15.403  15.355  1.00 31.24  ?  308 HOH A O   1 
HETATM 1326 O  O   . HOH G 5 .   ? 4.533   3.874   8.191   1.00 29.80  ?  309 HOH A O   1 
HETATM 1327 O  O   . HOH G 5 .   ? 12.794  11.509  4.952   1.00 27.76  ?  310 HOH A O   1 
HETATM 1328 O  O   . HOH G 5 .   ? 8.201   10.582  8.457   1.00 31.12  ?  311 HOH A O   1 
HETATM 1329 O  O   . HOH G 5 .   ? -17.970 9.032   2.434   1.00 33.18  ?  312 HOH A O   1 
HETATM 1330 O  O   . HOH G 5 .   ? -8.019  0.657   16.231  1.00 32.85  ?  313 HOH A O   1 
HETATM 1331 O  O   . HOH G 5 .   ? -4.122  3.254   17.127  1.00 48.45  ?  314 HOH A O   1 
HETATM 1332 O  O   . HOH G 5 .   ? -11.987 -4.084  -2.213  1.00 64.44  ?  315 HOH A O   1 
HETATM 1333 O  O   . HOH G 5 .   ? 11.479  10.541  0.461   1.00 33.38  ?  316 HOH A O   1 
HETATM 1334 O  O   . HOH G 5 .   ? -19.663 1.351   6.174   1.00 51.20  ?  317 HOH A O   1 
HETATM 1335 O  O   . HOH G 5 .   ? 13.115  8.628   7.345   1.00 37.94  ?  318 HOH A O   1 
HETATM 1336 O  O   . HOH G 5 .   ? 13.962  -8.796  -5.891  1.00 44.84  ?  319 HOH A O   1 
HETATM 1337 O  O   . HOH G 5 .   ? -6.598  1.608   -4.952  1.00 49.16  ?  320 HOH A O   1 
HETATM 1338 O  O   . HOH G 5 .   ? -7.734  -0.758  -3.566  1.00 62.86  ?  321 HOH A O   1 
HETATM 1339 O  O   . HOH G 5 .   ? 5.417   -0.638  14.609  1.00 36.57  ?  322 HOH A O   1 
HETATM 1340 O  O   . HOH G 5 .   ? -9.881  -9.018  6.088   1.00 38.08  ?  323 HOH A O   1 
HETATM 1341 O  O   . HOH G 5 .   ? -9.223  -7.117  -9.899  0.50 37.73  ?  324 HOH A O   1 
HETATM 1342 O  O   . HOH G 5 .   ? 6.089   2.442   9.559   1.00 29.66  ?  325 HOH A O   1 
HETATM 1343 O  O   . HOH G 5 .   ? -13.900 9.373   -7.947  1.00 52.25  ?  326 HOH A O   1 
HETATM 1344 O  O   . HOH G 5 .   ? 14.389  7.324   9.555   1.00 41.18  ?  327 HOH A O   1 
# 
loop_
_pdbx_poly_seq_scheme.asym_id 
_pdbx_poly_seq_scheme.entity_id 
_pdbx_poly_seq_scheme.seq_id 
_pdbx_poly_seq_scheme.mon_id 
_pdbx_poly_seq_scheme.ndb_seq_num 
_pdbx_poly_seq_scheme.pdb_seq_num 
_pdbx_poly_seq_scheme.auth_seq_num 
_pdbx_poly_seq_scheme.pdb_mon_id 
_pdbx_poly_seq_scheme.auth_mon_id 
_pdbx_poly_seq_scheme.pdb_strand_id 
_pdbx_poly_seq_scheme.pdb_ins_code 
_pdbx_poly_seq_scheme.hetero 
A 1 1   MET 1   -8  ?   ?   ?   A . n 
A 1 2   ALA 2   -7  ?   ?   ?   A . n 
A 1 3   HIS 3   -6  ?   ?   ?   A . n 
A 1 4   HIS 4   -5  ?   ?   ?   A . n 
A 1 5   HIS 5   -4  ?   ?   ?   A . n 
A 1 6   HIS 6   -3  ?   ?   ?   A . n 
A 1 7   HIS 7   -2  ?   ?   ?   A . n 
A 1 8   HIS 8   -1  ?   ?   ?   A . n 
A 1 9   ALA 9   0   0   ALA ALA A . n 
A 1 10  MET 10  1   1   MET MET A . n 
A 1 11  GLN 11  2   2   GLN GLN A . n 
A 1 12  PHE 12  3   3   PHE PHE A . n 
A 1 13  ASP 13  4   4   ASP ASP A . n 
A 1 14  VAL 14  5   5   VAL VAL A . n 
A 1 15  THR 15  6   6   THR THR A . n 
A 1 16  ILE 16  7   7   ILE ILE A . n 
A 1 17  GLU 17  8   8   GLU GLU A . n 
A 1 18  ILE 18  9   9   ILE ILE A . n 
A 1 19  PRO 19  10  10  PRO PRO A . n 
A 1 20  LYS 20  11  11  LYS LYS A . n 
A 1 21  GLY 21  12  12  GLY GLY A . n 
A 1 22  GLN 22  13  13  GLN GLN A . n 
A 1 23  ARG 23  14  14  ARG ARG A . n 
A 1 24  ASN 24  15  15  ASN ASN A . n 
A 1 25  LYS 25  16  16  LYS LYS A . n 
A 1 26  TYR 26  17  17  TYR TYR A . n 
A 1 27  GLU 27  18  18  GLU GLU A . n 
A 1 28  VAL 28  19  19  VAL VAL A . n 
A 1 29  ASP 29  20  20  ASP ASP A . n 
A 1 30  HIS 30  21  21  HIS HIS A . n 
A 1 31  GLU 31  22  22  GLU GLU A . n 
A 1 32  THR 32  23  23  THR THR A . n 
A 1 33  GLY 33  24  24  GLY GLY A . n 
A 1 34  ARG 34  25  25  ARG ARG A . n 
A 1 35  VAL 35  26  26  VAL VAL A . n 
A 1 36  ARG 36  27  27  ARG ARG A . n 
A 1 37  LEU 37  28  28  LEU LEU A . n 
A 1 38  ASP 38  29  29  ASP ASP A . n 
A 1 39  ARG 39  30  30  ARG ARG A . n 
A 1 40  TYR 40  31  31  TYR TYR A . n 
A 1 41  LEU 41  32  32  LEU LEU A . n 
A 1 42  TYR 42  33  33  TYR TYR A . n 
A 1 43  THR 43  34  34  THR THR A . n 
A 1 44  PRO 44  35  35  PRO PRO A . n 
A 1 45  MET 45  36  36  MET MET A . n 
A 1 46  ALA 46  37  37  ALA ALA A . n 
A 1 47  TYR 47  38  38  TYR TYR A . n 
A 1 48  PRO 48  39  39  PRO PRO A . n 
A 1 49  THR 49  40  40  THR THR A . n 
A 1 50  ASP 50  41  41  ASP ASP A . n 
A 1 51  TYR 51  42  42  TYR TYR A . n 
A 1 52  GLY 52  43  43  GLY GLY A . n 
A 1 53  PHE 53  44  44  PHE PHE A . n 
A 1 54  ILE 54  45  45  ILE ILE A . n 
A 1 55  GLU 55  46  46  GLU GLU A . n 
A 1 56  ASP 56  47  47  ASP ASP A . n 
A 1 57  THR 57  48  48  THR THR A . n 
A 1 58  LEU 58  49  49  LEU LEU A . n 
A 1 59  GLY 59  50  50  GLY GLY A . n 
A 1 60  ASP 60  51  51  ASP ASP A . n 
A 1 61  ASP 61  52  52  ASP ASP A . n 
A 1 62  GLY 62  53  53  GLY GLY A . n 
A 1 63  ASP 63  54  54  ASP ASP A . n 
A 1 64  PRO 64  55  55  PRO PRO A . n 
A 1 65  LEU 65  56  56  LEU LEU A . n 
A 1 66  ASP 66  57  57  ASP ASP A . n 
A 1 67  ALA 67  58  58  ALA ALA A . n 
A 1 68  LEU 68  59  59  LEU LEU A . n 
A 1 69  VAL 69  60  60  VAL VAL A . n 
A 1 70  LEU 70  61  61  LEU LEU A . n 
A 1 71  LEU 71  62  62  LEU LEU A . n 
A 1 72  PRO 72  63  63  PRO PRO A . n 
A 1 73  GLN 73  64  64  GLN GLN A . n 
A 1 74  PRO 74  65  65  PRO PRO A . n 
A 1 75  VAL 75  66  66  VAL VAL A . n 
A 1 76  PHE 76  67  67  PHE PHE A . n 
A 1 77  PRO 77  68  68  PRO PRO A . n 
A 1 78  GLY 78  69  69  GLY GLY A . n 
A 1 79  VAL 79  70  70  VAL VAL A . n 
A 1 80  LEU 80  71  71  LEU LEU A . n 
A 1 81  VAL 81  72  72  VAL VAL A . n 
A 1 82  ALA 82  73  73  ALA ALA A . n 
A 1 83  ALA 83  74  74  ALA ALA A . n 
A 1 84  ARG 84  75  75  ARG ARG A . n 
A 1 85  PRO 85  76  76  PRO PRO A . n 
A 1 86  VAL 86  77  77  VAL VAL A . n 
A 1 87  GLY 87  78  78  GLY GLY A . n 
A 1 88  MET 88  79  79  MET MET A . n 
A 1 89  PHE 89  80  80  PHE PHE A . n 
A 1 90  ARG 90  81  81  ARG ARG A . n 
A 1 91  MET 91  82  82  MET MET A . n 
A 1 92  VAL 92  83  83  VAL VAL A . n 
A 1 93  ASP 93  84  84  ASP ASP A . n 
A 1 94  GLU 94  85  85  GLU GLU A . n 
A 1 95  HIS 95  86  86  HIS HIS A . n 
A 1 96  GLY 96  87  87  GLY GLY A . n 
A 1 97  GLY 97  88  88  GLY GLY A . n 
A 1 98  ASP 98  89  89  ASP ASP A . n 
A 1 99  ASP 99  90  90  ASP ASP A . n 
A 1 100 LYS 100 91  91  LYS LYS A . n 
A 1 101 VAL 101 92  92  VAL VAL A . n 
A 1 102 LEU 102 93  93  LEU LEU A . n 
A 1 103 CYS 103 94  94  CYS CYS A . n 
A 1 104 VAL 104 95  95  VAL VAL A . n 
A 1 105 PRO 105 96  96  PRO PRO A . n 
A 1 106 ALA 106 97  97  ALA ALA A . n 
A 1 107 GLY 107 98  98  GLY GLY A . n 
A 1 108 ASP 108 99  99  ASP ASP A . n 
A 1 109 PRO 109 100 100 PRO PRO A . n 
A 1 110 ARG 110 101 101 ARG ARG A . n 
A 1 111 TRP 111 102 102 TRP TRP A . n 
A 1 112 ASP 112 103 103 ASP ASP A . n 
A 1 113 HIS 113 104 104 HIS HIS A . n 
A 1 114 VAL 114 105 105 VAL VAL A . n 
A 1 115 GLN 115 106 106 GLN GLN A . n 
A 1 116 ASP 116 107 107 ASP ASP A . n 
A 1 117 ILE 117 108 108 ILE ILE A . n 
A 1 118 GLY 118 109 109 GLY GLY A . n 
A 1 119 ASP 119 110 110 ASP ASP A . n 
A 1 120 VAL 120 111 111 VAL VAL A . n 
A 1 121 PRO 121 112 112 PRO PRO A . n 
A 1 122 ALA 122 113 113 ALA ALA A . n 
A 1 123 PHE 123 114 114 PHE PHE A . n 
A 1 124 GLU 124 115 115 GLU GLU A . n 
A 1 125 LEU 125 116 116 LEU LEU A . n 
A 1 126 ASP 126 117 117 ASP ASP A . n 
A 1 127 ALA 127 118 118 ALA ALA A . n 
A 1 128 ILE 128 119 119 ILE ILE A . n 
A 1 129 LYS 129 120 120 LYS LYS A . n 
A 1 130 HIS 130 121 121 HIS HIS A . n 
A 1 131 PHE 131 122 122 PHE PHE A . n 
A 1 132 PHE 132 123 123 PHE PHE A . n 
A 1 133 VAL 133 124 124 VAL VAL A . n 
A 1 134 HIS 134 125 125 HIS HIS A . n 
A 1 135 TYR 135 126 126 TYR TYR A . n 
A 1 136 LYS 136 127 127 LYS LYS A . n 
A 1 137 ASP 137 128 128 ASP ASP A . n 
A 1 138 LEU 138 129 129 LEU LEU A . n 
A 1 139 GLU 139 130 130 GLU GLU A . n 
A 1 140 PRO 140 131 131 PRO PRO A . n 
A 1 141 GLY 141 132 132 GLY GLY A . n 
A 1 142 LYS 142 133 133 LYS LYS A . n 
A 1 143 PHE 143 134 134 PHE PHE A . n 
A 1 144 VAL 144 135 135 VAL VAL A . n 
A 1 145 LYS 145 136 136 LYS LYS A . n 
A 1 146 ALA 146 137 137 ALA ALA A . n 
A 1 147 ALA 147 138 138 ALA ALA A . n 
A 1 148 ASP 148 139 139 ASP ASP A . n 
A 1 149 TRP 149 140 140 TRP TRP A . n 
A 1 150 VAL 150 141 141 VAL VAL A . n 
A 1 151 ASP 151 142 142 ASP ASP A . n 
A 1 152 ARG 152 143 143 ARG ARG A . n 
A 1 153 ALA 153 144 144 ALA ALA A . n 
A 1 154 GLU 154 145 145 GLU GLU A . n 
A 1 155 ALA 155 146 146 ALA ALA A . n 
A 1 156 GLU 156 147 147 GLU GLU A . n 
A 1 157 ALA 157 148 148 ALA ALA A . n 
A 1 158 GLU 158 149 149 GLU GLU A . n 
A 1 159 VAL 159 150 150 VAL VAL A . n 
A 1 160 GLN 160 151 151 GLN GLN A . n 
A 1 161 ARG 161 152 152 ARG ARG A . n 
A 1 162 SER 162 153 153 SER SER A . n 
A 1 163 VAL 163 154 154 VAL VAL A . n 
A 1 164 GLU 164 155 155 GLU GLU A . n 
A 1 165 ARG 165 156 156 ARG ARG A . n 
A 1 166 PHE 166 157 157 PHE PHE A . n 
A 1 167 LYS 167 158 158 LYS LYS A . n 
A 1 168 ALA 168 159 159 ALA ALA A . n 
A 1 169 GLY 169 160 160 GLY GLY A . n 
A 1 170 THR 170 161 ?   ?   ?   A . n 
A 1 171 HIS 171 162 ?   ?   ?   A . n 
# 
loop_
_pdbx_nonpoly_scheme.asym_id 
_pdbx_nonpoly_scheme.entity_id 
_pdbx_nonpoly_scheme.mon_id 
_pdbx_nonpoly_scheme.ndb_seq_num 
_pdbx_nonpoly_scheme.pdb_seq_num 
_pdbx_nonpoly_scheme.auth_seq_num 
_pdbx_nonpoly_scheme.pdb_mon_id 
_pdbx_nonpoly_scheme.auth_mon_id 
_pdbx_nonpoly_scheme.pdb_strand_id 
_pdbx_nonpoly_scheme.pdb_ins_code 
B 2 6RU 1  201 1   6RU 007 A . 
C 3 CA  1  202 204 CA  CA  A . 
D 3 CA  1  203 205 CA  CA  A . 
E 3 CA  1  204 206 CA  CA  A . 
F 4 POP 1  205 201 POP POP A . 
G 5 HOH 1  301 32  HOH HOH A . 
G 5 HOH 2  302 12  HOH HOH A . 
G 5 HOH 3  303 23  HOH HOH A . 
G 5 HOH 4  304 26  HOH HOH A . 
G 5 HOH 5  305 25  HOH HOH A . 
G 5 HOH 6  306 1   HOH HOH A . 
G 5 HOH 7  307 33  HOH HOH A . 
G 5 HOH 8  308 11  HOH HOH A . 
G 5 HOH 9  309 14  HOH HOH A . 
G 5 HOH 10 310 6   HOH HOH A . 
G 5 HOH 11 311 18  HOH HOH A . 
G 5 HOH 12 312 27  HOH HOH A . 
G 5 HOH 13 313 4   HOH HOH A . 
G 5 HOH 14 314 16  HOH HOH A . 
G 5 HOH 15 315 19  HOH HOH A . 
G 5 HOH 16 316 24  HOH HOH A . 
G 5 HOH 17 317 10  HOH HOH A . 
G 5 HOH 18 318 15  HOH HOH A . 
G 5 HOH 19 319 9   HOH HOH A . 
G 5 HOH 20 320 30  HOH HOH A . 
G 5 HOH 21 321 31  HOH HOH A . 
G 5 HOH 22 322 17  HOH HOH A . 
G 5 HOH 23 323 13  HOH HOH A . 
G 5 HOH 24 324 3   HOH HOH A . 
G 5 HOH 25 325 20  HOH HOH A . 
G 5 HOH 26 326 22  HOH HOH A . 
G 5 HOH 27 327 21  HOH HOH A . 
# 
_pdbx_struct_assembly.id                   1 
_pdbx_struct_assembly.details              author_and_software_defined_assembly 
_pdbx_struct_assembly.method_details       PISA 
_pdbx_struct_assembly.oligomeric_details   hexameric 
_pdbx_struct_assembly.oligomeric_count     6 
# 
_pdbx_struct_assembly_gen.assembly_id       1 
_pdbx_struct_assembly_gen.oper_expression   1,2,3,4,5,6 
_pdbx_struct_assembly_gen.asym_id_list      A,B,C,D,E,F,G 
# 
loop_
_pdbx_struct_assembly_prop.biol_id 
_pdbx_struct_assembly_prop.type 
_pdbx_struct_assembly_prop.value 
_pdbx_struct_assembly_prop.details 
1 'ABSA (A^2)' 18580 ? 
1 MORE         -228  ? 
1 'SSA (A^2)'  36620 ? 
# 
loop_
_pdbx_struct_oper_list.id 
_pdbx_struct_oper_list.type 
_pdbx_struct_oper_list.name 
_pdbx_struct_oper_list.symmetry_operation 
_pdbx_struct_oper_list.matrix[1][1] 
_pdbx_struct_oper_list.matrix[1][2] 
_pdbx_struct_oper_list.matrix[1][3] 
_pdbx_struct_oper_list.vector[1] 
_pdbx_struct_oper_list.matrix[2][1] 
_pdbx_struct_oper_list.matrix[2][2] 
_pdbx_struct_oper_list.matrix[2][3] 
_pdbx_struct_oper_list.vector[2] 
_pdbx_struct_oper_list.matrix[3][1] 
_pdbx_struct_oper_list.matrix[3][2] 
_pdbx_struct_oper_list.matrix[3][3] 
_pdbx_struct_oper_list.vector[3] 
1 'identity operation'         1_555  x,y,z            1.0000000000  0.0000000000  0.0000000000  0.0000000000   0.0000000000  1.0000000000  0.0000000000  0.0000000000  0.0000000000  0.0000000000  1.0000000000  0.0000000000  
2 'crystal symmetry operation' 2_655  -y+1,x-y,z       -0.4573069595 -0.8893064272 -0.0021031730 8.6187601173   0.7482525516  -0.3834927450 -0.5413422519 31.6412737425 0.4806125923  -0.2491332838 0.8407997045  7.7891928390  
3 'crystal symmetry operation' 3_665  -x+y+1,-x+1,z    -0.4573069595 0.7482525516  0.4806125923  -23.4778289909 -0.8893064272 -0.3834927450 -0.2491332838 21.7394648796 -0.0021031730 -0.5413422519 0.8407997045  10.5977340865 
4 'crystal symmetry operation' 10_665 -y+1,-x+1,-z+1/2 -0.9152526396 0.3902912599  0.0999266638  -12.0873319211 0.3902912599  0.7974278709  0.4601972655  -5.4701573312 0.0999266638  0.4601972655  -0.8821752313 31.6164270010 
5 'crystal symmetry operation' 11_655 -x+y+1,y,-z+1/2  0.7586138458  0.6393711304  -0.1253379055 -6.8480142219  0.6393711304  -0.7675467850 -0.0455685246 26.7098682129 -0.1253379055 -0.0455685246 -0.9910670608 40.1674656031 
6 'crystal symmetry operation' 12_555 x,x-y,-z+1/2     0.0712527128  -0.8886085147 -0.4530981776 18.9445323822  -0.8886085147 -0.2628955960 0.3758467948  7.5793546530  -0.4530981776 0.3758467948  -0.8083571168 29.9257496482 
# 
loop_
_pdbx_struct_conn_angle.id 
_pdbx_struct_conn_angle.ptnr1_label_atom_id 
_pdbx_struct_conn_angle.ptnr1_label_alt_id 
_pdbx_struct_conn_angle.ptnr1_label_asym_id 
_pdbx_struct_conn_angle.ptnr1_label_comp_id 
_pdbx_struct_conn_angle.ptnr1_label_seq_id 
_pdbx_struct_conn_angle.ptnr1_auth_atom_id 
_pdbx_struct_conn_angle.ptnr1_auth_asym_id 
_pdbx_struct_conn_angle.ptnr1_auth_comp_id 
_pdbx_struct_conn_angle.ptnr1_auth_seq_id 
_pdbx_struct_conn_angle.ptnr1_PDB_ins_code 
_pdbx_struct_conn_angle.ptnr1_symmetry 
_pdbx_struct_conn_angle.ptnr2_label_atom_id 
_pdbx_struct_conn_angle.ptnr2_label_alt_id 
_pdbx_struct_conn_angle.ptnr2_label_asym_id 
_pdbx_struct_conn_angle.ptnr2_label_comp_id 
_pdbx_struct_conn_angle.ptnr2_label_seq_id 
_pdbx_struct_conn_angle.ptnr2_auth_atom_id 
_pdbx_struct_conn_angle.ptnr2_auth_asym_id 
_pdbx_struct_conn_angle.ptnr2_auth_comp_id 
_pdbx_struct_conn_angle.ptnr2_auth_seq_id 
_pdbx_struct_conn_angle.ptnr2_PDB_ins_code 
_pdbx_struct_conn_angle.ptnr2_symmetry 
_pdbx_struct_conn_angle.ptnr3_label_atom_id 
_pdbx_struct_conn_angle.ptnr3_label_alt_id 
_pdbx_struct_conn_angle.ptnr3_label_asym_id 
_pdbx_struct_conn_angle.ptnr3_label_comp_id 
_pdbx_struct_conn_angle.ptnr3_label_seq_id 
_pdbx_struct_conn_angle.ptnr3_auth_atom_id 
_pdbx_struct_conn_angle.ptnr3_auth_asym_id 
_pdbx_struct_conn_angle.ptnr3_auth_comp_id 
_pdbx_struct_conn_angle.ptnr3_auth_seq_id 
_pdbx_struct_conn_angle.ptnr3_PDB_ins_code 
_pdbx_struct_conn_angle.ptnr3_symmetry 
_pdbx_struct_conn_angle.value 
_pdbx_struct_conn_angle.value_esd 
1 O ? A LYS 136 ? A LYS 127 ? 1_555 CA ? D CA . ? A CA 203 ? 1_555 O ? A GLU 139 ? A GLU 130 ? 1_555 68.8  ? 
2 O ? A LYS 136 ? A LYS 127 ? 1_555 CA ? D CA . ? A CA 203 ? 1_555 O ? A LYS 142 ? A LYS 133 ? 1_555 92.3  ? 
3 O ? A GLU 139 ? A GLU 130 ? 1_555 CA ? D CA . ? A CA 203 ? 1_555 O ? A LYS 142 ? A LYS 133 ? 1_555 83.5  ? 
4 O ? G HOH .   ? A HOH 301 ? 1_555 CA ? E CA . ? A CA 204 ? 1_555 O ? G HOH .   ? A HOH 302 ? 1_555 85.7  ? 
5 O ? G HOH .   ? A HOH 301 ? 1_555 CA ? E CA . ? A CA 204 ? 1_555 O ? G HOH .   ? A HOH 307 ? 1_555 152.2 ? 
6 O ? G HOH .   ? A HOH 302 ? 1_555 CA ? E CA . ? A CA 204 ? 1_555 O ? G HOH .   ? A HOH 307 ? 1_555 112.1 ? 
# 
loop_
_pdbx_audit_revision_history.ordinal 
_pdbx_audit_revision_history.data_content_type 
_pdbx_audit_revision_history.major_revision 
_pdbx_audit_revision_history.minor_revision 
_pdbx_audit_revision_history.revision_date 
1 'Structure model' 1 0 2016-09-28 
2 'Structure model' 1 1 2016-12-21 
3 'Structure model' 1 2 2023-09-27 
# 
_pdbx_audit_revision_details.ordinal             1 
_pdbx_audit_revision_details.revision_ordinal    1 
_pdbx_audit_revision_details.data_content_type   'Structure model' 
_pdbx_audit_revision_details.provider            repository 
_pdbx_audit_revision_details.type                'Initial release' 
_pdbx_audit_revision_details.description         ? 
_pdbx_audit_revision_details.details             ? 
# 
loop_
_pdbx_audit_revision_group.ordinal 
_pdbx_audit_revision_group.revision_ordinal 
_pdbx_audit_revision_group.data_content_type 
_pdbx_audit_revision_group.group 
1 2 'Structure model' 'Database references'    
2 3 'Structure model' 'Data collection'        
3 3 'Structure model' 'Database references'    
4 3 'Structure model' 'Derived calculations'   
5 3 'Structure model' 'Refinement description' 
# 
loop_
_pdbx_audit_revision_category.ordinal 
_pdbx_audit_revision_category.revision_ordinal 
_pdbx_audit_revision_category.data_content_type 
_pdbx_audit_revision_category.category 
1 3 'Structure model' chem_comp_atom                
2 3 'Structure model' chem_comp_bond                
3 3 'Structure model' database_2                    
4 3 'Structure model' pdbx_initial_refinement_model 
5 3 'Structure model' pdbx_struct_conn_angle        
6 3 'Structure model' struct_conn                   
# 
loop_
_pdbx_audit_revision_item.ordinal 
_pdbx_audit_revision_item.revision_ordinal 
_pdbx_audit_revision_item.data_content_type 
_pdbx_audit_revision_item.item 
1 3 'Structure model' '_database_2.pdbx_DOI'                      
2 3 'Structure model' '_database_2.pdbx_database_accession'       
3 3 'Structure model' '_pdbx_struct_conn_angle.ptnr1_auth_seq_id' 
4 3 'Structure model' '_pdbx_struct_conn_angle.ptnr3_auth_seq_id' 
5 3 'Structure model' '_pdbx_struct_conn_angle.value'             
6 3 'Structure model' '_struct_conn.pdbx_dist_value'              
7 3 'Structure model' '_struct_conn.ptnr2_auth_seq_id'            
# 
loop_
_software.citation_id 
_software.classification 
_software.compiler_name 
_software.compiler_version 
_software.contact_author 
_software.contact_author_email 
_software.date 
_software.description 
_software.dependencies 
_software.hardware 
_software.language 
_software.location 
_software.mods 
_software.name 
_software.os 
_software.os_version 
_software.type 
_software.version 
_software.pdbx_ordinal 
? refinement       ? ? ? ? ? ? ? ? ? ? ? REFMAC   ? ? ? 5.8.0103 1 
? 'data reduction' ? ? ? ? ? ? ? ? ? ? ? HKL-2000 ? ? ? .        2 
? 'data scaling'   ? ? ? ? ? ? ? ? ? ? ? HKL-2000 ? ? ? .        3 
? phasing          ? ? ? ? ? ? ? ? ? ? ? PHASER   ? ? ? .        4 
# 
_pdbx_validate_symm_contact.id                1 
_pdbx_validate_symm_contact.PDB_model_num     1 
_pdbx_validate_symm_contact.auth_atom_id_1    O 
_pdbx_validate_symm_contact.auth_asym_id_1    A 
_pdbx_validate_symm_contact.auth_comp_id_1    HOH 
_pdbx_validate_symm_contact.auth_seq_id_1     314 
_pdbx_validate_symm_contact.PDB_ins_code_1    ? 
_pdbx_validate_symm_contact.label_alt_id_1    ? 
_pdbx_validate_symm_contact.site_symmetry_1   1_555 
_pdbx_validate_symm_contact.auth_atom_id_2    O 
_pdbx_validate_symm_contact.auth_asym_id_2    A 
_pdbx_validate_symm_contact.auth_comp_id_2    HOH 
_pdbx_validate_symm_contact.auth_seq_id_2     314 
_pdbx_validate_symm_contact.PDB_ins_code_2    ? 
_pdbx_validate_symm_contact.label_alt_id_2    ? 
_pdbx_validate_symm_contact.site_symmetry_2   10_665 
_pdbx_validate_symm_contact.dist              1.31 
# 
loop_
_pdbx_validate_torsion.id 
_pdbx_validate_torsion.PDB_model_num 
_pdbx_validate_torsion.auth_comp_id 
_pdbx_validate_torsion.auth_asym_id 
_pdbx_validate_torsion.auth_seq_id 
_pdbx_validate_torsion.PDB_ins_code 
_pdbx_validate_torsion.label_alt_id 
_pdbx_validate_torsion.phi 
_pdbx_validate_torsion.psi 
1 1 ASP A 89  ? ? -149.85 56.09 
2 1 ALA A 137 ? ? 54.67   73.86 
# 
loop_
_pdbx_unobs_or_zero_occ_residues.id 
_pdbx_unobs_or_zero_occ_residues.PDB_model_num 
_pdbx_unobs_or_zero_occ_residues.polymer_flag 
_pdbx_unobs_or_zero_occ_residues.occupancy_flag 
_pdbx_unobs_or_zero_occ_residues.auth_asym_id 
_pdbx_unobs_or_zero_occ_residues.auth_comp_id 
_pdbx_unobs_or_zero_occ_residues.auth_seq_id 
_pdbx_unobs_or_zero_occ_residues.PDB_ins_code 
_pdbx_unobs_or_zero_occ_residues.label_asym_id 
_pdbx_unobs_or_zero_occ_residues.label_comp_id 
_pdbx_unobs_or_zero_occ_residues.label_seq_id 
1  1 Y 1 A MET -8  ? A MET 1   
2  1 Y 1 A ALA -7  ? A ALA 2   
3  1 Y 1 A HIS -6  ? A HIS 3   
4  1 Y 1 A HIS -5  ? A HIS 4   
5  1 Y 1 A HIS -4  ? A HIS 5   
6  1 Y 1 A HIS -3  ? A HIS 6   
7  1 Y 1 A HIS -2  ? A HIS 7   
8  1 Y 1 A HIS -1  ? A HIS 8   
9  1 Y 1 A THR 161 ? A THR 170 
10 1 Y 1 A HIS 162 ? A HIS 171 
# 
loop_
_chem_comp_atom.comp_id 
_chem_comp_atom.atom_id 
_chem_comp_atom.type_symbol 
_chem_comp_atom.pdbx_aromatic_flag 
_chem_comp_atom.pdbx_stereo_config 
_chem_comp_atom.pdbx_ordinal 
6RU C1   C  N N 1   
6RU C2   C  Y N 2   
6RU C3   C  Y N 3   
6RU C4   C  Y N 4   
6RU C5   C  Y N 5   
6RU C6   C  Y N 6   
6RU C7   C  Y N 7   
6RU C8   C  Y N 8   
6RU C9   C  Y N 9   
6RU C10  C  Y N 10  
6RU C11  C  Y N 11  
6RU C12  C  Y N 12  
6RU C16  C  N N 13  
6RU N4   N  N N 14  
6RU C15  C  N N 15  
6RU C14  C  Y N 16  
6RU N5   N  Y N 17  
6RU N    N  N N 18  
6RU C    C  N N 19  
6RU N3   N  Y N 20  
6RU N1   N  Y N 21  
6RU N2   N  Y N 22  
6RU C13  C  Y N 23  
6RU H1   H  N N 24  
6RU H2   H  N N 25  
6RU H3   H  N N 26  
6RU H4   H  N N 27  
6RU H5   H  N N 28  
6RU H6   H  N N 29  
6RU H7   H  N N 30  
6RU H8   H  N N 31  
6RU H9   H  N N 32  
6RU H10  H  N N 33  
6RU H11  H  N N 34  
6RU H12  H  N N 35  
6RU H13  H  N N 36  
6RU H14  H  N N 37  
6RU H15  H  N N 38  
6RU H16  H  N N 39  
6RU H17  H  N N 40  
6RU H18  H  N N 41  
6RU H19  H  N N 42  
6RU H20  H  N N 43  
ALA N    N  N N 44  
ALA CA   C  N S 45  
ALA C    C  N N 46  
ALA O    O  N N 47  
ALA CB   C  N N 48  
ALA OXT  O  N N 49  
ALA H    H  N N 50  
ALA H2   H  N N 51  
ALA HA   H  N N 52  
ALA HB1  H  N N 53  
ALA HB2  H  N N 54  
ALA HB3  H  N N 55  
ALA HXT  H  N N 56  
ARG N    N  N N 57  
ARG CA   C  N S 58  
ARG C    C  N N 59  
ARG O    O  N N 60  
ARG CB   C  N N 61  
ARG CG   C  N N 62  
ARG CD   C  N N 63  
ARG NE   N  N N 64  
ARG CZ   C  N N 65  
ARG NH1  N  N N 66  
ARG NH2  N  N N 67  
ARG OXT  O  N N 68  
ARG H    H  N N 69  
ARG H2   H  N N 70  
ARG HA   H  N N 71  
ARG HB2  H  N N 72  
ARG HB3  H  N N 73  
ARG HG2  H  N N 74  
ARG HG3  H  N N 75  
ARG HD2  H  N N 76  
ARG HD3  H  N N 77  
ARG HE   H  N N 78  
ARG HH11 H  N N 79  
ARG HH12 H  N N 80  
ARG HH21 H  N N 81  
ARG HH22 H  N N 82  
ARG HXT  H  N N 83  
ASN N    N  N N 84  
ASN CA   C  N S 85  
ASN C    C  N N 86  
ASN O    O  N N 87  
ASN CB   C  N N 88  
ASN CG   C  N N 89  
ASN OD1  O  N N 90  
ASN ND2  N  N N 91  
ASN OXT  O  N N 92  
ASN H    H  N N 93  
ASN H2   H  N N 94  
ASN HA   H  N N 95  
ASN HB2  H  N N 96  
ASN HB3  H  N N 97  
ASN HD21 H  N N 98  
ASN HD22 H  N N 99  
ASN HXT  H  N N 100 
ASP N    N  N N 101 
ASP CA   C  N S 102 
ASP C    C  N N 103 
ASP O    O  N N 104 
ASP CB   C  N N 105 
ASP CG   C  N N 106 
ASP OD1  O  N N 107 
ASP OD2  O  N N 108 
ASP OXT  O  N N 109 
ASP H    H  N N 110 
ASP H2   H  N N 111 
ASP HA   H  N N 112 
ASP HB2  H  N N 113 
ASP HB3  H  N N 114 
ASP HD2  H  N N 115 
ASP HXT  H  N N 116 
CA  CA   CA N N 117 
CYS N    N  N N 118 
CYS CA   C  N R 119 
CYS C    C  N N 120 
CYS O    O  N N 121 
CYS CB   C  N N 122 
CYS SG   S  N N 123 
CYS OXT  O  N N 124 
CYS H    H  N N 125 
CYS H2   H  N N 126 
CYS HA   H  N N 127 
CYS HB2  H  N N 128 
CYS HB3  H  N N 129 
CYS HG   H  N N 130 
CYS HXT  H  N N 131 
GLN N    N  N N 132 
GLN CA   C  N S 133 
GLN C    C  N N 134 
GLN O    O  N N 135 
GLN CB   C  N N 136 
GLN CG   C  N N 137 
GLN CD   C  N N 138 
GLN OE1  O  N N 139 
GLN NE2  N  N N 140 
GLN OXT  O  N N 141 
GLN H    H  N N 142 
GLN H2   H  N N 143 
GLN HA   H  N N 144 
GLN HB2  H  N N 145 
GLN HB3  H  N N 146 
GLN HG2  H  N N 147 
GLN HG3  H  N N 148 
GLN HE21 H  N N 149 
GLN HE22 H  N N 150 
GLN HXT  H  N N 151 
GLU N    N  N N 152 
GLU CA   C  N S 153 
GLU C    C  N N 154 
GLU O    O  N N 155 
GLU CB   C  N N 156 
GLU CG   C  N N 157 
GLU CD   C  N N 158 
GLU OE1  O  N N 159 
GLU OE2  O  N N 160 
GLU OXT  O  N N 161 
GLU H    H  N N 162 
GLU H2   H  N N 163 
GLU HA   H  N N 164 
GLU HB2  H  N N 165 
GLU HB3  H  N N 166 
GLU HG2  H  N N 167 
GLU HG3  H  N N 168 
GLU HE2  H  N N 169 
GLU HXT  H  N N 170 
GLY N    N  N N 171 
GLY CA   C  N N 172 
GLY C    C  N N 173 
GLY O    O  N N 174 
GLY OXT  O  N N 175 
GLY H    H  N N 176 
GLY H2   H  N N 177 
GLY HA2  H  N N 178 
GLY HA3  H  N N 179 
GLY HXT  H  N N 180 
HIS N    N  N N 181 
HIS CA   C  N S 182 
HIS C    C  N N 183 
HIS O    O  N N 184 
HIS CB   C  N N 185 
HIS CG   C  Y N 186 
HIS ND1  N  Y N 187 
HIS CD2  C  Y N 188 
HIS CE1  C  Y N 189 
HIS NE2  N  Y N 190 
HIS OXT  O  N N 191 
HIS H    H  N N 192 
HIS H2   H  N N 193 
HIS HA   H  N N 194 
HIS HB2  H  N N 195 
HIS HB3  H  N N 196 
HIS HD1  H  N N 197 
HIS HD2  H  N N 198 
HIS HE1  H  N N 199 
HIS HE2  H  N N 200 
HIS HXT  H  N N 201 
HOH O    O  N N 202 
HOH H1   H  N N 203 
HOH H2   H  N N 204 
ILE N    N  N N 205 
ILE CA   C  N S 206 
ILE C    C  N N 207 
ILE O    O  N N 208 
ILE CB   C  N S 209 
ILE CG1  C  N N 210 
ILE CG2  C  N N 211 
ILE CD1  C  N N 212 
ILE OXT  O  N N 213 
ILE H    H  N N 214 
ILE H2   H  N N 215 
ILE HA   H  N N 216 
ILE HB   H  N N 217 
ILE HG12 H  N N 218 
ILE HG13 H  N N 219 
ILE HG21 H  N N 220 
ILE HG22 H  N N 221 
ILE HG23 H  N N 222 
ILE HD11 H  N N 223 
ILE HD12 H  N N 224 
ILE HD13 H  N N 225 
ILE HXT  H  N N 226 
LEU N    N  N N 227 
LEU CA   C  N S 228 
LEU C    C  N N 229 
LEU O    O  N N 230 
LEU CB   C  N N 231 
LEU CG   C  N N 232 
LEU CD1  C  N N 233 
LEU CD2  C  N N 234 
LEU OXT  O  N N 235 
LEU H    H  N N 236 
LEU H2   H  N N 237 
LEU HA   H  N N 238 
LEU HB2  H  N N 239 
LEU HB3  H  N N 240 
LEU HG   H  N N 241 
LEU HD11 H  N N 242 
LEU HD12 H  N N 243 
LEU HD13 H  N N 244 
LEU HD21 H  N N 245 
LEU HD22 H  N N 246 
LEU HD23 H  N N 247 
LEU HXT  H  N N 248 
LYS N    N  N N 249 
LYS CA   C  N S 250 
LYS C    C  N N 251 
LYS O    O  N N 252 
LYS CB   C  N N 253 
LYS CG   C  N N 254 
LYS CD   C  N N 255 
LYS CE   C  N N 256 
LYS NZ   N  N N 257 
LYS OXT  O  N N 258 
LYS H    H  N N 259 
LYS H2   H  N N 260 
LYS HA   H  N N 261 
LYS HB2  H  N N 262 
LYS HB3  H  N N 263 
LYS HG2  H  N N 264 
LYS HG3  H  N N 265 
LYS HD2  H  N N 266 
LYS HD3  H  N N 267 
LYS HE2  H  N N 268 
LYS HE3  H  N N 269 
LYS HZ1  H  N N 270 
LYS HZ2  H  N N 271 
LYS HZ3  H  N N 272 
LYS HXT  H  N N 273 
MET N    N  N N 274 
MET CA   C  N S 275 
MET C    C  N N 276 
MET O    O  N N 277 
MET CB   C  N N 278 
MET CG   C  N N 279 
MET SD   S  N N 280 
MET CE   C  N N 281 
MET OXT  O  N N 282 
MET H    H  N N 283 
MET H2   H  N N 284 
MET HA   H  N N 285 
MET HB2  H  N N 286 
MET HB3  H  N N 287 
MET HG2  H  N N 288 
MET HG3  H  N N 289 
MET HE1  H  N N 290 
MET HE2  H  N N 291 
MET HE3  H  N N 292 
MET HXT  H  N N 293 
PHE N    N  N N 294 
PHE CA   C  N S 295 
PHE C    C  N N 296 
PHE O    O  N N 297 
PHE CB   C  N N 298 
PHE CG   C  Y N 299 
PHE CD1  C  Y N 300 
PHE CD2  C  Y N 301 
PHE CE1  C  Y N 302 
PHE CE2  C  Y N 303 
PHE CZ   C  Y N 304 
PHE OXT  O  N N 305 
PHE H    H  N N 306 
PHE H2   H  N N 307 
PHE HA   H  N N 308 
PHE HB2  H  N N 309 
PHE HB3  H  N N 310 
PHE HD1  H  N N 311 
PHE HD2  H  N N 312 
PHE HE1  H  N N 313 
PHE HE2  H  N N 314 
PHE HZ   H  N N 315 
PHE HXT  H  N N 316 
POP P1   P  N N 317 
POP O1   O  N N 318 
POP O2   O  N N 319 
POP O3   O  N N 320 
POP O    O  N N 321 
POP P2   P  N N 322 
POP O4   O  N N 323 
POP O5   O  N N 324 
POP O6   O  N N 325 
POP HO2  H  N N 326 
POP HO5  H  N N 327 
PRO N    N  N N 328 
PRO CA   C  N S 329 
PRO C    C  N N 330 
PRO O    O  N N 331 
PRO CB   C  N N 332 
PRO CG   C  N N 333 
PRO CD   C  N N 334 
PRO OXT  O  N N 335 
PRO H    H  N N 336 
PRO HA   H  N N 337 
PRO HB2  H  N N 338 
PRO HB3  H  N N 339 
PRO HG2  H  N N 340 
PRO HG3  H  N N 341 
PRO HD2  H  N N 342 
PRO HD3  H  N N 343 
PRO HXT  H  N N 344 
SER N    N  N N 345 
SER CA   C  N S 346 
SER C    C  N N 347 
SER O    O  N N 348 
SER CB   C  N N 349 
SER OG   O  N N 350 
SER OXT  O  N N 351 
SER H    H  N N 352 
SER H2   H  N N 353 
SER HA   H  N N 354 
SER HB2  H  N N 355 
SER HB3  H  N N 356 
SER HG   H  N N 357 
SER HXT  H  N N 358 
THR N    N  N N 359 
THR CA   C  N S 360 
THR C    C  N N 361 
THR O    O  N N 362 
THR CB   C  N R 363 
THR OG1  O  N N 364 
THR CG2  C  N N 365 
THR OXT  O  N N 366 
THR H    H  N N 367 
THR H2   H  N N 368 
THR HA   H  N N 369 
THR HB   H  N N 370 
THR HG1  H  N N 371 
THR HG21 H  N N 372 
THR HG22 H  N N 373 
THR HG23 H  N N 374 
THR HXT  H  N N 375 
TRP N    N  N N 376 
TRP CA   C  N S 377 
TRP C    C  N N 378 
TRP O    O  N N 379 
TRP CB   C  N N 380 
TRP CG   C  Y N 381 
TRP CD1  C  Y N 382 
TRP CD2  C  Y N 383 
TRP NE1  N  Y N 384 
TRP CE2  C  Y N 385 
TRP CE3  C  Y N 386 
TRP CZ2  C  Y N 387 
TRP CZ3  C  Y N 388 
TRP CH2  C  Y N 389 
TRP OXT  O  N N 390 
TRP H    H  N N 391 
TRP H2   H  N N 392 
TRP HA   H  N N 393 
TRP HB2  H  N N 394 
TRP HB3  H  N N 395 
TRP HD1  H  N N 396 
TRP HE1  H  N N 397 
TRP HE3  H  N N 398 
TRP HZ2  H  N N 399 
TRP HZ3  H  N N 400 
TRP HH2  H  N N 401 
TRP HXT  H  N N 402 
TYR N    N  N N 403 
TYR CA   C  N S 404 
TYR C    C  N N 405 
TYR O    O  N N 406 
TYR CB   C  N N 407 
TYR CG   C  Y N 408 
TYR CD1  C  Y N 409 
TYR CD2  C  Y N 410 
TYR CE1  C  Y N 411 
TYR CE2  C  Y N 412 
TYR CZ   C  Y N 413 
TYR OH   O  N N 414 
TYR OXT  O  N N 415 
TYR H    H  N N 416 
TYR H2   H  N N 417 
TYR HA   H  N N 418 
TYR HB2  H  N N 419 
TYR HB3  H  N N 420 
TYR HD1  H  N N 421 
TYR HD2  H  N N 422 
TYR HE1  H  N N 423 
TYR HE2  H  N N 424 
TYR HH   H  N N 425 
TYR HXT  H  N N 426 
VAL N    N  N N 427 
VAL CA   C  N S 428 
VAL C    C  N N 429 
VAL O    O  N N 430 
VAL CB   C  N N 431 
VAL CG1  C  N N 432 
VAL CG2  C  N N 433 
VAL OXT  O  N N 434 
VAL H    H  N N 435 
VAL H2   H  N N 436 
VAL HA   H  N N 437 
VAL HB   H  N N 438 
VAL HG11 H  N N 439 
VAL HG12 H  N N 440 
VAL HG13 H  N N 441 
VAL HG21 H  N N 442 
VAL HG22 H  N N 443 
VAL HG23 H  N N 444 
VAL HXT  H  N N 445 
# 
loop_
_chem_comp_bond.comp_id 
_chem_comp_bond.atom_id_1 
_chem_comp_bond.atom_id_2 
_chem_comp_bond.value_order 
_chem_comp_bond.pdbx_aromatic_flag 
_chem_comp_bond.pdbx_stereo_config 
_chem_comp_bond.pdbx_ordinal 
6RU C7  C6   doub Y N 1   
6RU C7  N2   sing Y N 2   
6RU C6  C5   sing Y N 3   
6RU C9  C10  doub Y N 4   
6RU C9  C8   sing Y N 5   
6RU C10 C11  sing Y N 6   
6RU N2  C8   sing N N 7   
6RU N2  C4   sing Y N 8   
6RU C8  C13  doub Y N 9   
6RU C11 C12  doub Y N 10  
6RU C13 C12  sing Y N 11  
6RU C5  C4   doub Y N 12  
6RU C4  C3   sing N N 13  
6RU C3  N1   doub Y N 14  
6RU C3  N3   sing Y N 15  
6RU N1  C2   sing Y N 16  
6RU C1  N    sing N N 17  
6RU N3  C14  doub Y N 18  
6RU C2  N    sing N N 19  
6RU C2  N5   doub Y N 20  
6RU N   C    sing N N 21  
6RU C14 N5   sing Y N 22  
6RU C14 N4   sing N N 23  
6RU C15 N4   sing N N 24  
6RU N4  C16  sing N N 25  
6RU C1  H1   sing N N 26  
6RU C1  H2   sing N N 27  
6RU C1  H3   sing N N 28  
6RU C5  H4   sing N N 29  
6RU C6  H5   sing N N 30  
6RU C7  H6   sing N N 31  
6RU C9  H7   sing N N 32  
6RU C10 H8   sing N N 33  
6RU C11 H9   sing N N 34  
6RU C12 H10  sing N N 35  
6RU C16 H11  sing N N 36  
6RU C16 H12  sing N N 37  
6RU C16 H13  sing N N 38  
6RU C15 H14  sing N N 39  
6RU C15 H15  sing N N 40  
6RU C15 H16  sing N N 41  
6RU C   H17  sing N N 42  
6RU C   H18  sing N N 43  
6RU C   H19  sing N N 44  
6RU C13 H20  sing N N 45  
ALA N   CA   sing N N 46  
ALA N   H    sing N N 47  
ALA N   H2   sing N N 48  
ALA CA  C    sing N N 49  
ALA CA  CB   sing N N 50  
ALA CA  HA   sing N N 51  
ALA C   O    doub N N 52  
ALA C   OXT  sing N N 53  
ALA CB  HB1  sing N N 54  
ALA CB  HB2  sing N N 55  
ALA CB  HB3  sing N N 56  
ALA OXT HXT  sing N N 57  
ARG N   CA   sing N N 58  
ARG N   H    sing N N 59  
ARG N   H2   sing N N 60  
ARG CA  C    sing N N 61  
ARG CA  CB   sing N N 62  
ARG CA  HA   sing N N 63  
ARG C   O    doub N N 64  
ARG C   OXT  sing N N 65  
ARG CB  CG   sing N N 66  
ARG CB  HB2  sing N N 67  
ARG CB  HB3  sing N N 68  
ARG CG  CD   sing N N 69  
ARG CG  HG2  sing N N 70  
ARG CG  HG3  sing N N 71  
ARG CD  NE   sing N N 72  
ARG CD  HD2  sing N N 73  
ARG CD  HD3  sing N N 74  
ARG NE  CZ   sing N N 75  
ARG NE  HE   sing N N 76  
ARG CZ  NH1  sing N N 77  
ARG CZ  NH2  doub N N 78  
ARG NH1 HH11 sing N N 79  
ARG NH1 HH12 sing N N 80  
ARG NH2 HH21 sing N N 81  
ARG NH2 HH22 sing N N 82  
ARG OXT HXT  sing N N 83  
ASN N   CA   sing N N 84  
ASN N   H    sing N N 85  
ASN N   H2   sing N N 86  
ASN CA  C    sing N N 87  
ASN CA  CB   sing N N 88  
ASN CA  HA   sing N N 89  
ASN C   O    doub N N 90  
ASN C   OXT  sing N N 91  
ASN CB  CG   sing N N 92  
ASN CB  HB2  sing N N 93  
ASN CB  HB3  sing N N 94  
ASN CG  OD1  doub N N 95  
ASN CG  ND2  sing N N 96  
ASN ND2 HD21 sing N N 97  
ASN ND2 HD22 sing N N 98  
ASN OXT HXT  sing N N 99  
ASP N   CA   sing N N 100 
ASP N   H    sing N N 101 
ASP N   H2   sing N N 102 
ASP CA  C    sing N N 103 
ASP CA  CB   sing N N 104 
ASP CA  HA   sing N N 105 
ASP C   O    doub N N 106 
ASP C   OXT  sing N N 107 
ASP CB  CG   sing N N 108 
ASP CB  HB2  sing N N 109 
ASP CB  HB3  sing N N 110 
ASP CG  OD1  doub N N 111 
ASP CG  OD2  sing N N 112 
ASP OD2 HD2  sing N N 113 
ASP OXT HXT  sing N N 114 
CYS N   CA   sing N N 115 
CYS N   H    sing N N 116 
CYS N   H2   sing N N 117 
CYS CA  C    sing N N 118 
CYS CA  CB   sing N N 119 
CYS CA  HA   sing N N 120 
CYS C   O    doub N N 121 
CYS C   OXT  sing N N 122 
CYS CB  SG   sing N N 123 
CYS CB  HB2  sing N N 124 
CYS CB  HB3  sing N N 125 
CYS SG  HG   sing N N 126 
CYS OXT HXT  sing N N 127 
GLN N   CA   sing N N 128 
GLN N   H    sing N N 129 
GLN N   H2   sing N N 130 
GLN CA  C    sing N N 131 
GLN CA  CB   sing N N 132 
GLN CA  HA   sing N N 133 
GLN C   O    doub N N 134 
GLN C   OXT  sing N N 135 
GLN CB  CG   sing N N 136 
GLN CB  HB2  sing N N 137 
GLN CB  HB3  sing N N 138 
GLN CG  CD   sing N N 139 
GLN CG  HG2  sing N N 140 
GLN CG  HG3  sing N N 141 
GLN CD  OE1  doub N N 142 
GLN CD  NE2  sing N N 143 
GLN NE2 HE21 sing N N 144 
GLN NE2 HE22 sing N N 145 
GLN OXT HXT  sing N N 146 
GLU N   CA   sing N N 147 
GLU N   H    sing N N 148 
GLU N   H2   sing N N 149 
GLU CA  C    sing N N 150 
GLU CA  CB   sing N N 151 
GLU CA  HA   sing N N 152 
GLU C   O    doub N N 153 
GLU C   OXT  sing N N 154 
GLU CB  CG   sing N N 155 
GLU CB  HB2  sing N N 156 
GLU CB  HB3  sing N N 157 
GLU CG  CD   sing N N 158 
GLU CG  HG2  sing N N 159 
GLU CG  HG3  sing N N 160 
GLU CD  OE1  doub N N 161 
GLU CD  OE2  sing N N 162 
GLU OE2 HE2  sing N N 163 
GLU OXT HXT  sing N N 164 
GLY N   CA   sing N N 165 
GLY N   H    sing N N 166 
GLY N   H2   sing N N 167 
GLY CA  C    sing N N 168 
GLY CA  HA2  sing N N 169 
GLY CA  HA3  sing N N 170 
GLY C   O    doub N N 171 
GLY C   OXT  sing N N 172 
GLY OXT HXT  sing N N 173 
HIS N   CA   sing N N 174 
HIS N   H    sing N N 175 
HIS N   H2   sing N N 176 
HIS CA  C    sing N N 177 
HIS CA  CB   sing N N 178 
HIS CA  HA   sing N N 179 
HIS C   O    doub N N 180 
HIS C   OXT  sing N N 181 
HIS CB  CG   sing N N 182 
HIS CB  HB2  sing N N 183 
HIS CB  HB3  sing N N 184 
HIS CG  ND1  sing Y N 185 
HIS CG  CD2  doub Y N 186 
HIS ND1 CE1  doub Y N 187 
HIS ND1 HD1  sing N N 188 
HIS CD2 NE2  sing Y N 189 
HIS CD2 HD2  sing N N 190 
HIS CE1 NE2  sing Y N 191 
HIS CE1 HE1  sing N N 192 
HIS NE2 HE2  sing N N 193 
HIS OXT HXT  sing N N 194 
HOH O   H1   sing N N 195 
HOH O   H2   sing N N 196 
ILE N   CA   sing N N 197 
ILE N   H    sing N N 198 
ILE N   H2   sing N N 199 
ILE CA  C    sing N N 200 
ILE CA  CB   sing N N 201 
ILE CA  HA   sing N N 202 
ILE C   O    doub N N 203 
ILE C   OXT  sing N N 204 
ILE CB  CG1  sing N N 205 
ILE CB  CG2  sing N N 206 
ILE CB  HB   sing N N 207 
ILE CG1 CD1  sing N N 208 
ILE CG1 HG12 sing N N 209 
ILE CG1 HG13 sing N N 210 
ILE CG2 HG21 sing N N 211 
ILE CG2 HG22 sing N N 212 
ILE CG2 HG23 sing N N 213 
ILE CD1 HD11 sing N N 214 
ILE CD1 HD12 sing N N 215 
ILE CD1 HD13 sing N N 216 
ILE OXT HXT  sing N N 217 
LEU N   CA   sing N N 218 
LEU N   H    sing N N 219 
LEU N   H2   sing N N 220 
LEU CA  C    sing N N 221 
LEU CA  CB   sing N N 222 
LEU CA  HA   sing N N 223 
LEU C   O    doub N N 224 
LEU C   OXT  sing N N 225 
LEU CB  CG   sing N N 226 
LEU CB  HB2  sing N N 227 
LEU CB  HB3  sing N N 228 
LEU CG  CD1  sing N N 229 
LEU CG  CD2  sing N N 230 
LEU CG  HG   sing N N 231 
LEU CD1 HD11 sing N N 232 
LEU CD1 HD12 sing N N 233 
LEU CD1 HD13 sing N N 234 
LEU CD2 HD21 sing N N 235 
LEU CD2 HD22 sing N N 236 
LEU CD2 HD23 sing N N 237 
LEU OXT HXT  sing N N 238 
LYS N   CA   sing N N 239 
LYS N   H    sing N N 240 
LYS N   H2   sing N N 241 
LYS CA  C    sing N N 242 
LYS CA  CB   sing N N 243 
LYS CA  HA   sing N N 244 
LYS C   O    doub N N 245 
LYS C   OXT  sing N N 246 
LYS CB  CG   sing N N 247 
LYS CB  HB2  sing N N 248 
LYS CB  HB3  sing N N 249 
LYS CG  CD   sing N N 250 
LYS CG  HG2  sing N N 251 
LYS CG  HG3  sing N N 252 
LYS CD  CE   sing N N 253 
LYS CD  HD2  sing N N 254 
LYS CD  HD3  sing N N 255 
LYS CE  NZ   sing N N 256 
LYS CE  HE2  sing N N 257 
LYS CE  HE3  sing N N 258 
LYS NZ  HZ1  sing N N 259 
LYS NZ  HZ2  sing N N 260 
LYS NZ  HZ3  sing N N 261 
LYS OXT HXT  sing N N 262 
MET N   CA   sing N N 263 
MET N   H    sing N N 264 
MET N   H2   sing N N 265 
MET CA  C    sing N N 266 
MET CA  CB   sing N N 267 
MET CA  HA   sing N N 268 
MET C   O    doub N N 269 
MET C   OXT  sing N N 270 
MET CB  CG   sing N N 271 
MET CB  HB2  sing N N 272 
MET CB  HB3  sing N N 273 
MET CG  SD   sing N N 274 
MET CG  HG2  sing N N 275 
MET CG  HG3  sing N N 276 
MET SD  CE   sing N N 277 
MET CE  HE1  sing N N 278 
MET CE  HE2  sing N N 279 
MET CE  HE3  sing N N 280 
MET OXT HXT  sing N N 281 
PHE N   CA   sing N N 282 
PHE N   H    sing N N 283 
PHE N   H2   sing N N 284 
PHE CA  C    sing N N 285 
PHE CA  CB   sing N N 286 
PHE CA  HA   sing N N 287 
PHE C   O    doub N N 288 
PHE C   OXT  sing N N 289 
PHE CB  CG   sing N N 290 
PHE CB  HB2  sing N N 291 
PHE CB  HB3  sing N N 292 
PHE CG  CD1  doub Y N 293 
PHE CG  CD2  sing Y N 294 
PHE CD1 CE1  sing Y N 295 
PHE CD1 HD1  sing N N 296 
PHE CD2 CE2  doub Y N 297 
PHE CD2 HD2  sing N N 298 
PHE CE1 CZ   doub Y N 299 
PHE CE1 HE1  sing N N 300 
PHE CE2 CZ   sing Y N 301 
PHE CE2 HE2  sing N N 302 
PHE CZ  HZ   sing N N 303 
PHE OXT HXT  sing N N 304 
POP P1  O1   doub N N 305 
POP P1  O2   sing N N 306 
POP P1  O3   sing N N 307 
POP P1  O    sing N N 308 
POP O2  HO2  sing N N 309 
POP O   P2   sing N N 310 
POP P2  O4   doub N N 311 
POP P2  O5   sing N N 312 
POP P2  O6   sing N N 313 
POP O5  HO5  sing N N 314 
PRO N   CA   sing N N 315 
PRO N   CD   sing N N 316 
PRO N   H    sing N N 317 
PRO CA  C    sing N N 318 
PRO CA  CB   sing N N 319 
PRO CA  HA   sing N N 320 
PRO C   O    doub N N 321 
PRO C   OXT  sing N N 322 
PRO CB  CG   sing N N 323 
PRO CB  HB2  sing N N 324 
PRO CB  HB3  sing N N 325 
PRO CG  CD   sing N N 326 
PRO CG  HG2  sing N N 327 
PRO CG  HG3  sing N N 328 
PRO CD  HD2  sing N N 329 
PRO CD  HD3  sing N N 330 
PRO OXT HXT  sing N N 331 
SER N   CA   sing N N 332 
SER N   H    sing N N 333 
SER N   H2   sing N N 334 
SER CA  C    sing N N 335 
SER CA  CB   sing N N 336 
SER CA  HA   sing N N 337 
SER C   O    doub N N 338 
SER C   OXT  sing N N 339 
SER CB  OG   sing N N 340 
SER CB  HB2  sing N N 341 
SER CB  HB3  sing N N 342 
SER OG  HG   sing N N 343 
SER OXT HXT  sing N N 344 
THR N   CA   sing N N 345 
THR N   H    sing N N 346 
THR N   H2   sing N N 347 
THR CA  C    sing N N 348 
THR CA  CB   sing N N 349 
THR CA  HA   sing N N 350 
THR C   O    doub N N 351 
THR C   OXT  sing N N 352 
THR CB  OG1  sing N N 353 
THR CB  CG2  sing N N 354 
THR CB  HB   sing N N 355 
THR OG1 HG1  sing N N 356 
THR CG2 HG21 sing N N 357 
THR CG2 HG22 sing N N 358 
THR CG2 HG23 sing N N 359 
THR OXT HXT  sing N N 360 
TRP N   CA   sing N N 361 
TRP N   H    sing N N 362 
TRP N   H2   sing N N 363 
TRP CA  C    sing N N 364 
TRP CA  CB   sing N N 365 
TRP CA  HA   sing N N 366 
TRP C   O    doub N N 367 
TRP C   OXT  sing N N 368 
TRP CB  CG   sing N N 369 
TRP CB  HB2  sing N N 370 
TRP CB  HB3  sing N N 371 
TRP CG  CD1  doub Y N 372 
TRP CG  CD2  sing Y N 373 
TRP CD1 NE1  sing Y N 374 
TRP CD1 HD1  sing N N 375 
TRP CD2 CE2  doub Y N 376 
TRP CD2 CE3  sing Y N 377 
TRP NE1 CE2  sing Y N 378 
TRP NE1 HE1  sing N N 379 
TRP CE2 CZ2  sing Y N 380 
TRP CE3 CZ3  doub Y N 381 
TRP CE3 HE3  sing N N 382 
TRP CZ2 CH2  doub Y N 383 
TRP CZ2 HZ2  sing N N 384 
TRP CZ3 CH2  sing Y N 385 
TRP CZ3 HZ3  sing N N 386 
TRP CH2 HH2  sing N N 387 
TRP OXT HXT  sing N N 388 
TYR N   CA   sing N N 389 
TYR N   H    sing N N 390 
TYR N   H2   sing N N 391 
TYR CA  C    sing N N 392 
TYR CA  CB   sing N N 393 
TYR CA  HA   sing N N 394 
TYR C   O    doub N N 395 
TYR C   OXT  sing N N 396 
TYR CB  CG   sing N N 397 
TYR CB  HB2  sing N N 398 
TYR CB  HB3  sing N N 399 
TYR CG  CD1  doub Y N 400 
TYR CG  CD2  sing Y N 401 
TYR CD1 CE1  sing Y N 402 
TYR CD1 HD1  sing N N 403 
TYR CD2 CE2  doub Y N 404 
TYR CD2 HD2  sing N N 405 
TYR CE1 CZ   doub Y N 406 
TYR CE1 HE1  sing N N 407 
TYR CE2 CZ   sing Y N 408 
TYR CE2 HE2  sing N N 409 
TYR CZ  OH   sing N N 410 
TYR OH  HH   sing N N 411 
TYR OXT HXT  sing N N 412 
VAL N   CA   sing N N 413 
VAL N   H    sing N N 414 
VAL N   H2   sing N N 415 
VAL CA  C    sing N N 416 
VAL CA  CB   sing N N 417 
VAL CA  HA   sing N N 418 
VAL C   O    doub N N 419 
VAL C   OXT  sing N N 420 
VAL CB  CG1  sing N N 421 
VAL CB  CG2  sing N N 422 
VAL CB  HB   sing N N 423 
VAL CG1 HG11 sing N N 424 
VAL CG1 HG12 sing N N 425 
VAL CG1 HG13 sing N N 426 
VAL CG2 HG21 sing N N 427 
VAL CG2 HG22 sing N N 428 
VAL CG2 HG23 sing N N 429 
VAL OXT HXT  sing N N 430 
# 
loop_
_pdbx_entity_nonpoly.entity_id 
_pdbx_entity_nonpoly.name 
_pdbx_entity_nonpoly.comp_id 
2 '~{N}2,~{N}2,~{N}4,~{N}4-tetramethyl-6-(1-phenylpyrrol-2-yl)-1,3,5-triazine-2,4-diamine' 6RU 
3 'CALCIUM ION'                                                                            CA  
4 'PYROPHOSPHATE 2-'                                                                       POP 
5 water                                                                                    HOH 
# 
_pdbx_initial_refinement_model.id               1 
_pdbx_initial_refinement_model.entity_id_list   ? 
_pdbx_initial_refinement_model.type             'experimental model' 
_pdbx_initial_refinement_model.source_name      PDB 
_pdbx_initial_refinement_model.accession_code   4Z72 
_pdbx_initial_refinement_model.details          ? 
# 
